data_2RVH
#
_entry.id   2RVH
#
_entity_poly.entity_id   1
_entity_poly.type   'polypeptide(L)'
_entity_poly.pdbx_seq_one_letter_code
;MSIENLKSFDPFADTGDDETATSNYIHIRIQQRNGRKTLTTVQGVPEEYDLKRILKVLKKDFACNGNIVKDPEMGEIIQL
QGDQRAKVCEFMISQLGLQKKNIKIHGF
;
_entity_poly.pdbx_strand_id   A
#
# COMPACT_ATOMS: atom_id res chain seq x y z
N MET A 1 61.37 9.67 -18.83
CA MET A 1 60.03 9.08 -19.16
C MET A 1 59.22 8.68 -17.91
N SER A 2 57.90 8.57 -18.04
CA SER A 2 56.95 8.22 -16.95
C SER A 2 55.57 7.80 -17.53
N ILE A 3 54.57 7.56 -16.68
CA ILE A 3 53.22 7.10 -17.05
C ILE A 3 52.18 7.50 -15.98
N GLU A 4 50.96 7.80 -16.40
CA GLU A 4 49.85 8.21 -15.53
C GLU A 4 49.11 6.99 -14.93
N ASN A 5 48.64 7.13 -13.68
CA ASN A 5 47.88 6.10 -12.95
C ASN A 5 46.95 6.73 -11.89
N LEU A 6 45.78 6.13 -11.65
CA LEU A 6 44.75 6.65 -10.73
C LEU A 6 45.22 6.57 -9.27
N LYS A 7 45.25 7.71 -8.57
CA LYS A 7 45.76 7.81 -7.19
C LYS A 7 44.73 7.36 -6.13
N SER A 8 43.44 7.65 -6.35
CA SER A 8 42.31 7.41 -5.44
C SER A 8 40.97 7.75 -6.15
N PHE A 9 39.85 7.53 -5.47
CA PHE A 9 38.48 7.80 -5.97
C PHE A 9 37.47 7.97 -4.82
N ASP A 10 36.40 8.72 -5.08
CA ASP A 10 35.32 9.01 -4.13
C ASP A 10 34.30 7.86 -4.00
N PRO A 11 33.69 7.65 -2.80
CA PRO A 11 32.72 6.60 -2.54
C PRO A 11 31.30 7.10 -2.86
N PHE A 12 30.31 6.67 -2.07
CA PHE A 12 28.87 6.92 -2.26
C PHE A 12 28.29 7.98 -1.30
N ALA A 13 29.09 8.50 -0.38
CA ALA A 13 28.64 9.39 0.71
C ALA A 13 28.14 10.76 0.21
N ASP A 14 27.11 11.29 0.88
CA ASP A 14 26.42 12.56 0.59
C ASP A 14 25.56 13.01 1.79
N THR A 15 25.16 14.29 1.84
CA THR A 15 24.35 14.88 2.91
C THR A 15 22.87 14.51 2.79
N GLY A 16 22.15 14.59 3.91
CA GLY A 16 20.70 14.30 4.01
C GLY A 16 19.82 15.50 3.69
N ASP A 17 18.59 15.23 3.24
CA ASP A 17 17.60 16.23 2.79
C ASP A 17 16.16 15.93 3.26
N ASP A 18 15.97 14.94 4.14
CA ASP A 18 14.68 14.52 4.68
C ASP A 18 14.07 15.50 5.69
N GLU A 19 12.74 15.42 5.87
CA GLU A 19 11.94 16.27 6.76
C GLU A 19 10.59 15.58 7.09
N THR A 20 10.08 15.81 8.31
CA THR A 20 8.85 15.21 8.85
C THR A 20 7.62 15.61 8.03
N ALA A 21 6.79 14.62 7.68
CA ALA A 21 5.48 14.80 7.06
C ALA A 21 4.32 14.50 8.03
N THR A 22 3.13 15.05 7.71
CA THR A 22 1.92 15.05 8.54
C THR A 22 1.36 13.64 8.75
N SER A 23 0.86 13.37 9.96
CA SER A 23 0.28 12.07 10.35
C SER A 23 -1.06 11.73 9.66
N ASN A 24 -1.29 10.43 9.45
CA ASN A 24 -2.39 9.75 8.76
C ASN A 24 -2.07 8.25 8.69
N TYR A 25 -2.96 7.37 9.16
CA TYR A 25 -2.66 5.94 9.26
C TYR A 25 -2.61 5.19 7.91
N ILE A 26 -1.60 4.33 7.77
CA ILE A 26 -1.34 3.45 6.62
C ILE A 26 -1.32 2.00 7.11
N HIS A 27 -1.89 1.08 6.32
CA HIS A 27 -1.93 -0.35 6.61
C HIS A 27 -1.21 -1.14 5.51
N ILE A 28 -0.23 -1.96 5.88
CA ILE A 28 0.51 -2.85 4.98
C ILE A 28 0.21 -4.30 5.39
N ARG A 29 -0.52 -5.03 4.54
CA ARG A 29 -1.09 -6.35 4.82
C ARG A 29 -0.55 -7.40 3.85
N ILE A 30 -0.46 -8.67 4.24
CA ILE A 30 -0.16 -9.78 3.31
C ILE A 30 -1.45 -10.45 2.84
N GLN A 31 -1.47 -10.87 1.57
CA GLN A 31 -2.58 -11.57 0.92
C GLN A 31 -2.26 -13.04 0.67
N GLN A 32 -3.32 -13.86 0.68
CA GLN A 32 -3.33 -15.26 0.24
C GLN A 32 -4.46 -15.43 -0.78
N ARG A 33 -4.14 -15.95 -1.97
CA ARG A 33 -5.06 -16.01 -3.13
C ARG A 33 -4.91 -17.34 -3.89
N ASN A 34 -5.94 -17.72 -4.65
CA ASN A 34 -6.02 -19.01 -5.37
C ASN A 34 -4.95 -19.21 -6.46
N GLY A 35 -4.28 -18.14 -6.92
CA GLY A 35 -3.16 -18.18 -7.87
C GLY A 35 -1.81 -18.56 -7.24
N ARG A 36 -1.77 -18.82 -5.92
CA ARG A 36 -0.65 -19.34 -5.11
C ARG A 36 0.41 -18.27 -4.75
N LYS A 37 0.44 -17.12 -5.42
CA LYS A 37 1.35 -16.01 -5.09
C LYS A 37 1.00 -15.34 -3.75
N THR A 38 2.04 -14.95 -3.01
CA THR A 38 1.97 -14.07 -1.82
C THR A 38 2.12 -12.64 -2.32
N LEU A 39 1.23 -11.74 -1.89
CA LEU A 39 1.27 -10.31 -2.27
C LEU A 39 1.20 -9.43 -1.01
N THR A 40 1.77 -8.23 -1.10
CA THR A 40 1.68 -7.17 -0.08
C THR A 40 0.72 -6.09 -0.59
N THR A 41 -0.38 -5.87 0.13
CA THR A 41 -1.38 -4.82 -0.15
C THR A 41 -1.13 -3.60 0.73
N VAL A 42 -1.03 -2.44 0.10
CA VAL A 42 -0.82 -1.14 0.74
C VAL A 42 -2.10 -0.32 0.67
N GLN A 43 -2.56 0.16 1.83
CA GLN A 43 -3.86 0.79 2.05
C GLN A 43 -3.71 2.04 2.93
N GLY A 44 -4.54 3.07 2.70
CA GLY A 44 -4.65 4.25 3.58
C GLY A 44 -3.65 5.38 3.31
N VAL A 45 -2.69 5.19 2.40
CA VAL A 45 -1.68 6.20 2.00
C VAL A 45 -2.35 7.53 1.57
N PRO A 46 -1.85 8.70 2.05
CA PRO A 46 -2.38 10.01 1.68
C PRO A 46 -2.46 10.23 0.16
N GLU A 47 -3.56 10.83 -0.29
CA GLU A 47 -3.86 11.01 -1.72
C GLU A 47 -2.93 12.03 -2.42
N GLU A 48 -2.22 12.87 -1.64
CA GLU A 48 -1.19 13.79 -2.15
C GLU A 48 0.06 13.06 -2.68
N TYR A 49 0.27 11.78 -2.33
CA TYR A 49 1.29 10.91 -2.90
C TYR A 49 0.71 10.10 -4.08
N ASP A 50 1.28 10.25 -5.28
CA ASP A 50 0.83 9.54 -6.47
C ASP A 50 1.12 8.04 -6.37
N LEU A 51 0.09 7.21 -6.52
CA LEU A 51 0.22 5.75 -6.43
C LEU A 51 1.17 5.21 -7.52
N LYS A 52 1.11 5.78 -8.73
CA LYS A 52 2.05 5.50 -9.83
C LYS A 52 3.51 5.83 -9.50
N ARG A 53 3.77 6.88 -8.70
CA ARG A 53 5.12 7.18 -8.18
C ARG A 53 5.57 6.15 -7.13
N ILE A 54 4.66 5.68 -6.27
CA ILE A 54 4.95 4.58 -5.33
C ILE A 54 5.37 3.33 -6.12
N LEU A 55 4.64 2.95 -7.18
CA LEU A 55 5.05 1.88 -8.09
C LEU A 55 6.46 2.13 -8.66
N LYS A 56 6.74 3.33 -9.16
CA LYS A 56 8.02 3.67 -9.78
C LYS A 56 9.20 3.51 -8.82
N VAL A 57 9.06 3.96 -7.57
CA VAL A 57 10.11 3.84 -6.54
C VAL A 57 10.34 2.37 -6.15
N LEU A 58 9.26 1.62 -5.90
CA LEU A 58 9.34 0.22 -5.46
C LEU A 58 9.85 -0.72 -6.58
N LYS A 59 9.62 -0.38 -7.85
CA LYS A 59 10.23 -1.09 -8.99
C LYS A 59 11.70 -0.68 -9.25
N LYS A 60 12.07 0.59 -9.03
CA LYS A 60 13.42 1.10 -9.27
C LYS A 60 14.43 0.71 -8.16
N ASP A 61 14.16 1.11 -6.91
CA ASP A 61 15.10 1.02 -5.80
C ASP A 61 15.05 -0.33 -5.06
N PHE A 62 13.85 -0.90 -4.87
CA PHE A 62 13.65 -2.18 -4.20
C PHE A 62 13.65 -3.38 -5.17
N ALA A 63 13.55 -3.12 -6.48
CA ALA A 63 13.53 -4.13 -7.57
C ALA A 63 12.31 -5.07 -7.50
N CYS A 64 11.18 -4.60 -6.94
CA CYS A 64 9.93 -5.35 -6.83
C CYS A 64 9.09 -5.23 -8.12
N ASN A 65 7.84 -5.71 -8.09
CA ASN A 65 6.84 -5.49 -9.12
C ASN A 65 5.45 -5.35 -8.48
N GLY A 66 4.54 -4.59 -9.10
CA GLY A 66 3.27 -4.20 -8.51
C GLY A 66 2.33 -3.41 -9.42
N ASN A 67 1.12 -3.20 -8.93
CA ASN A 67 -0.02 -2.60 -9.65
C ASN A 67 -1.01 -1.94 -8.68
N ILE A 68 -1.83 -1.01 -9.18
CA ILE A 68 -2.99 -0.44 -8.45
C ILE A 68 -4.22 -1.31 -8.76
N VAL A 69 -4.93 -1.77 -7.72
CA VAL A 69 -6.05 -2.72 -7.83
C VAL A 69 -7.17 -2.32 -6.87
N LYS A 70 -8.43 -2.46 -7.27
CA LYS A 70 -9.59 -2.26 -6.39
C LYS A 70 -10.15 -3.60 -5.88
N ASP A 71 -9.98 -3.87 -4.59
CA ASP A 71 -10.46 -5.09 -3.92
C ASP A 71 -11.95 -4.96 -3.52
N PRO A 72 -12.76 -6.04 -3.58
CA PRO A 72 -14.16 -6.04 -3.14
C PRO A 72 -14.36 -5.61 -1.68
N GLU A 73 -13.43 -5.95 -0.78
CA GLU A 73 -13.49 -5.66 0.66
C GLU A 73 -12.53 -4.53 1.06
N MET A 74 -11.26 -4.61 0.61
CA MET A 74 -10.18 -3.69 1.01
C MET A 74 -10.13 -2.37 0.22
N GLY A 75 -10.86 -2.26 -0.89
CA GLY A 75 -10.95 -1.04 -1.71
C GLY A 75 -9.72 -0.82 -2.61
N GLU A 76 -9.52 0.41 -3.05
CA GLU A 76 -8.43 0.79 -3.95
C GLU A 76 -7.07 0.79 -3.21
N ILE A 77 -6.15 -0.07 -3.65
CA ILE A 77 -4.88 -0.42 -2.99
C ILE A 77 -3.77 -0.70 -4.01
N ILE A 78 -2.51 -0.55 -3.58
CA ILE A 78 -1.36 -1.05 -4.35
C ILE A 78 -1.07 -2.48 -3.90
N GLN A 79 -0.88 -3.38 -4.86
CA GLN A 79 -0.37 -4.74 -4.65
C GLN A 79 1.10 -4.76 -5.09
N LEU A 80 1.99 -5.33 -4.26
CA LEU A 80 3.39 -5.59 -4.56
C LEU A 80 3.63 -7.11 -4.45
N GLN A 81 4.46 -7.70 -5.31
CA GLN A 81 4.75 -9.14 -5.27
C GLN A 81 5.63 -9.50 -4.06
N GLY A 82 5.29 -10.59 -3.37
CA GLY A 82 5.98 -11.11 -2.17
C GLY A 82 5.52 -10.45 -0.87
N ASP A 83 6.22 -10.76 0.22
CA ASP A 83 6.02 -10.21 1.57
C ASP A 83 6.98 -9.05 1.84
N GLN A 84 6.58 -7.83 1.46
CA GLN A 84 7.41 -6.62 1.43
C GLN A 84 7.04 -5.59 2.51
N ARG A 85 6.39 -6.07 3.59
CA ARG A 85 5.81 -5.24 4.64
C ARG A 85 6.80 -4.30 5.33
N ALA A 86 7.98 -4.80 5.71
CA ALA A 86 9.07 -4.00 6.29
C ALA A 86 9.68 -3.03 5.27
N LYS A 87 9.84 -3.47 4.02
CA LYS A 87 10.40 -2.67 2.92
C LYS A 87 9.50 -1.47 2.57
N VAL A 88 8.19 -1.68 2.42
CA VAL A 88 7.24 -0.59 2.15
C VAL A 88 7.08 0.34 3.35
N CYS A 89 7.11 -0.18 4.59
CA CYS A 89 7.16 0.64 5.80
C CYS A 89 8.38 1.59 5.78
N GLU A 90 9.57 1.05 5.50
CA GLU A 90 10.80 1.82 5.36
C GLU A 90 10.73 2.87 4.22
N PHE A 91 10.09 2.58 3.08
CA PHE A 91 9.89 3.56 2.00
C PHE A 91 9.09 4.78 2.47
N MET A 92 7.95 4.54 3.14
CA MET A 92 7.06 5.59 3.63
C MET A 92 7.77 6.47 4.67
N ILE A 93 8.61 5.88 5.53
CA ILE A 93 9.38 6.61 6.55
C ILE A 93 10.57 7.37 5.91
N SER A 94 11.34 6.72 5.05
CA SER A 94 12.57 7.26 4.49
C SER A 94 12.34 8.32 3.40
N GLN A 95 11.46 8.06 2.43
CA GLN A 95 11.31 8.87 1.23
C GLN A 95 10.15 9.88 1.32
N LEU A 96 9.07 9.54 2.03
CA LEU A 96 7.92 10.45 2.21
C LEU A 96 8.00 11.25 3.52
N GLY A 97 8.82 10.83 4.49
CA GLY A 97 8.99 11.49 5.79
C GLY A 97 7.89 11.18 6.81
N LEU A 98 7.02 10.20 6.51
CA LEU A 98 5.90 9.82 7.39
C LEU A 98 6.42 9.14 8.66
N GLN A 99 5.94 9.54 9.83
CA GLN A 99 6.48 9.06 11.11
C GLN A 99 6.00 7.63 11.40
N LYS A 100 6.91 6.76 11.86
CA LYS A 100 6.71 5.31 11.99
C LYS A 100 5.40 4.89 12.70
N LYS A 101 5.00 5.64 13.73
CA LYS A 101 3.76 5.44 14.50
C LYS A 101 2.47 5.37 13.66
N ASN A 102 2.49 5.95 12.45
CA ASN A 102 1.36 5.94 11.50
C ASN A 102 1.19 4.61 10.74
N ILE A 103 2.18 3.71 10.76
CA ILE A 103 2.18 2.53 9.89
C ILE A 103 1.86 1.27 10.70
N LYS A 104 0.76 0.62 10.31
CA LYS A 104 0.33 -0.69 10.82
C LYS A 104 0.81 -1.79 9.86
N ILE A 105 1.44 -2.83 10.39
CA ILE A 105 1.86 -4.02 9.65
C ILE A 105 1.00 -5.21 10.09
N HIS A 106 0.43 -5.92 9.12
CA HIS A 106 -0.47 -7.06 9.33
C HIS A 106 0.02 -8.32 8.59
N GLY A 107 -0.14 -9.49 9.20
CA GLY A 107 0.27 -10.80 8.65
C GLY A 107 -0.78 -11.42 7.74
N PHE A 108 -0.91 -12.74 7.78
CA PHE A 108 -1.86 -13.57 7.02
C PHE A 108 -2.11 -14.95 7.68
N MET A 1 26.10 -0.81 8.95
CA MET A 1 24.88 -0.24 8.27
C MET A 1 23.59 -1.00 8.61
N SER A 2 22.47 -0.30 8.74
CA SER A 2 21.12 -0.83 9.06
C SER A 2 21.01 -1.34 10.52
N ILE A 3 19.89 -2.00 10.85
CA ILE A 3 19.56 -2.57 12.17
C ILE A 3 19.00 -4.00 12.05
N GLU A 4 19.00 -4.76 13.14
CA GLU A 4 18.45 -6.11 13.19
C GLU A 4 16.91 -6.07 13.24
N ASN A 5 16.25 -6.86 12.39
CA ASN A 5 14.78 -6.92 12.25
C ASN A 5 14.11 -7.81 13.33
N LEU A 6 14.40 -7.52 14.61
CA LEU A 6 13.94 -8.28 15.78
C LEU A 6 12.41 -8.41 15.87
N LYS A 7 11.68 -7.31 15.61
CA LYS A 7 10.21 -7.21 15.68
C LYS A 7 9.68 -5.90 15.05
N SER A 8 8.45 -5.92 14.54
CA SER A 8 7.71 -4.74 14.08
C SER A 8 7.11 -3.96 15.27
N PHE A 9 6.37 -4.68 16.12
CA PHE A 9 5.80 -4.26 17.41
C PHE A 9 4.59 -3.30 17.29
N ASP A 10 3.85 -3.12 18.38
CA ASP A 10 2.66 -2.27 18.46
C ASP A 10 3.04 -0.79 18.69
N PRO A 11 2.50 0.17 17.89
CA PRO A 11 2.66 1.60 18.10
C PRO A 11 1.58 2.11 19.07
N PHE A 12 0.94 3.25 18.77
CA PHE A 12 -0.09 3.89 19.59
C PHE A 12 -1.51 3.35 19.26
N ALA A 13 -2.53 4.23 19.24
CA ALA A 13 -3.93 3.89 18.94
C ALA A 13 -4.17 3.62 17.43
N ASP A 14 -5.44 3.63 17.00
CA ASP A 14 -5.87 3.39 15.61
C ASP A 14 -7.13 4.20 15.26
N THR A 15 -7.09 5.51 15.59
CA THR A 15 -8.19 6.48 15.45
C THR A 15 -8.45 6.86 13.98
N GLY A 16 -9.58 7.54 13.73
CA GLY A 16 -10.01 7.96 12.40
C GLY A 16 -9.16 9.10 11.82
N ASP A 17 -9.14 9.19 10.48
CA ASP A 17 -8.42 10.21 9.71
C ASP A 17 -8.99 11.63 9.93
N ASP A 18 -8.13 12.66 9.81
CA ASP A 18 -8.52 14.07 9.81
C ASP A 18 -7.57 14.94 8.95
N GLU A 19 -8.09 16.04 8.42
CA GLU A 19 -7.36 16.94 7.52
C GLU A 19 -6.34 17.80 8.29
N THR A 20 -5.07 17.75 7.86
CA THR A 20 -3.91 18.56 8.33
C THR A 20 -3.42 18.16 9.73
N ALA A 21 -4.32 17.85 10.66
CA ALA A 21 -4.07 17.63 12.08
C ALA A 21 -3.42 16.26 12.45
N THR A 22 -2.58 15.71 11.55
CA THR A 22 -1.69 14.54 11.75
C THR A 22 -2.41 13.19 11.72
N SER A 23 -3.64 13.12 12.22
CA SER A 23 -4.43 11.89 12.32
C SER A 23 -4.65 11.18 10.96
N ASN A 24 -4.07 9.97 10.84
CA ASN A 24 -4.07 9.11 9.65
C ASN A 24 -3.36 7.79 9.97
N TYR A 25 -3.87 6.67 9.44
CA TYR A 25 -3.21 5.37 9.52
C TYR A 25 -3.08 4.68 8.16
N ILE A 26 -1.87 4.16 7.92
CA ILE A 26 -1.44 3.41 6.73
C ILE A 26 -1.28 1.96 7.15
N HIS A 27 -1.87 1.03 6.39
CA HIS A 27 -1.87 -0.39 6.72
C HIS A 27 -1.16 -1.18 5.61
N ILE A 28 -0.05 -1.84 5.96
CA ILE A 28 0.73 -2.67 5.03
C ILE A 28 0.52 -4.14 5.42
N ARG A 29 -0.31 -4.82 4.63
CA ARG A 29 -0.85 -6.15 4.86
C ARG A 29 -0.26 -7.16 3.87
N ILE A 30 -0.57 -8.45 4.01
CA ILE A 30 -0.28 -9.50 3.01
C ILE A 30 -1.60 -10.05 2.45
N GLN A 31 -1.61 -10.46 1.18
CA GLN A 31 -2.74 -11.10 0.52
C GLN A 31 -2.65 -12.63 0.75
N GLN A 32 -3.77 -13.25 1.13
CA GLN A 32 -3.84 -14.67 1.42
C GLN A 32 -3.78 -15.53 0.14
N ARG A 33 -3.28 -16.77 0.28
CA ARG A 33 -3.07 -17.71 -0.82
C ARG A 33 -4.38 -18.39 -1.25
N ASN A 34 -4.61 -18.40 -2.56
CA ASN A 34 -5.73 -19.06 -3.26
C ASN A 34 -5.46 -19.07 -4.78
N GLY A 35 -4.47 -19.87 -5.20
CA GLY A 35 -3.92 -19.90 -6.57
C GLY A 35 -2.90 -18.78 -6.84
N ARG A 36 -3.13 -17.59 -6.29
CA ARG A 36 -2.23 -16.43 -6.28
C ARG A 36 -0.92 -16.72 -5.54
N LYS A 37 0.15 -16.00 -5.90
CA LYS A 37 1.40 -15.94 -5.13
C LYS A 37 1.25 -14.97 -3.92
N THR A 38 2.29 -14.83 -3.08
CA THR A 38 2.30 -13.85 -1.96
C THR A 38 2.36 -12.44 -2.53
N LEU A 39 1.47 -11.56 -2.07
CA LEU A 39 1.47 -10.13 -2.38
C LEU A 39 1.41 -9.30 -1.10
N THR A 40 2.03 -8.13 -1.10
CA THR A 40 1.93 -7.10 -0.04
C THR A 40 0.93 -6.05 -0.49
N THR A 41 -0.11 -5.81 0.32
CA THR A 41 -1.22 -4.88 0.06
C THR A 41 -1.07 -3.62 0.90
N VAL A 42 -0.88 -2.48 0.23
CA VAL A 42 -0.73 -1.16 0.87
C VAL A 42 -2.06 -0.40 0.82
N GLN A 43 -2.51 0.08 1.98
CA GLN A 43 -3.78 0.75 2.19
C GLN A 43 -3.59 2.01 3.07
N GLY A 44 -4.44 3.03 2.93
CA GLY A 44 -4.51 4.17 3.87
C GLY A 44 -3.47 5.28 3.68
N VAL A 45 -2.52 5.12 2.76
CA VAL A 45 -1.55 6.17 2.37
C VAL A 45 -2.28 7.46 1.92
N PRO A 46 -1.88 8.65 2.42
CA PRO A 46 -2.48 9.93 2.03
C PRO A 46 -2.47 10.16 0.52
N GLU A 47 -3.54 10.79 0.01
CA GLU A 47 -3.79 10.93 -1.43
C GLU A 47 -2.79 11.87 -2.14
N GLU A 48 -2.08 12.73 -1.39
CA GLU A 48 -1.02 13.60 -1.92
C GLU A 48 0.22 12.82 -2.40
N TYR A 49 0.40 11.57 -1.96
CA TYR A 49 1.44 10.67 -2.43
C TYR A 49 0.93 9.81 -3.61
N ASP A 50 1.43 10.08 -4.82
CA ASP A 50 0.98 9.45 -6.06
C ASP A 50 1.29 7.95 -6.09
N LEU A 51 0.25 7.11 -6.19
CA LEU A 51 0.37 5.66 -6.17
C LEU A 51 1.24 5.14 -7.34
N LYS A 52 1.11 5.75 -8.52
CA LYS A 52 1.93 5.43 -9.71
C LYS A 52 3.42 5.72 -9.47
N ARG A 53 3.78 6.81 -8.77
CA ARG A 53 5.16 7.06 -8.31
C ARG A 53 5.64 6.00 -7.31
N ILE A 54 4.77 5.52 -6.41
CA ILE A 54 5.09 4.44 -5.46
C ILE A 54 5.38 3.13 -6.24
N LEU A 55 4.64 2.83 -7.32
CA LEU A 55 4.99 1.73 -8.22
C LEU A 55 6.39 1.94 -8.82
N LYS A 56 6.63 3.09 -9.46
CA LYS A 56 7.90 3.41 -10.13
C LYS A 56 9.12 3.29 -9.21
N VAL A 57 9.06 3.90 -8.01
CA VAL A 57 10.21 3.93 -7.08
C VAL A 57 10.50 2.55 -6.46
N LEU A 58 9.47 1.74 -6.15
CA LEU A 58 9.66 0.38 -5.62
C LEU A 58 10.12 -0.60 -6.72
N LYS A 59 9.67 -0.44 -7.97
CA LYS A 59 10.19 -1.19 -9.11
C LYS A 59 11.65 -0.84 -9.43
N LYS A 60 12.07 0.40 -9.20
CA LYS A 60 13.44 0.89 -9.41
C LYS A 60 14.41 0.46 -8.29
N ASP A 61 14.24 1.00 -7.08
CA ASP A 61 15.20 0.89 -5.98
C ASP A 61 15.09 -0.41 -5.18
N PHE A 62 13.87 -0.96 -5.00
CA PHE A 62 13.63 -2.25 -4.33
C PHE A 62 13.57 -3.43 -5.31
N ALA A 63 13.65 -3.17 -6.63
CA ALA A 63 13.60 -4.17 -7.71
C ALA A 63 12.30 -5.01 -7.71
N CYS A 64 11.20 -4.44 -7.21
CA CYS A 64 9.92 -5.13 -7.03
C CYS A 64 9.09 -5.18 -8.32
N ASN A 65 7.86 -5.70 -8.22
CA ASN A 65 6.82 -5.65 -9.25
C ASN A 65 5.46 -5.42 -8.57
N GLY A 66 4.54 -4.68 -9.19
CA GLY A 66 3.29 -4.28 -8.55
C GLY A 66 2.31 -3.50 -9.42
N ASN A 67 1.12 -3.27 -8.88
CA ASN A 67 -0.03 -2.63 -9.54
C ASN A 67 -1.05 -2.03 -8.56
N ILE A 68 -1.93 -1.15 -9.02
CA ILE A 68 -3.02 -0.53 -8.23
C ILE A 68 -4.33 -1.29 -8.49
N VAL A 69 -5.09 -1.60 -7.43
CA VAL A 69 -6.38 -2.30 -7.48
C VAL A 69 -7.39 -1.55 -6.59
N LYS A 70 -8.64 -1.44 -7.03
CA LYS A 70 -9.76 -0.97 -6.19
C LYS A 70 -10.56 -2.19 -5.69
N ASP A 71 -10.40 -2.53 -4.41
CA ASP A 71 -11.06 -3.67 -3.76
C ASP A 71 -12.46 -3.30 -3.22
N PRO A 72 -13.45 -4.20 -3.26
CA PRO A 72 -14.78 -3.97 -2.67
C PRO A 72 -14.77 -3.64 -1.17
N GLU A 73 -13.85 -4.22 -0.40
CA GLU A 73 -13.76 -4.08 1.06
C GLU A 73 -12.56 -3.20 1.47
N MET A 74 -11.37 -3.46 0.93
CA MET A 74 -10.14 -2.72 1.26
C MET A 74 -10.03 -1.35 0.59
N GLY A 75 -10.78 -1.09 -0.49
CA GLY A 75 -10.72 0.16 -1.25
C GLY A 75 -9.52 0.19 -2.20
N GLU A 76 -9.10 1.39 -2.60
CA GLU A 76 -7.96 1.60 -3.49
C GLU A 76 -6.63 1.27 -2.78
N ILE A 77 -5.90 0.29 -3.32
CA ILE A 77 -4.70 -0.33 -2.74
C ILE A 77 -3.62 -0.61 -3.80
N ILE A 78 -2.36 -0.59 -3.39
CA ILE A 78 -1.23 -1.11 -4.19
C ILE A 78 -0.95 -2.55 -3.76
N GLN A 79 -0.80 -3.44 -4.73
CA GLN A 79 -0.28 -4.80 -4.54
C GLN A 79 1.17 -4.83 -5.05
N LEU A 80 2.10 -5.32 -4.22
CA LEU A 80 3.51 -5.54 -4.56
C LEU A 80 3.81 -7.05 -4.44
N GLN A 81 4.61 -7.63 -5.33
CA GLN A 81 4.93 -9.07 -5.27
C GLN A 81 5.88 -9.39 -4.11
N GLY A 82 5.60 -10.50 -3.40
CA GLY A 82 6.36 -10.97 -2.23
C GLY A 82 5.90 -10.36 -0.91
N ASP A 83 6.61 -10.70 0.17
CA ASP A 83 6.41 -10.19 1.53
C ASP A 83 7.30 -8.95 1.80
N GLN A 84 6.81 -7.78 1.40
CA GLN A 84 7.52 -6.49 1.42
C GLN A 84 7.03 -5.55 2.52
N ARG A 85 6.28 -6.07 3.50
CA ARG A 85 5.56 -5.25 4.48
C ARG A 85 6.48 -4.35 5.33
N ALA A 86 7.64 -4.86 5.76
CA ALA A 86 8.68 -4.08 6.44
C ALA A 86 9.45 -3.17 5.47
N LYS A 87 9.73 -3.66 4.26
CA LYS A 87 10.46 -2.91 3.22
C LYS A 87 9.69 -1.65 2.76
N VAL A 88 8.38 -1.78 2.54
CA VAL A 88 7.50 -0.65 2.18
C VAL A 88 7.29 0.29 3.37
N CYS A 89 7.20 -0.21 4.60
CA CYS A 89 7.20 0.63 5.81
C CYS A 89 8.45 1.54 5.85
N GLU A 90 9.63 0.96 5.63
CA GLU A 90 10.89 1.70 5.55
C GLU A 90 10.89 2.73 4.41
N PHE A 91 10.33 2.43 3.23
CA PHE A 91 10.21 3.38 2.12
C PHE A 91 9.37 4.60 2.51
N MET A 92 8.20 4.38 3.12
CA MET A 92 7.27 5.43 3.55
C MET A 92 7.95 6.38 4.56
N ILE A 93 8.70 5.83 5.51
CA ILE A 93 9.42 6.60 6.53
C ILE A 93 10.65 7.32 5.93
N SER A 94 11.44 6.64 5.10
CA SER A 94 12.71 7.15 4.56
C SER A 94 12.53 8.18 3.44
N GLN A 95 11.68 7.91 2.46
CA GLN A 95 11.59 8.69 1.22
C GLN A 95 10.40 9.66 1.19
N LEU A 96 9.24 9.28 1.73
CA LEU A 96 8.05 10.15 1.79
C LEU A 96 8.01 11.01 3.06
N GLY A 97 8.79 10.66 4.10
CA GLY A 97 8.84 11.38 5.38
C GLY A 97 7.66 11.07 6.30
N LEU A 98 6.91 10.00 6.03
CA LEU A 98 5.75 9.59 6.82
C LEU A 98 6.23 9.10 8.20
N GLN A 99 5.55 9.51 9.28
CA GLN A 99 6.00 9.21 10.63
C GLN A 99 5.69 7.75 10.98
N LYS A 100 6.62 7.06 11.66
CA LYS A 100 6.50 5.62 11.95
C LYS A 100 5.18 5.27 12.68
N LYS A 101 4.73 6.16 13.57
CA LYS A 101 3.45 6.06 14.30
C LYS A 101 2.20 5.96 13.42
N ASN A 102 2.23 6.45 12.17
CA ASN A 102 1.13 6.33 11.23
C ASN A 102 1.00 4.92 10.60
N ILE A 103 2.03 4.06 10.67
CA ILE A 103 2.07 2.81 9.90
C ILE A 103 1.81 1.58 10.78
N LYS A 104 0.83 0.77 10.38
CA LYS A 104 0.54 -0.56 10.90
C LYS A 104 1.05 -1.65 9.93
N ILE A 105 1.72 -2.67 10.46
CA ILE A 105 2.19 -3.86 9.71
C ILE A 105 1.32 -5.06 10.12
N HIS A 106 0.76 -5.77 9.14
CA HIS A 106 -0.16 -6.91 9.34
C HIS A 106 0.30 -8.20 8.63
N GLY A 107 -0.36 -9.31 8.95
CA GLY A 107 -0.22 -10.61 8.26
C GLY A 107 -1.27 -10.79 7.16
N PHE A 108 -1.80 -12.02 7.07
CA PHE A 108 -2.87 -12.43 6.13
C PHE A 108 -3.86 -13.44 6.75
N MET A 1 19.18 6.85 16.47
CA MET A 1 17.94 6.58 15.67
C MET A 1 17.25 5.25 16.09
N SER A 2 15.95 5.27 16.31
CA SER A 2 15.16 4.10 16.73
C SER A 2 13.65 4.31 16.43
N ILE A 3 13.01 5.24 17.12
CA ILE A 3 11.60 5.64 16.98
C ILE A 3 11.36 7.00 17.65
N GLU A 4 10.25 7.70 17.33
CA GLU A 4 9.86 8.94 17.99
C GLU A 4 9.54 8.68 19.48
N ASN A 5 10.22 9.39 20.39
CA ASN A 5 10.15 9.14 21.84
C ASN A 5 8.76 9.38 22.46
N LEU A 6 7.87 10.10 21.75
CA LEU A 6 6.51 10.43 22.19
C LEU A 6 5.48 9.32 21.87
N LYS A 7 5.85 8.27 21.14
CA LYS A 7 4.95 7.16 20.81
C LYS A 7 4.40 6.44 22.07
N SER A 8 3.11 6.10 22.06
CA SER A 8 2.39 5.52 23.20
C SER A 8 1.97 4.05 22.99
N PHE A 9 1.66 3.36 24.10
CA PHE A 9 1.14 1.99 24.15
C PHE A 9 0.54 1.70 25.54
N ASP A 10 -0.44 0.80 25.59
CA ASP A 10 -1.17 0.39 26.81
C ASP A 10 -1.95 -0.94 26.59
N PRO A 11 -2.39 -1.65 27.65
CA PRO A 11 -3.03 -2.96 27.54
C PRO A 11 -4.34 -3.01 26.74
N PHE A 12 -4.96 -1.86 26.46
CA PHE A 12 -6.27 -1.74 25.82
C PHE A 12 -6.15 -1.25 24.35
N ALA A 13 -4.93 -1.13 23.82
CA ALA A 13 -4.64 -0.76 22.44
C ALA A 13 -5.01 -1.84 21.39
N ASP A 14 -5.32 -3.06 21.82
CA ASP A 14 -5.80 -4.16 20.97
C ASP A 14 -7.16 -3.84 20.31
N THR A 15 -7.31 -4.23 19.03
CA THR A 15 -8.47 -3.90 18.18
C THR A 15 -9.73 -4.69 18.56
N GLY A 16 -10.88 -4.03 18.45
CA GLY A 16 -12.21 -4.62 18.67
C GLY A 16 -12.87 -5.13 17.37
N ASP A 17 -14.19 -5.28 17.40
CA ASP A 17 -15.01 -5.71 16.26
C ASP A 17 -15.13 -4.65 15.14
N ASP A 18 -14.86 -3.38 15.47
CA ASP A 18 -14.85 -2.22 14.56
C ASP A 18 -13.91 -1.12 15.09
N GLU A 19 -13.40 -0.28 14.19
CA GLU A 19 -12.45 0.80 14.51
C GLU A 19 -13.19 2.09 14.88
N THR A 20 -13.01 2.52 16.14
CA THR A 20 -13.63 3.74 16.72
C THR A 20 -12.78 5.00 16.57
N ALA A 21 -11.48 4.87 16.31
CA ALA A 21 -10.55 5.99 16.19
C ALA A 21 -10.73 6.79 14.88
N THR A 22 -10.60 8.12 14.97
CA THR A 22 -10.74 9.08 13.86
C THR A 22 -9.46 9.19 13.01
N SER A 23 -8.29 8.97 13.62
CA SER A 23 -6.97 9.19 13.01
C SER A 23 -6.67 8.29 11.80
N ASN A 24 -6.03 8.86 10.78
CA ASN A 24 -5.52 8.10 9.61
C ASN A 24 -4.30 7.24 9.97
N TYR A 25 -4.21 6.07 9.34
CA TYR A 25 -3.04 5.18 9.36
C TYR A 25 -2.77 4.62 7.95
N ILE A 26 -1.49 4.36 7.65
CA ILE A 26 -1.07 3.60 6.47
C ILE A 26 -1.00 2.12 6.87
N HIS A 27 -1.78 1.27 6.22
CA HIS A 27 -1.85 -0.15 6.51
C HIS A 27 -1.08 -0.95 5.46
N ILE A 28 -0.07 -1.71 5.87
CA ILE A 28 0.72 -2.59 4.97
C ILE A 28 0.44 -4.03 5.37
N ARG A 29 -0.40 -4.68 4.56
CA ARG A 29 -1.02 -5.99 4.79
C ARG A 29 -0.47 -7.02 3.79
N ILE A 30 -0.79 -8.30 3.97
CA ILE A 30 -0.54 -9.36 2.98
C ILE A 30 -1.89 -10.00 2.60
N GLN A 31 -2.03 -10.41 1.34
CA GLN A 31 -3.27 -10.98 0.81
C GLN A 31 -3.41 -12.48 1.19
N GLN A 32 -4.66 -12.94 1.28
CA GLN A 32 -5.02 -14.29 1.73
C GLN A 32 -4.67 -15.37 0.68
N ARG A 33 -4.47 -16.61 1.16
CA ARG A 33 -4.14 -17.77 0.31
C ARG A 33 -5.41 -18.33 -0.35
N ASN A 34 -5.51 -18.15 -1.67
CA ASN A 34 -6.63 -18.59 -2.52
C ASN A 34 -6.15 -19.23 -3.84
N GLY A 35 -4.94 -19.80 -3.84
CA GLY A 35 -4.28 -20.41 -5.02
C GLY A 35 -3.42 -19.45 -5.85
N ARG A 36 -3.44 -18.15 -5.51
CA ARG A 36 -2.61 -17.09 -6.13
C ARG A 36 -1.26 -16.93 -5.40
N LYS A 37 -0.31 -16.23 -6.04
CA LYS A 37 0.96 -15.84 -5.42
C LYS A 37 0.77 -14.84 -4.26
N THR A 38 1.79 -14.71 -3.39
CA THR A 38 1.81 -13.77 -2.25
C THR A 38 1.86 -12.33 -2.75
N LEU A 39 1.03 -11.46 -2.18
CA LEU A 39 0.96 -10.03 -2.48
C LEU A 39 0.92 -9.21 -1.19
N THR A 40 1.72 -8.15 -1.13
CA THR A 40 1.68 -7.11 -0.09
C THR A 40 0.72 -6.01 -0.55
N THR A 41 -0.37 -5.80 0.20
CA THR A 41 -1.43 -4.83 -0.08
C THR A 41 -1.21 -3.57 0.76
N VAL A 42 -0.98 -2.45 0.08
CA VAL A 42 -0.82 -1.12 0.70
C VAL A 42 -2.16 -0.39 0.67
N GLN A 43 -2.58 0.07 1.83
CA GLN A 43 -3.91 0.61 2.12
C GLN A 43 -3.76 1.87 3.01
N GLY A 44 -4.78 2.74 3.05
CA GLY A 44 -4.85 3.88 3.99
C GLY A 44 -3.91 5.05 3.70
N VAL A 45 -2.89 4.87 2.85
CA VAL A 45 -1.95 5.89 2.37
C VAL A 45 -2.66 7.19 1.94
N PRO A 46 -2.21 8.37 2.42
CA PRO A 46 -2.79 9.67 2.06
C PRO A 46 -2.87 9.91 0.55
N GLU A 47 -3.98 10.50 0.09
CA GLU A 47 -4.27 10.70 -1.34
C GLU A 47 -3.37 11.75 -2.03
N GLU A 48 -2.60 12.53 -1.25
CA GLU A 48 -1.57 13.45 -1.77
C GLU A 48 -0.34 12.72 -2.33
N TYR A 49 -0.11 11.46 -1.97
CA TYR A 49 0.94 10.60 -2.51
C TYR A 49 0.44 9.81 -3.73
N ASP A 50 1.07 10.02 -4.89
CA ASP A 50 0.72 9.36 -6.15
C ASP A 50 1.10 7.87 -6.14
N LEU A 51 0.11 6.99 -6.29
CA LEU A 51 0.30 5.54 -6.24
C LEU A 51 1.23 5.04 -7.36
N LYS A 52 1.13 5.61 -8.56
CA LYS A 52 2.02 5.31 -9.69
C LYS A 52 3.49 5.65 -9.38
N ARG A 53 3.77 6.77 -8.69
CA ARG A 53 5.11 7.10 -8.20
C ARG A 53 5.62 6.08 -7.16
N ILE A 54 4.75 5.59 -6.26
CA ILE A 54 5.09 4.50 -5.32
C ILE A 54 5.54 3.27 -6.10
N LEU A 55 4.81 2.86 -7.15
CA LEU A 55 5.25 1.77 -8.03
C LEU A 55 6.63 2.04 -8.63
N LYS A 56 6.87 3.24 -9.18
CA LYS A 56 8.15 3.57 -9.83
C LYS A 56 9.34 3.50 -8.86
N VAL A 57 9.18 3.96 -7.62
CA VAL A 57 10.25 3.89 -6.60
C VAL A 57 10.52 2.43 -6.20
N LEU A 58 9.47 1.65 -5.93
CA LEU A 58 9.61 0.26 -5.46
C LEU A 58 10.13 -0.69 -6.56
N LYS A 59 9.83 -0.41 -7.83
CA LYS A 59 10.42 -1.14 -8.96
C LYS A 59 11.89 -0.74 -9.24
N LYS A 60 12.26 0.51 -8.97
CA LYS A 60 13.62 1.02 -9.18
C LYS A 60 14.61 0.63 -8.05
N ASP A 61 14.35 1.07 -6.82
CA ASP A 61 15.29 0.98 -5.70
C ASP A 61 15.24 -0.37 -4.96
N PHE A 62 14.05 -0.96 -4.80
CA PHE A 62 13.85 -2.25 -4.13
C PHE A 62 13.86 -3.44 -5.12
N ALA A 63 13.78 -3.17 -6.43
CA ALA A 63 13.72 -4.16 -7.52
C ALA A 63 12.47 -5.09 -7.42
N CYS A 64 11.36 -4.58 -6.86
CA CYS A 64 10.09 -5.30 -6.73
C CYS A 64 9.27 -5.22 -8.03
N ASN A 65 8.02 -5.70 -7.98
CA ASN A 65 7.02 -5.51 -9.03
C ASN A 65 5.62 -5.39 -8.42
N GLY A 66 4.69 -4.69 -9.07
CA GLY A 66 3.41 -4.32 -8.51
C GLY A 66 2.47 -3.56 -9.45
N ASN A 67 1.27 -3.31 -8.94
CA ASN A 67 0.13 -2.74 -9.65
C ASN A 67 -0.89 -2.09 -8.68
N ILE A 68 -1.77 -1.23 -9.20
CA ILE A 68 -2.89 -0.63 -8.45
C ILE A 68 -4.16 -1.45 -8.74
N VAL A 69 -5.03 -1.61 -7.73
CA VAL A 69 -6.38 -2.18 -7.88
C VAL A 69 -7.39 -1.28 -7.15
N LYS A 70 -8.50 -0.96 -7.83
CA LYS A 70 -9.67 -0.28 -7.25
C LYS A 70 -10.70 -1.35 -6.81
N ASP A 71 -10.59 -1.84 -5.58
CA ASP A 71 -11.37 -2.98 -5.08
C ASP A 71 -12.81 -2.58 -4.70
N PRO A 72 -13.85 -3.42 -4.96
CA PRO A 72 -15.22 -3.15 -4.57
C PRO A 72 -15.44 -2.91 -3.07
N GLU A 73 -14.66 -3.57 -2.20
CA GLU A 73 -14.77 -3.49 -0.75
C GLU A 73 -13.61 -2.71 -0.12
N MET A 74 -12.36 -3.01 -0.51
CA MET A 74 -11.15 -2.39 0.04
C MET A 74 -10.84 -1.00 -0.53
N GLY A 75 -11.42 -0.62 -1.68
CA GLY A 75 -11.08 0.62 -2.39
C GLY A 75 -9.73 0.55 -3.08
N GLU A 76 -9.14 1.71 -3.38
CA GLU A 76 -7.91 1.82 -4.15
C GLU A 76 -6.66 1.45 -3.33
N ILE A 77 -5.97 0.39 -3.74
CA ILE A 77 -4.81 -0.23 -3.08
C ILE A 77 -3.70 -0.55 -4.08
N ILE A 78 -2.45 -0.56 -3.61
CA ILE A 78 -1.29 -1.08 -4.34
C ILE A 78 -1.05 -2.53 -3.90
N GLN A 79 -0.82 -3.43 -4.85
CA GLN A 79 -0.33 -4.78 -4.65
C GLN A 79 1.14 -4.81 -5.08
N LEU A 80 2.05 -5.26 -4.21
CA LEU A 80 3.46 -5.54 -4.51
C LEU A 80 3.69 -7.05 -4.40
N GLN A 81 4.48 -7.65 -5.28
CA GLN A 81 4.72 -9.10 -5.27
C GLN A 81 5.60 -9.53 -4.09
N GLY A 82 5.22 -10.61 -3.41
CA GLY A 82 5.89 -11.15 -2.23
C GLY A 82 5.46 -10.48 -0.91
N ASP A 83 6.19 -10.79 0.16
CA ASP A 83 6.00 -10.26 1.52
C ASP A 83 6.98 -9.11 1.80
N GLN A 84 6.57 -7.88 1.45
CA GLN A 84 7.40 -6.67 1.44
C GLN A 84 6.99 -5.64 2.50
N ARG A 85 6.27 -6.10 3.54
CA ARG A 85 5.61 -5.23 4.51
C ARG A 85 6.58 -4.30 5.28
N ALA A 86 7.74 -4.81 5.70
CA ALA A 86 8.80 -4.02 6.34
C ALA A 86 9.52 -3.10 5.34
N LYS A 87 9.73 -3.58 4.10
CA LYS A 87 10.38 -2.81 3.03
C LYS A 87 9.55 -1.60 2.61
N VAL A 88 8.24 -1.77 2.43
CA VAL A 88 7.33 -0.66 2.11
C VAL A 88 7.18 0.30 3.30
N CYS A 89 7.21 -0.18 4.54
CA CYS A 89 7.28 0.68 5.72
C CYS A 89 8.52 1.59 5.69
N GLU A 90 9.69 1.00 5.43
CA GLU A 90 10.95 1.73 5.26
C GLU A 90 10.90 2.76 4.11
N PHE A 91 10.23 2.47 2.99
CA PHE A 91 10.03 3.44 1.91
C PHE A 91 9.22 4.66 2.38
N MET A 92 8.10 4.43 3.06
CA MET A 92 7.23 5.49 3.58
C MET A 92 7.98 6.39 4.59
N ILE A 93 8.78 5.78 5.47
CA ILE A 93 9.61 6.50 6.45
C ILE A 93 10.76 7.27 5.77
N SER A 94 11.49 6.62 4.86
CA SER A 94 12.73 7.16 4.27
C SER A 94 12.48 8.19 3.16
N GLN A 95 11.61 7.89 2.20
CA GLN A 95 11.46 8.67 0.95
C GLN A 95 10.30 9.67 1.01
N LEU A 96 9.20 9.35 1.71
CA LEU A 96 8.10 10.29 1.95
C LEU A 96 8.33 11.14 3.22
N GLY A 97 9.29 10.73 4.08
CA GLY A 97 9.66 11.44 5.30
C GLY A 97 8.68 11.23 6.46
N LEU A 98 7.80 10.22 6.39
CA LEU A 98 6.74 9.98 7.37
C LEU A 98 7.31 9.48 8.72
N GLN A 99 6.69 9.91 9.82
CA GLN A 99 7.04 9.41 11.16
C GLN A 99 6.48 8.00 11.34
N LYS A 100 7.29 7.11 11.95
CA LYS A 100 7.01 5.66 12.01
C LYS A 100 5.62 5.31 12.59
N LYS A 101 5.16 6.10 13.56
CA LYS A 101 3.86 5.99 14.25
C LYS A 101 2.62 6.00 13.33
N ASN A 102 2.74 6.53 12.10
CA ASN A 102 1.65 6.58 11.12
C ASN A 102 1.37 5.24 10.42
N ILE A 103 2.24 4.23 10.57
CA ILE A 103 2.20 2.98 9.80
C ILE A 103 1.83 1.79 10.68
N LYS A 104 0.91 0.96 10.20
CA LYS A 104 0.51 -0.34 10.75
C LYS A 104 1.00 -1.48 9.84
N ILE A 105 1.70 -2.47 10.39
CA ILE A 105 2.16 -3.67 9.69
C ILE A 105 1.31 -4.87 10.14
N HIS A 106 0.78 -5.64 9.18
CA HIS A 106 -0.10 -6.80 9.41
C HIS A 106 0.40 -8.08 8.71
N GLY A 107 -0.27 -9.22 8.98
CA GLY A 107 -0.08 -10.50 8.30
C GLY A 107 -1.13 -10.75 7.21
N PHE A 108 -1.57 -12.00 7.11
CA PHE A 108 -2.65 -12.50 6.22
C PHE A 108 -3.56 -13.54 6.89
N MET A 1 -0.68 -26.19 0.05
CA MET A 1 -1.11 -25.45 1.28
C MET A 1 -2.60 -25.04 1.26
N SER A 2 -3.16 -24.55 2.36
CA SER A 2 -4.57 -24.10 2.44
C SER A 2 -4.79 -22.74 1.78
N ILE A 3 -3.86 -21.80 1.93
CA ILE A 3 -3.86 -20.48 1.26
C ILE A 3 -3.34 -20.67 -0.17
N GLU A 4 -4.20 -21.20 -1.05
CA GLU A 4 -3.84 -21.69 -2.39
C GLU A 4 -5.03 -21.74 -3.37
N ASN A 5 -6.27 -21.74 -2.89
CA ASN A 5 -7.47 -21.80 -3.73
C ASN A 5 -7.63 -20.56 -4.63
N LEU A 6 -7.78 -20.80 -5.95
CA LEU A 6 -7.93 -19.76 -6.97
C LEU A 6 -9.39 -19.56 -7.41
N LYS A 7 -9.65 -18.44 -8.08
CA LYS A 7 -10.96 -17.98 -8.58
C LYS A 7 -10.77 -16.83 -9.59
N SER A 8 -11.66 -16.72 -10.57
CA SER A 8 -11.62 -15.68 -11.62
C SER A 8 -11.70 -14.24 -11.06
N PHE A 9 -11.14 -13.28 -11.81
CA PHE A 9 -11.05 -11.85 -11.46
C PHE A 9 -11.02 -10.96 -12.71
N ASP A 10 -11.21 -9.65 -12.53
CA ASP A 10 -11.34 -8.68 -13.63
C ASP A 10 -10.04 -8.54 -14.46
N PRO A 11 -10.11 -8.50 -15.81
CA PRO A 11 -8.94 -8.43 -16.69
C PRO A 11 -8.17 -7.11 -16.64
N PHE A 12 -8.72 -6.05 -16.04
CA PHE A 12 -8.10 -4.73 -15.89
C PHE A 12 -8.28 -4.18 -14.45
N ALA A 13 -8.24 -2.86 -14.28
CA ALA A 13 -8.26 -2.14 -13.00
C ALA A 13 -8.62 -0.64 -13.21
N ASP A 14 -8.61 0.15 -12.14
CA ASP A 14 -8.89 1.59 -12.14
C ASP A 14 -7.99 2.34 -11.14
N THR A 15 -7.63 3.58 -11.47
CA THR A 15 -6.80 4.48 -10.65
C THR A 15 -7.12 5.95 -10.94
N GLY A 16 -7.13 6.76 -9.88
CA GLY A 16 -7.45 8.19 -9.91
C GLY A 16 -6.23 9.10 -10.06
N ASP A 17 -6.30 10.27 -9.43
CA ASP A 17 -5.23 11.28 -9.36
C ASP A 17 -5.02 11.75 -7.91
N ASP A 18 -3.85 12.35 -7.63
CA ASP A 18 -3.52 12.89 -6.31
C ASP A 18 -4.34 14.12 -5.92
N GLU A 19 -4.53 14.33 -4.60
CA GLU A 19 -5.38 15.38 -4.03
C GLU A 19 -4.90 15.76 -2.62
N THR A 20 -5.10 17.03 -2.21
CA THR A 20 -4.61 17.60 -0.94
C THR A 20 -5.48 17.13 0.23
N ALA A 21 -5.24 15.88 0.66
CA ALA A 21 -5.88 15.21 1.80
C ALA A 21 -5.02 14.05 2.32
N THR A 22 -5.29 13.60 3.56
CA THR A 22 -4.45 12.66 4.32
C THR A 22 -5.26 11.83 5.32
N SER A 23 -4.61 10.83 5.90
CA SER A 23 -5.14 9.87 6.87
C SER A 23 -4.10 9.59 7.98
N ASN A 24 -4.55 9.42 9.22
CA ASN A 24 -3.64 9.25 10.38
C ASN A 24 -2.88 7.91 10.36
N TYR A 25 -3.50 6.85 9.84
CA TYR A 25 -2.90 5.51 9.72
C TYR A 25 -2.82 4.98 8.27
N ILE A 26 -1.70 4.34 7.98
CA ILE A 26 -1.34 3.66 6.72
C ILE A 26 -1.25 2.17 7.02
N HIS A 27 -1.83 1.32 6.18
CA HIS A 27 -2.02 -0.10 6.45
C HIS A 27 -1.27 -0.96 5.42
N ILE A 28 -0.20 -1.65 5.85
CA ILE A 28 0.57 -2.58 5.00
C ILE A 28 0.18 -4.00 5.41
N ARG A 29 -0.52 -4.68 4.51
CA ARG A 29 -1.19 -5.97 4.70
C ARG A 29 -0.60 -7.02 3.76
N ILE A 30 -0.85 -8.30 4.00
CA ILE A 30 -0.54 -9.38 3.05
C ILE A 30 -1.88 -10.04 2.65
N GLN A 31 -1.98 -10.44 1.39
CA GLN A 31 -3.20 -10.91 0.75
C GLN A 31 -3.21 -12.45 0.68
N GLN A 32 -4.41 -13.04 0.61
CA GLN A 32 -4.58 -14.45 0.32
C GLN A 32 -4.19 -14.74 -1.14
N ARG A 33 -3.55 -15.90 -1.36
CA ARG A 33 -3.00 -16.31 -2.66
C ARG A 33 -4.12 -16.86 -3.57
N ASN A 34 -4.85 -15.94 -4.20
CA ASN A 34 -5.83 -16.24 -5.25
C ASN A 34 -5.17 -16.40 -6.63
N GLY A 35 -4.06 -15.68 -6.87
CA GLY A 35 -3.18 -15.86 -8.03
C GLY A 35 -2.09 -16.91 -7.77
N ARG A 36 -1.07 -16.94 -8.63
CA ARG A 36 0.04 -17.91 -8.54
C ARG A 36 0.94 -17.70 -7.31
N LYS A 37 1.05 -16.47 -6.81
CA LYS A 37 1.95 -16.07 -5.71
C LYS A 37 1.30 -15.04 -4.76
N THR A 38 1.77 -15.00 -3.51
CA THR A 38 1.31 -14.11 -2.42
C THR A 38 1.68 -12.65 -2.72
N LEU A 39 0.84 -11.71 -2.27
CA LEU A 39 0.99 -10.27 -2.54
C LEU A 39 0.93 -9.44 -1.25
N THR A 40 1.67 -8.32 -1.21
CA THR A 40 1.59 -7.27 -0.18
C THR A 40 0.62 -6.20 -0.64
N THR A 41 -0.47 -5.99 0.09
CA THR A 41 -1.52 -5.02 -0.20
C THR A 41 -1.32 -3.77 0.64
N VAL A 42 -1.06 -2.64 -0.03
CA VAL A 42 -0.86 -1.33 0.60
C VAL A 42 -2.16 -0.53 0.52
N GLN A 43 -2.61 -0.03 1.68
CA GLN A 43 -3.87 0.65 1.90
C GLN A 43 -3.63 1.87 2.83
N GLY A 44 -4.55 2.84 2.86
CA GLY A 44 -4.55 3.94 3.85
C GLY A 44 -3.52 5.05 3.63
N VAL A 45 -2.53 4.85 2.75
CA VAL A 45 -1.55 5.86 2.33
C VAL A 45 -2.24 7.17 1.90
N PRO A 46 -1.80 8.36 2.38
CA PRO A 46 -2.39 9.65 2.05
C PRO A 46 -2.54 9.87 0.55
N GLU A 47 -3.70 10.41 0.14
CA GLU A 47 -4.03 10.61 -1.28
C GLU A 47 -3.28 11.79 -1.93
N GLU A 48 -2.49 12.53 -1.16
CA GLU A 48 -1.52 13.51 -1.67
C GLU A 48 -0.29 12.83 -2.32
N TYR A 49 -0.04 11.54 -2.02
CA TYR A 49 0.93 10.69 -2.71
C TYR A 49 0.25 9.88 -3.83
N ASP A 50 0.77 9.97 -5.05
CA ASP A 50 0.26 9.16 -6.18
C ASP A 50 0.78 7.71 -6.09
N LEU A 51 -0.13 6.75 -6.23
CA LEU A 51 0.19 5.32 -6.19
C LEU A 51 1.18 4.93 -7.31
N LYS A 52 1.03 5.51 -8.50
CA LYS A 52 1.95 5.31 -9.63
C LYS A 52 3.39 5.77 -9.31
N ARG A 53 3.57 6.83 -8.50
CA ARG A 53 4.90 7.23 -8.00
C ARG A 53 5.47 6.18 -7.03
N ILE A 54 4.64 5.59 -6.16
CA ILE A 54 5.04 4.49 -5.25
C ILE A 54 5.55 3.31 -6.10
N LEU A 55 4.82 2.92 -7.15
CA LEU A 55 5.27 1.88 -8.09
C LEU A 55 6.64 2.23 -8.70
N LYS A 56 6.85 3.46 -9.17
CA LYS A 56 8.12 3.88 -9.79
C LYS A 56 9.30 3.81 -8.80
N VAL A 57 9.11 4.18 -7.53
CA VAL A 57 10.17 4.06 -6.52
C VAL A 57 10.48 2.59 -6.19
N LEU A 58 9.44 1.78 -5.93
CA LEU A 58 9.62 0.39 -5.51
C LEU A 58 10.17 -0.52 -6.64
N LYS A 59 9.88 -0.21 -7.91
CA LYS A 59 10.44 -0.93 -9.06
C LYS A 59 11.91 -0.56 -9.38
N LYS A 60 12.35 0.65 -9.02
CA LYS A 60 13.73 1.11 -9.27
C LYS A 60 14.68 0.91 -8.06
N ASP A 61 14.28 1.31 -6.86
CA ASP A 61 15.15 1.32 -5.66
C ASP A 61 15.19 -0.05 -4.96
N PHE A 62 14.04 -0.72 -4.84
CA PHE A 62 13.91 -2.06 -4.24
C PHE A 62 13.99 -3.19 -5.30
N ALA A 63 13.96 -2.84 -6.59
CA ALA A 63 13.95 -3.77 -7.73
C ALA A 63 12.74 -4.74 -7.70
N CYS A 64 11.61 -4.30 -7.14
CA CYS A 64 10.42 -5.12 -6.91
C CYS A 64 9.45 -5.07 -8.11
N ASN A 65 8.21 -5.51 -7.94
CA ASN A 65 7.16 -5.42 -8.96
C ASN A 65 5.77 -5.30 -8.32
N GLY A 66 4.86 -4.57 -8.97
CA GLY A 66 3.51 -4.32 -8.47
C GLY A 66 2.58 -3.59 -9.43
N ASN A 67 1.33 -3.45 -9.00
CA ASN A 67 0.22 -2.86 -9.74
C ASN A 67 -0.86 -2.30 -8.79
N ILE A 68 -1.76 -1.47 -9.30
CA ILE A 68 -2.87 -0.86 -8.57
C ILE A 68 -4.19 -1.58 -8.89
N VAL A 69 -5.05 -1.79 -7.89
CA VAL A 69 -6.41 -2.34 -8.03
C VAL A 69 -7.37 -1.54 -7.15
N LYS A 70 -8.59 -1.32 -7.63
CA LYS A 70 -9.67 -0.69 -6.86
C LYS A 70 -10.61 -1.78 -6.27
N ASP A 71 -10.48 -2.05 -4.98
CA ASP A 71 -11.22 -3.07 -4.25
C ASP A 71 -12.58 -2.55 -3.74
N PRO A 72 -13.65 -3.37 -3.72
CA PRO A 72 -14.96 -2.99 -3.16
C PRO A 72 -14.92 -2.54 -1.70
N GLU A 73 -14.02 -3.09 -0.89
CA GLU A 73 -13.89 -2.82 0.55
C GLU A 73 -12.61 -2.05 0.89
N MET A 74 -11.46 -2.48 0.35
CA MET A 74 -10.15 -1.86 0.63
C MET A 74 -9.89 -0.54 -0.13
N GLY A 75 -10.65 -0.25 -1.19
CA GLY A 75 -10.48 0.93 -2.05
C GLY A 75 -9.29 0.78 -3.01
N GLU A 76 -8.75 1.90 -3.48
CA GLU A 76 -7.59 1.94 -4.36
C GLU A 76 -6.33 1.50 -3.58
N ILE A 77 -5.82 0.31 -3.91
CA ILE A 77 -4.69 -0.37 -3.25
C ILE A 77 -3.59 -0.74 -4.24
N ILE A 78 -2.34 -0.75 -3.76
CA ILE A 78 -1.19 -1.31 -4.48
C ILE A 78 -1.00 -2.75 -4.01
N GLN A 79 -0.81 -3.65 -4.97
CA GLN A 79 -0.37 -5.03 -4.77
C GLN A 79 1.11 -5.09 -5.19
N LEU A 80 2.01 -5.41 -4.26
CA LEU A 80 3.43 -5.66 -4.53
C LEU A 80 3.68 -7.18 -4.47
N GLN A 81 4.58 -7.71 -5.31
CA GLN A 81 4.89 -9.14 -5.35
C GLN A 81 5.61 -9.61 -4.08
N GLY A 82 5.16 -10.69 -3.46
CA GLY A 82 5.75 -11.29 -2.26
C GLY A 82 5.33 -10.60 -0.96
N ASP A 83 6.04 -10.92 0.14
CA ASP A 83 5.86 -10.37 1.48
C ASP A 83 6.87 -9.22 1.76
N GLN A 84 6.45 -7.98 1.50
CA GLN A 84 7.30 -6.78 1.49
C GLN A 84 6.91 -5.75 2.55
N ARG A 85 6.23 -6.21 3.60
CA ARG A 85 5.60 -5.36 4.62
C ARG A 85 6.59 -4.44 5.34
N ALA A 86 7.75 -4.95 5.76
CA ALA A 86 8.82 -4.17 6.38
C ALA A 86 9.52 -3.23 5.37
N LYS A 87 9.70 -3.70 4.13
CA LYS A 87 10.33 -2.93 3.04
C LYS A 87 9.49 -1.71 2.65
N VAL A 88 8.18 -1.88 2.47
CA VAL A 88 7.27 -0.77 2.15
C VAL A 88 7.13 0.20 3.34
N CYS A 89 7.15 -0.30 4.59
CA CYS A 89 7.22 0.55 5.79
C CYS A 89 8.46 1.46 5.75
N GLU A 90 9.63 0.88 5.44
CA GLU A 90 10.88 1.63 5.31
C GLU A 90 10.85 2.65 4.16
N PHE A 91 10.21 2.35 3.02
CA PHE A 91 10.04 3.29 1.92
C PHE A 91 9.26 4.54 2.36
N MET A 92 8.11 4.34 3.02
CA MET A 92 7.24 5.41 3.50
C MET A 92 7.99 6.33 4.47
N ILE A 93 8.76 5.75 5.39
CA ILE A 93 9.54 6.51 6.39
C ILE A 93 10.75 7.22 5.75
N SER A 94 11.49 6.53 4.87
CA SER A 94 12.74 7.04 4.29
C SER A 94 12.53 8.08 3.18
N GLN A 95 11.63 7.81 2.23
CA GLN A 95 11.50 8.59 0.99
C GLN A 95 10.35 9.60 1.03
N LEU A 96 9.22 9.28 1.69
CA LEU A 96 8.08 10.19 1.81
C LEU A 96 8.14 11.06 3.08
N GLY A 97 9.01 10.71 4.04
CA GLY A 97 9.19 11.43 5.31
C GLY A 97 8.10 11.12 6.35
N LEU A 98 7.31 10.06 6.15
CA LEU A 98 6.24 9.66 7.06
C LEU A 98 6.82 9.16 8.39
N GLN A 99 6.10 9.36 9.50
CA GLN A 99 6.59 8.96 10.81
C GLN A 99 6.21 7.49 11.08
N LYS A 100 7.08 6.75 11.79
CA LYS A 100 6.88 5.32 12.07
C LYS A 100 5.50 5.04 12.72
N LYS A 101 5.05 5.93 13.63
CA LYS A 101 3.76 5.87 14.32
C LYS A 101 2.52 5.91 13.40
N ASN A 102 2.65 6.40 12.16
CA ASN A 102 1.57 6.40 11.17
C ASN A 102 1.34 5.03 10.52
N ILE A 103 2.27 4.07 10.64
CA ILE A 103 2.22 2.82 9.85
C ILE A 103 1.83 1.61 10.72
N LYS A 104 0.75 0.95 10.32
CA LYS A 104 0.29 -0.34 10.82
C LYS A 104 0.74 -1.46 9.88
N ILE A 105 1.47 -2.46 10.40
CA ILE A 105 1.79 -3.70 9.69
C ILE A 105 0.86 -4.80 10.21
N HIS A 106 0.09 -5.41 9.32
CA HIS A 106 -0.97 -6.37 9.68
C HIS A 106 -0.60 -7.84 9.40
N GLY A 107 0.20 -8.11 8.36
CA GLY A 107 0.47 -9.47 7.87
C GLY A 107 -0.78 -10.12 7.28
N PHE A 108 -0.99 -11.41 7.57
CA PHE A 108 -2.16 -12.22 7.16
C PHE A 108 -2.48 -13.37 8.14
N MET A 1 -31.61 -14.67 -23.03
CA MET A 1 -31.59 -16.16 -22.85
C MET A 1 -30.23 -16.70 -22.34
N SER A 2 -29.25 -16.95 -23.21
CA SER A 2 -27.92 -17.41 -22.85
C SER A 2 -27.09 -16.33 -22.11
N ILE A 3 -26.20 -16.74 -21.20
CA ILE A 3 -25.35 -15.82 -20.41
C ILE A 3 -24.08 -15.50 -21.21
N GLU A 4 -24.17 -14.50 -22.08
CA GLU A 4 -23.08 -14.00 -22.94
C GLU A 4 -23.41 -12.58 -23.44
N ASN A 5 -22.43 -11.67 -23.36
CA ASN A 5 -22.53 -10.27 -23.80
C ASN A 5 -21.14 -9.62 -23.95
N LEU A 6 -20.90 -8.93 -25.06
CA LEU A 6 -19.68 -8.15 -25.34
C LEU A 6 -20.05 -6.68 -25.56
N LYS A 7 -19.26 -5.77 -24.98
CA LYS A 7 -19.43 -4.31 -24.98
C LYS A 7 -18.21 -3.57 -24.42
N SER A 8 -18.12 -2.26 -24.63
CA SER A 8 -17.11 -1.40 -24.00
C SER A 8 -17.58 -0.90 -22.63
N PHE A 9 -16.68 -0.93 -21.63
CA PHE A 9 -16.92 -0.49 -20.24
C PHE A 9 -15.59 -0.32 -19.47
N ASP A 10 -15.66 0.24 -18.26
CA ASP A 10 -14.52 0.52 -17.37
C ASP A 10 -14.95 0.64 -15.89
N PRO A 11 -14.07 0.32 -14.92
CA PRO A 11 -14.35 0.48 -13.50
C PRO A 11 -14.22 1.94 -13.02
N PHE A 12 -13.44 2.76 -13.73
CA PHE A 12 -13.17 4.18 -13.49
C PHE A 12 -12.40 4.79 -14.68
N ALA A 13 -12.67 6.06 -14.98
CA ALA A 13 -11.99 6.81 -16.05
C ALA A 13 -10.66 7.46 -15.58
N ASP A 14 -10.49 7.65 -14.27
CA ASP A 14 -9.34 8.32 -13.63
C ASP A 14 -9.27 7.99 -12.12
N THR A 15 -8.07 8.11 -11.54
CA THR A 15 -7.76 7.76 -10.13
C THR A 15 -7.57 9.00 -9.25
N GLY A 16 -7.64 8.79 -7.93
CA GLY A 16 -7.39 9.83 -6.90
C GLY A 16 -8.57 10.79 -6.68
N ASP A 17 -8.36 11.73 -5.75
CA ASP A 17 -9.29 12.78 -5.33
C ASP A 17 -8.54 13.93 -4.62
N ASP A 18 -9.18 14.68 -3.71
CA ASP A 18 -8.60 15.84 -3.02
C ASP A 18 -7.55 15.45 -1.95
N GLU A 19 -6.55 16.32 -1.77
CA GLU A 19 -5.42 16.13 -0.85
C GLU A 19 -5.79 16.12 0.65
N THR A 20 -7.04 16.47 1.00
CA THR A 20 -7.58 16.42 2.38
C THR A 20 -7.49 15.04 3.03
N ALA A 21 -7.46 13.96 2.22
CA ALA A 21 -7.18 12.59 2.66
C ALA A 21 -5.68 12.42 2.97
N THR A 22 -5.29 12.81 4.19
CA THR A 22 -3.92 12.79 4.74
C THR A 22 -3.94 12.78 6.27
N SER A 23 -2.76 12.61 6.87
CA SER A 23 -2.49 12.54 8.33
C SER A 23 -3.03 11.26 9.02
N ASN A 24 -3.86 10.47 8.34
CA ASN A 24 -4.41 9.19 8.79
C ASN A 24 -3.39 8.03 8.77
N TYR A 25 -3.78 6.86 9.28
CA TYR A 25 -2.93 5.66 9.30
C TYR A 25 -2.74 5.01 7.92
N ILE A 26 -1.53 4.54 7.65
CA ILE A 26 -1.19 3.68 6.51
C ILE A 26 -1.16 2.23 7.00
N HIS A 27 -1.78 1.31 6.26
CA HIS A 27 -1.82 -0.11 6.59
C HIS A 27 -1.14 -0.95 5.49
N ILE A 28 -0.13 -1.74 5.85
CA ILE A 28 0.60 -2.61 4.92
C ILE A 28 0.38 -4.06 5.38
N ARG A 29 -0.36 -4.82 4.56
CA ARG A 29 -0.86 -6.17 4.87
C ARG A 29 -0.34 -7.19 3.85
N ILE A 30 -0.60 -8.48 4.07
CA ILE A 30 -0.38 -9.54 3.07
C ILE A 30 -1.74 -10.10 2.65
N GLN A 31 -1.94 -10.25 1.34
CA GLN A 31 -3.11 -10.80 0.69
C GLN A 31 -2.76 -12.19 0.13
N GLN A 32 -3.58 -13.20 0.45
CA GLN A 32 -3.44 -14.56 -0.06
C GLN A 32 -3.89 -14.66 -1.53
N ARG A 33 -3.34 -15.62 -2.27
CA ARG A 33 -3.75 -15.96 -3.64
C ARG A 33 -3.72 -17.48 -3.85
N ASN A 34 -4.85 -18.09 -4.19
CA ASN A 34 -5.01 -19.55 -4.26
C ASN A 34 -4.09 -20.18 -5.33
N GLY A 35 -3.05 -20.91 -4.90
CA GLY A 35 -2.08 -21.60 -5.78
C GLY A 35 -1.15 -20.65 -6.56
N ARG A 36 -1.06 -19.38 -6.16
CA ARG A 36 -0.39 -18.29 -6.89
C ARG A 36 0.45 -17.40 -5.96
N LYS A 37 1.14 -16.39 -6.52
CA LYS A 37 2.05 -15.47 -5.81
C LYS A 37 1.40 -14.78 -4.59
N THR A 38 2.17 -14.64 -3.50
CA THR A 38 1.85 -13.81 -2.33
C THR A 38 1.92 -12.34 -2.73
N LEU A 39 1.02 -11.51 -2.20
CA LEU A 39 0.96 -10.07 -2.49
C LEU A 39 0.96 -9.25 -1.20
N THR A 40 1.72 -8.15 -1.17
CA THR A 40 1.69 -7.12 -0.12
C THR A 40 0.73 -6.02 -0.54
N THR A 41 -0.31 -5.77 0.23
CA THR A 41 -1.36 -4.77 -0.03
C THR A 41 -1.13 -3.53 0.80
N VAL A 42 -1.02 -2.37 0.14
CA VAL A 42 -0.88 -1.05 0.77
C VAL A 42 -2.22 -0.32 0.68
N GLN A 43 -2.73 0.10 1.85
CA GLN A 43 -3.97 0.86 2.03
C GLN A 43 -3.68 2.10 2.88
N GLY A 44 -4.45 3.17 2.72
CA GLY A 44 -4.44 4.33 3.64
C GLY A 44 -3.30 5.33 3.43
N VAL A 45 -2.35 5.06 2.53
CA VAL A 45 -1.33 6.06 2.12
C VAL A 45 -2.03 7.36 1.65
N PRO A 46 -1.63 8.54 2.18
CA PRO A 46 -2.23 9.82 1.83
C PRO A 46 -2.34 10.07 0.33
N GLU A 47 -3.45 10.66 -0.10
CA GLU A 47 -3.75 10.87 -1.52
C GLU A 47 -2.98 12.05 -2.14
N GLU A 48 -2.20 12.78 -1.32
CA GLU A 48 -1.22 13.77 -1.80
C GLU A 48 0.02 13.08 -2.44
N TYR A 49 0.24 11.79 -2.17
CA TYR A 49 1.25 10.96 -2.82
C TYR A 49 0.66 10.22 -4.04
N ASP A 50 1.37 10.24 -5.18
CA ASP A 50 0.97 9.57 -6.41
C ASP A 50 1.23 8.05 -6.32
N LEU A 51 0.17 7.24 -6.41
CA LEU A 51 0.27 5.78 -6.34
C LEU A 51 1.16 5.21 -7.47
N LYS A 52 1.03 5.76 -8.67
CA LYS A 52 1.90 5.45 -9.84
C LYS A 52 3.39 5.70 -9.57
N ARG A 53 3.72 6.74 -8.79
CA ARG A 53 5.09 7.02 -8.33
C ARG A 53 5.56 6.02 -7.27
N ILE A 54 4.66 5.54 -6.38
CA ILE A 54 4.95 4.47 -5.42
C ILE A 54 5.25 3.16 -6.17
N LEU A 55 4.54 2.85 -7.26
CA LEU A 55 4.93 1.75 -8.14
C LEU A 55 6.34 1.97 -8.70
N LYS A 56 6.59 3.11 -9.35
CA LYS A 56 7.86 3.44 -9.99
C LYS A 56 9.07 3.31 -9.06
N VAL A 57 9.00 3.88 -7.85
CA VAL A 57 10.11 3.89 -6.88
C VAL A 57 10.36 2.49 -6.26
N LEU A 58 9.30 1.71 -5.99
CA LEU A 58 9.45 0.33 -5.46
C LEU A 58 9.96 -0.65 -6.52
N LYS A 59 9.62 -0.45 -7.80
CA LYS A 59 10.24 -1.21 -8.90
C LYS A 59 11.71 -0.81 -9.15
N LYS A 60 12.05 0.46 -8.96
CA LYS A 60 13.41 0.99 -9.17
C LYS A 60 14.40 0.61 -8.06
N ASP A 61 14.12 1.00 -6.81
CA ASP A 61 15.05 0.90 -5.68
C ASP A 61 15.01 -0.46 -4.95
N PHE A 62 13.82 -1.04 -4.78
CA PHE A 62 13.62 -2.33 -4.11
C PHE A 62 13.60 -3.52 -5.10
N ALA A 63 13.66 -3.26 -6.41
CA ALA A 63 13.65 -4.25 -7.49
C ALA A 63 12.38 -5.13 -7.51
N CYS A 64 11.27 -4.62 -6.96
CA CYS A 64 9.99 -5.34 -6.84
C CYS A 64 9.16 -5.26 -8.14
N ASN A 65 7.91 -5.72 -8.09
CA ASN A 65 6.90 -5.55 -9.14
C ASN A 65 5.52 -5.38 -8.49
N GLY A 66 4.58 -4.70 -9.15
CA GLY A 66 3.31 -4.29 -8.55
C GLY A 66 2.37 -3.51 -9.47
N ASN A 67 1.20 -3.20 -8.93
CA ASN A 67 0.05 -2.60 -9.62
C ASN A 67 -0.96 -1.96 -8.64
N ILE A 68 -1.87 -1.13 -9.14
CA ILE A 68 -3.01 -0.56 -8.39
C ILE A 68 -4.26 -1.43 -8.61
N VAL A 69 -5.12 -1.54 -7.60
CA VAL A 69 -6.47 -2.14 -7.69
C VAL A 69 -7.45 -1.25 -6.93
N LYS A 70 -8.68 -1.08 -7.42
CA LYS A 70 -9.79 -0.43 -6.70
C LYS A 70 -10.86 -1.47 -6.33
N ASP A 71 -10.75 -2.02 -5.12
CA ASP A 71 -11.51 -3.17 -4.64
C ASP A 71 -12.86 -2.75 -3.99
N PRO A 72 -13.94 -3.54 -4.12
CA PRO A 72 -15.22 -3.28 -3.44
C PRO A 72 -15.13 -3.18 -1.92
N GLU A 73 -14.25 -3.95 -1.28
CA GLU A 73 -14.07 -4.00 0.18
C GLU A 73 -12.78 -3.30 0.63
N MET A 74 -11.65 -3.58 -0.03
CA MET A 74 -10.32 -3.05 0.33
C MET A 74 -10.08 -1.61 -0.17
N GLY A 75 -10.88 -1.11 -1.11
CA GLY A 75 -10.74 0.24 -1.68
C GLY A 75 -9.58 0.37 -2.68
N GLU A 76 -9.15 1.60 -2.94
CA GLU A 76 -8.00 1.91 -3.79
C GLU A 76 -6.69 1.54 -3.06
N ILE A 77 -5.99 0.52 -3.57
CA ILE A 77 -4.82 -0.14 -2.97
C ILE A 77 -3.72 -0.41 -4.01
N ILE A 78 -2.47 -0.46 -3.54
CA ILE A 78 -1.33 -0.99 -4.31
C ILE A 78 -1.07 -2.43 -3.85
N GLN A 79 -0.85 -3.33 -4.82
CA GLN A 79 -0.34 -4.67 -4.61
C GLN A 79 1.14 -4.68 -5.05
N LEU A 80 2.03 -5.19 -4.20
CA LEU A 80 3.44 -5.46 -4.52
C LEU A 80 3.67 -6.98 -4.42
N GLN A 81 4.48 -7.57 -5.29
CA GLN A 81 4.70 -9.02 -5.33
C GLN A 81 5.65 -9.47 -4.22
N GLY A 82 5.30 -10.57 -3.53
CA GLY A 82 6.01 -11.10 -2.36
C GLY A 82 5.54 -10.47 -1.04
N ASP A 83 6.25 -10.78 0.05
CA ASP A 83 6.04 -10.27 1.41
C ASP A 83 7.00 -9.11 1.72
N GLN A 84 6.57 -7.89 1.40
CA GLN A 84 7.38 -6.66 1.40
C GLN A 84 6.94 -5.66 2.48
N ARG A 85 6.18 -6.12 3.48
CA ARG A 85 5.51 -5.27 4.46
C ARG A 85 6.46 -4.37 5.28
N ALA A 86 7.58 -4.92 5.73
CA ALA A 86 8.64 -4.17 6.42
C ALA A 86 9.39 -3.22 5.47
N LYS A 87 9.65 -3.67 4.23
CA LYS A 87 10.35 -2.89 3.20
C LYS A 87 9.53 -1.66 2.76
N VAL A 88 8.24 -1.81 2.53
CA VAL A 88 7.34 -0.69 2.18
C VAL A 88 7.13 0.24 3.39
N CYS A 89 7.10 -0.27 4.63
CA CYS A 89 7.10 0.57 5.83
C CYS A 89 8.36 1.47 5.87
N GLU A 90 9.53 0.87 5.67
CA GLU A 90 10.80 1.61 5.57
C GLU A 90 10.80 2.64 4.43
N PHE A 91 10.17 2.37 3.27
CA PHE A 91 10.03 3.34 2.19
C PHE A 91 9.22 4.57 2.62
N MET A 92 8.05 4.35 3.23
CA MET A 92 7.16 5.41 3.71
C MET A 92 7.87 6.30 4.75
N ILE A 93 8.66 5.69 5.64
CA ILE A 93 9.48 6.39 6.64
C ILE A 93 10.65 7.15 5.99
N SER A 94 11.42 6.49 5.13
CA SER A 94 12.68 7.03 4.57
C SER A 94 12.47 8.10 3.49
N GLN A 95 11.57 7.85 2.53
CA GLN A 95 11.44 8.67 1.31
C GLN A 95 10.27 9.66 1.36
N LEU A 96 9.12 9.28 1.96
CA LEU A 96 7.96 10.17 2.07
C LEU A 96 7.98 11.03 3.34
N GLY A 97 8.78 10.65 4.35
CA GLY A 97 8.88 11.34 5.65
C GLY A 97 7.73 11.03 6.61
N LEU A 98 6.93 9.98 6.34
CA LEU A 98 5.82 9.57 7.20
C LEU A 98 6.39 9.00 8.50
N GLN A 99 5.83 9.40 9.65
CA GLN A 99 6.40 9.03 10.94
C GLN A 99 6.09 7.56 11.26
N LYS A 100 6.98 6.88 11.98
CA LYS A 100 6.90 5.42 12.20
C LYS A 100 5.55 5.01 12.85
N LYS A 101 5.05 5.85 13.76
CA LYS A 101 3.76 5.72 14.45
C LYS A 101 2.52 5.81 13.54
N ASN A 102 2.63 6.34 12.31
CA ASN A 102 1.53 6.43 11.34
C ASN A 102 1.26 5.10 10.61
N ILE A 103 2.13 4.10 10.72
CA ILE A 103 2.09 2.87 9.90
C ILE A 103 1.75 1.65 10.75
N LYS A 104 0.79 0.85 10.28
CA LYS A 104 0.46 -0.48 10.81
C LYS A 104 0.95 -1.58 9.85
N ILE A 105 1.55 -2.63 10.40
CA ILE A 105 1.95 -3.85 9.66
C ILE A 105 1.03 -5.01 10.08
N HIS A 106 0.43 -5.67 9.10
CA HIS A 106 -0.46 -6.83 9.27
C HIS A 106 -0.01 -8.04 8.40
N GLY A 107 -0.91 -9.01 8.17
CA GLY A 107 -0.68 -10.17 7.29
C GLY A 107 -0.34 -11.45 8.05
N PHE A 108 0.42 -12.34 7.41
CA PHE A 108 0.77 -13.69 7.90
C PHE A 108 1.62 -13.70 9.19
N MET A 1 20.79 -13.20 -29.54
CA MET A 1 20.42 -12.50 -28.26
C MET A 1 20.07 -13.48 -27.12
N SER A 2 20.41 -13.15 -25.88
CA SER A 2 20.12 -13.95 -24.68
C SER A 2 18.74 -13.65 -24.07
N ILE A 3 18.24 -14.55 -23.21
CA ILE A 3 16.96 -14.47 -22.48
C ILE A 3 15.75 -14.05 -23.35
N GLU A 4 14.82 -13.25 -22.82
CA GLU A 4 13.58 -12.80 -23.47
C GLU A 4 12.97 -11.59 -22.75
N ASN A 5 12.07 -10.87 -23.43
CA ASN A 5 11.30 -9.76 -22.85
C ASN A 5 10.19 -10.24 -21.89
N LEU A 6 9.76 -9.39 -20.97
CA LEU A 6 8.70 -9.67 -19.99
C LEU A 6 7.86 -8.40 -19.72
N LYS A 7 6.53 -8.56 -19.71
CA LYS A 7 5.56 -7.48 -19.48
C LYS A 7 5.40 -7.13 -17.98
N SER A 8 5.01 -5.89 -17.69
CA SER A 8 4.68 -5.39 -16.34
C SER A 8 3.53 -4.37 -16.39
N PHE A 9 2.84 -4.16 -15.27
CA PHE A 9 1.80 -3.12 -15.11
C PHE A 9 2.41 -1.72 -15.26
N ASP A 10 1.77 -0.86 -16.06
CA ASP A 10 2.26 0.48 -16.39
C ASP A 10 2.31 1.38 -15.13
N PRO A 11 3.47 1.96 -14.77
CA PRO A 11 3.62 2.84 -13.61
C PRO A 11 3.17 4.28 -13.93
N PHE A 12 2.00 4.42 -14.56
CA PHE A 12 1.36 5.65 -15.02
C PHE A 12 -0.07 5.36 -15.47
N ALA A 13 -0.99 6.28 -15.16
CA ALA A 13 -2.44 6.17 -15.31
C ALA A 13 -3.15 7.51 -15.02
N ASP A 14 -4.38 7.66 -15.47
CA ASP A 14 -5.25 8.82 -15.16
C ASP A 14 -5.87 8.70 -13.76
N THR A 15 -5.89 9.83 -13.02
CA THR A 15 -6.38 9.95 -11.64
C THR A 15 -6.97 11.34 -11.40
N GLY A 16 -7.87 11.44 -10.42
CA GLY A 16 -8.49 12.71 -9.98
C GLY A 16 -7.63 13.47 -8.98
N ASP A 17 -7.69 14.80 -9.01
CA ASP A 17 -6.99 15.70 -8.09
C ASP A 17 -7.79 15.92 -6.79
N ASP A 18 -7.16 15.66 -5.64
CA ASP A 18 -7.74 15.73 -4.29
C ASP A 18 -6.64 15.62 -3.20
N GLU A 19 -6.98 15.94 -1.96
CA GLU A 19 -6.11 15.82 -0.78
C GLU A 19 -6.93 15.85 0.54
N THR A 20 -6.64 14.92 1.45
CA THR A 20 -7.26 14.83 2.79
C THR A 20 -6.32 15.46 3.82
N ALA A 21 -6.79 16.50 4.52
CA ALA A 21 -6.02 17.22 5.53
C ALA A 21 -5.93 16.49 6.89
N THR A 22 -6.91 15.63 7.20
CA THR A 22 -7.03 14.88 8.46
C THR A 22 -6.06 13.69 8.47
N SER A 23 -5.36 13.50 9.58
CA SER A 23 -4.42 12.38 9.77
C SER A 23 -5.12 11.00 9.92
N ASN A 24 -4.45 9.94 9.49
CA ASN A 24 -4.94 8.55 9.56
C ASN A 24 -3.79 7.52 9.51
N TYR A 25 -4.08 6.27 9.90
CA TYR A 25 -3.13 5.16 9.79
C TYR A 25 -2.99 4.65 8.35
N ILE A 26 -1.76 4.28 7.98
CA ILE A 26 -1.40 3.57 6.74
C ILE A 26 -1.23 2.09 7.10
N HIS A 27 -1.84 1.18 6.35
CA HIS A 27 -1.88 -0.24 6.66
C HIS A 27 -1.15 -1.06 5.57
N ILE A 28 -0.10 -1.79 5.95
CA ILE A 28 0.66 -2.69 5.05
C ILE A 28 0.35 -4.13 5.46
N ARG A 29 -0.42 -4.82 4.61
CA ARG A 29 -1.04 -6.13 4.83
C ARG A 29 -0.51 -7.18 3.85
N ILE A 30 -0.91 -8.44 3.97
CA ILE A 30 -0.68 -9.49 2.95
C ILE A 30 -2.02 -9.92 2.32
N GLN A 31 -1.98 -10.29 1.04
CA GLN A 31 -3.06 -10.88 0.26
C GLN A 31 -2.56 -12.18 -0.38
N GLN A 32 -3.41 -13.20 -0.45
CA GLN A 32 -3.08 -14.51 -1.03
C GLN A 32 -3.49 -14.58 -2.51
N ARG A 33 -2.78 -15.41 -3.29
CA ARG A 33 -3.06 -15.75 -4.69
C ARG A 33 -2.86 -17.27 -4.92
N ASN A 34 -3.32 -17.78 -6.06
CA ASN A 34 -3.26 -19.21 -6.40
C ASN A 34 -1.83 -19.78 -6.38
N GLY A 35 -1.69 -21.04 -5.93
CA GLY A 35 -0.38 -21.71 -5.78
C GLY A 35 0.40 -21.17 -4.58
N ARG A 36 1.72 -21.00 -4.74
CA ARG A 36 2.65 -20.46 -3.74
C ARG A 36 2.69 -18.91 -3.70
N LYS A 37 1.94 -18.23 -4.56
CA LYS A 37 2.01 -16.77 -4.76
C LYS A 37 1.43 -15.97 -3.58
N THR A 38 2.20 -14.97 -3.11
CA THR A 38 1.85 -14.05 -2.00
C THR A 38 2.08 -12.61 -2.45
N LEU A 39 1.19 -11.70 -2.04
CA LEU A 39 1.28 -10.27 -2.32
C LEU A 39 1.25 -9.44 -1.03
N THR A 40 1.94 -8.30 -1.03
CA THR A 40 1.85 -7.25 0.00
C THR A 40 0.87 -6.20 -0.50
N THR A 41 -0.10 -5.81 0.33
CA THR A 41 -1.17 -4.86 0.00
C THR A 41 -1.06 -3.60 0.84
N VAL A 42 -0.94 -2.46 0.17
CA VAL A 42 -0.80 -1.13 0.81
C VAL A 42 -2.14 -0.40 0.75
N GLN A 43 -2.63 0.01 1.92
CA GLN A 43 -3.92 0.67 2.15
C GLN A 43 -3.71 1.94 2.99
N GLY A 44 -4.57 2.96 2.82
CA GLY A 44 -4.63 4.13 3.71
C GLY A 44 -3.56 5.20 3.48
N VAL A 45 -2.59 4.97 2.60
CA VAL A 45 -1.57 5.98 2.21
C VAL A 45 -2.27 7.26 1.69
N PRO A 46 -1.91 8.46 2.19
CA PRO A 46 -2.47 9.74 1.75
C PRO A 46 -2.39 9.92 0.24
N GLU A 47 -3.43 10.52 -0.35
CA GLU A 47 -3.56 10.65 -1.82
C GLU A 47 -2.67 11.75 -2.41
N GLU A 48 -2.06 12.60 -1.57
CA GLU A 48 -1.01 13.53 -1.98
C GLU A 48 0.29 12.81 -2.39
N TYR A 49 0.50 11.57 -1.93
CA TYR A 49 1.55 10.66 -2.39
C TYR A 49 1.01 9.80 -3.55
N ASP A 50 1.42 10.14 -4.77
CA ASP A 50 0.87 9.54 -6.00
C ASP A 50 1.18 8.04 -6.11
N LEU A 51 0.13 7.23 -6.30
CA LEU A 51 0.22 5.77 -6.28
C LEU A 51 1.11 5.24 -7.42
N LYS A 52 1.03 5.81 -8.62
CA LYS A 52 1.88 5.47 -9.75
C LYS A 52 3.36 5.82 -9.47
N ARG A 53 3.64 6.94 -8.80
CA ARG A 53 4.98 7.31 -8.33
C ARG A 53 5.53 6.35 -7.26
N ILE A 54 4.67 5.83 -6.37
CA ILE A 54 5.03 4.73 -5.45
C ILE A 54 5.51 3.52 -6.26
N LEU A 55 4.79 3.10 -7.31
CA LEU A 55 5.23 2.01 -8.20
C LEU A 55 6.60 2.31 -8.84
N LYS A 56 6.84 3.55 -9.30
CA LYS A 56 8.14 3.93 -9.89
C LYS A 56 9.31 3.74 -8.91
N VAL A 57 9.14 4.09 -7.64
CA VAL A 57 10.19 3.90 -6.61
C VAL A 57 10.38 2.42 -6.27
N LEU A 58 9.30 1.67 -6.05
CA LEU A 58 9.37 0.28 -5.60
C LEU A 58 9.88 -0.68 -6.71
N LYS A 59 9.60 -0.39 -7.99
CA LYS A 59 10.18 -1.15 -9.11
C LYS A 59 11.64 -0.79 -9.38
N LYS A 60 12.07 0.45 -9.09
CA LYS A 60 13.44 0.93 -9.32
C LYS A 60 14.41 0.55 -8.18
N ASP A 61 14.16 1.03 -6.96
CA ASP A 61 15.09 0.96 -5.83
C ASP A 61 15.06 -0.40 -5.11
N PHE A 62 13.86 -0.98 -4.95
CA PHE A 62 13.64 -2.28 -4.30
C PHE A 62 13.62 -3.46 -5.30
N ALA A 63 13.63 -3.16 -6.61
CA ALA A 63 13.58 -4.15 -7.70
C ALA A 63 12.34 -5.07 -7.65
N CYS A 64 11.24 -4.58 -7.08
CA CYS A 64 9.98 -5.33 -6.91
C CYS A 64 9.11 -5.27 -8.18
N ASN A 65 7.90 -5.82 -8.10
CA ASN A 65 6.85 -5.66 -9.12
C ASN A 65 5.49 -5.46 -8.43
N GLY A 66 4.62 -4.64 -9.03
CA GLY A 66 3.39 -4.16 -8.41
C GLY A 66 2.42 -3.46 -9.35
N ASN A 67 1.22 -3.18 -8.81
CA ASN A 67 0.05 -2.71 -9.54
C ASN A 67 -1.02 -2.09 -8.61
N ILE A 68 -1.91 -1.26 -9.13
CA ILE A 68 -3.01 -0.62 -8.37
C ILE A 68 -4.31 -1.39 -8.60
N VAL A 69 -5.11 -1.62 -7.55
CA VAL A 69 -6.37 -2.38 -7.59
C VAL A 69 -7.41 -1.73 -6.66
N LYS A 70 -8.69 -1.73 -7.04
CA LYS A 70 -9.80 -1.37 -6.15
C LYS A 70 -10.51 -2.67 -5.70
N ASP A 71 -10.27 -3.09 -4.46
CA ASP A 71 -10.79 -4.31 -3.86
C ASP A 71 -12.20 -4.09 -3.24
N PRO A 72 -13.11 -5.10 -3.26
CA PRO A 72 -14.42 -5.00 -2.62
C PRO A 72 -14.38 -4.75 -1.10
N GLU A 73 -13.35 -5.26 -0.40
CA GLU A 73 -13.20 -5.19 1.06
C GLU A 73 -12.06 -4.27 1.49
N MET A 74 -10.88 -4.41 0.88
CA MET A 74 -9.69 -3.61 1.19
C MET A 74 -9.72 -2.20 0.57
N GLY A 75 -10.56 -1.95 -0.44
CA GLY A 75 -10.67 -0.65 -1.13
C GLY A 75 -9.55 -0.42 -2.14
N GLU A 76 -9.28 0.85 -2.48
CA GLU A 76 -8.22 1.23 -3.39
C GLU A 76 -6.83 1.02 -2.74
N ILE A 77 -6.02 0.15 -3.35
CA ILE A 77 -4.75 -0.39 -2.81
C ILE A 77 -3.69 -0.61 -3.89
N ILE A 78 -2.42 -0.57 -3.46
CA ILE A 78 -1.28 -1.04 -4.25
C ILE A 78 -0.96 -2.47 -3.81
N GLN A 79 -0.73 -3.36 -4.77
CA GLN A 79 -0.20 -4.71 -4.58
C GLN A 79 1.30 -4.69 -4.97
N LEU A 80 2.13 -5.41 -4.21
CA LEU A 80 3.54 -5.67 -4.50
C LEU A 80 3.79 -7.18 -4.38
N GLN A 81 4.62 -7.78 -5.23
CA GLN A 81 4.91 -9.23 -5.16
C GLN A 81 5.82 -9.57 -3.97
N GLY A 82 5.52 -10.68 -3.27
CA GLY A 82 6.24 -11.15 -2.08
C GLY A 82 5.76 -10.53 -0.78
N ASP A 83 6.49 -10.81 0.31
CA ASP A 83 6.30 -10.17 1.63
C ASP A 83 7.27 -8.97 1.77
N GLN A 84 6.75 -7.77 1.53
CA GLN A 84 7.49 -6.51 1.49
C GLN A 84 7.04 -5.52 2.57
N ARG A 85 6.35 -6.02 3.62
CA ARG A 85 5.76 -5.20 4.69
C ARG A 85 6.76 -4.22 5.31
N ALA A 86 7.88 -4.74 5.81
CA ALA A 86 8.97 -3.94 6.39
C ALA A 86 9.66 -3.04 5.35
N LYS A 87 9.83 -3.53 4.11
CA LYS A 87 10.48 -2.78 3.03
C LYS A 87 9.65 -1.57 2.59
N VAL A 88 8.34 -1.73 2.42
CA VAL A 88 7.42 -0.62 2.09
C VAL A 88 7.25 0.32 3.29
N CYS A 89 7.25 -0.18 4.52
CA CYS A 89 7.29 0.66 5.73
C CYS A 89 8.52 1.59 5.71
N GLU A 90 9.70 1.04 5.43
CA GLU A 90 10.94 1.81 5.28
C GLU A 90 10.88 2.84 4.13
N PHE A 91 10.26 2.52 2.98
CA PHE A 91 10.06 3.48 1.89
C PHE A 91 9.23 4.68 2.34
N MET A 92 8.09 4.42 2.98
CA MET A 92 7.16 5.44 3.48
C MET A 92 7.87 6.38 4.47
N ILE A 93 8.72 5.83 5.36
CA ILE A 93 9.44 6.61 6.37
C ILE A 93 10.61 7.38 5.75
N SER A 94 11.47 6.72 4.98
CA SER A 94 12.75 7.26 4.51
C SER A 94 12.70 8.03 3.18
N GLN A 95 11.62 7.93 2.39
CA GLN A 95 11.46 8.68 1.14
C GLN A 95 10.29 9.66 1.15
N LEU A 96 9.14 9.31 1.74
CA LEU A 96 7.97 10.21 1.83
C LEU A 96 8.00 11.13 3.07
N GLY A 97 8.85 10.81 4.05
CA GLY A 97 8.99 11.57 5.30
C GLY A 97 7.92 11.25 6.34
N LEU A 98 7.17 10.16 6.17
CA LEU A 98 6.14 9.73 7.12
C LEU A 98 6.79 9.26 8.43
N GLN A 99 6.09 9.39 9.55
CA GLN A 99 6.60 8.94 10.85
C GLN A 99 6.24 7.47 11.06
N LYS A 100 7.10 6.70 11.72
CA LYS A 100 6.89 5.25 11.93
C LYS A 100 5.54 4.95 12.62
N LYS A 101 5.13 5.81 13.57
CA LYS A 101 3.85 5.74 14.28
C LYS A 101 2.60 5.90 13.38
N ASN A 102 2.73 6.43 12.15
CA ASN A 102 1.62 6.49 11.19
C ASN A 102 1.32 5.13 10.52
N ILE A 103 2.21 4.14 10.63
CA ILE A 103 2.14 2.89 9.86
C ILE A 103 1.82 1.70 10.76
N LYS A 104 0.80 0.92 10.37
CA LYS A 104 0.43 -0.37 10.92
C LYS A 104 0.89 -1.50 9.96
N ILE A 105 1.51 -2.54 10.51
CA ILE A 105 1.89 -3.76 9.77
C ILE A 105 0.99 -4.92 10.25
N HIS A 106 0.39 -5.63 9.29
CA HIS A 106 -0.55 -6.73 9.53
C HIS A 106 -0.05 -8.07 8.91
N GLY A 107 -0.81 -9.15 9.11
CA GLY A 107 -0.52 -10.49 8.55
C GLY A 107 -1.32 -10.80 7.28
N PHE A 108 -1.52 -12.10 7.06
CA PHE A 108 -2.29 -12.70 5.95
C PHE A 108 -3.83 -12.55 6.10
N MET A 1 -51.09 4.74 -12.96
CA MET A 1 -49.69 4.94 -12.47
C MET A 1 -49.02 3.61 -12.03
N SER A 2 -47.69 3.55 -12.07
CA SER A 2 -46.89 2.33 -11.76
C SER A 2 -45.62 2.68 -10.96
N ILE A 3 -45.11 1.72 -10.19
CA ILE A 3 -43.83 1.85 -9.45
C ILE A 3 -42.62 1.45 -10.33
N GLU A 4 -41.45 2.03 -10.05
CA GLU A 4 -40.18 1.76 -10.71
C GLU A 4 -38.99 2.18 -9.83
N ASN A 5 -37.82 1.56 -10.04
CA ASN A 5 -36.60 1.84 -9.29
C ASN A 5 -35.91 3.15 -9.70
N LEU A 6 -35.12 3.72 -8.77
CA LEU A 6 -34.20 4.84 -9.03
C LEU A 6 -32.88 4.36 -9.69
N LYS A 7 -32.04 5.31 -10.12
CA LYS A 7 -30.78 5.02 -10.84
C LYS A 7 -29.63 4.55 -9.92
N SER A 8 -28.44 4.37 -10.49
CA SER A 8 -27.19 4.05 -9.75
C SER A 8 -26.67 5.23 -8.91
N PHE A 9 -25.90 4.91 -7.86
CA PHE A 9 -25.28 5.87 -6.94
C PHE A 9 -24.12 6.65 -7.59
N ASP A 10 -23.82 7.85 -7.06
CA ASP A 10 -22.73 8.72 -7.49
C ASP A 10 -21.63 8.82 -6.39
N PRO A 11 -20.66 7.88 -6.34
CA PRO A 11 -19.59 7.88 -5.34
C PRO A 11 -18.61 9.05 -5.50
N PHE A 12 -18.48 9.60 -6.71
CA PHE A 12 -17.49 10.63 -7.04
C PHE A 12 -18.05 12.07 -6.92
N ALA A 13 -19.30 12.22 -6.46
CA ALA A 13 -19.94 13.51 -6.20
C ALA A 13 -19.42 14.22 -4.93
N ASP A 14 -18.76 13.49 -4.02
CA ASP A 14 -18.14 14.04 -2.81
C ASP A 14 -16.90 14.90 -3.14
N THR A 15 -16.87 16.12 -2.60
CA THR A 15 -15.78 17.10 -2.75
C THR A 15 -14.65 16.90 -1.74
N GLY A 16 -14.88 16.16 -0.64
CA GLY A 16 -13.87 15.87 0.39
C GLY A 16 -13.58 17.07 1.29
N ASP A 17 -12.33 17.17 1.74
CA ASP A 17 -11.80 18.24 2.61
C ASP A 17 -10.38 18.67 2.17
N ASP A 18 -10.00 19.91 2.52
CA ASP A 18 -8.69 20.50 2.16
C ASP A 18 -7.51 19.90 2.96
N GLU A 19 -7.79 19.22 4.08
CA GLU A 19 -6.84 18.54 4.95
C GLU A 19 -7.55 17.51 5.85
N THR A 20 -6.80 16.52 6.35
CA THR A 20 -7.30 15.47 7.25
C THR A 20 -7.41 16.00 8.69
N ALA A 21 -8.54 15.72 9.35
CA ALA A 21 -8.82 16.16 10.72
C ALA A 21 -8.03 15.37 11.79
N THR A 22 -7.54 14.17 11.44
CA THR A 22 -6.78 13.24 12.29
C THR A 22 -5.62 12.62 11.50
N SER A 23 -4.62 12.10 12.20
CA SER A 23 -3.47 11.40 11.61
C SER A 23 -3.88 9.99 11.12
N ASN A 24 -4.28 9.89 9.84
CA ASN A 24 -4.75 8.63 9.22
C ASN A 24 -3.62 7.60 9.10
N TYR A 25 -3.91 6.33 9.43
CA TYR A 25 -2.94 5.24 9.39
C TYR A 25 -2.71 4.67 7.98
N ILE A 26 -1.45 4.34 7.68
CA ILE A 26 -1.05 3.56 6.49
C ILE A 26 -1.02 2.10 6.91
N HIS A 27 -1.74 1.23 6.20
CA HIS A 27 -1.83 -0.20 6.50
C HIS A 27 -1.11 -1.04 5.45
N ILE A 28 -0.18 -1.90 5.88
CA ILE A 28 0.52 -2.86 5.02
C ILE A 28 0.16 -4.28 5.49
N ARG A 29 -0.47 -5.05 4.61
CA ARG A 29 -1.01 -6.40 4.87
C ARG A 29 -0.54 -7.40 3.80
N ILE A 30 -0.86 -8.68 3.96
CA ILE A 30 -0.53 -9.72 2.97
C ILE A 30 -1.82 -10.42 2.49
N GLN A 31 -1.90 -10.66 1.19
CA GLN A 31 -2.96 -11.36 0.49
C GLN A 31 -2.66 -12.87 0.47
N GLN A 32 -3.62 -13.70 0.89
CA GLN A 32 -3.50 -15.15 0.91
C GLN A 32 -3.57 -15.74 -0.52
N ARG A 33 -2.69 -16.70 -0.81
CA ARG A 33 -2.60 -17.35 -2.14
C ARG A 33 -3.60 -18.49 -2.33
N ASN A 34 -3.94 -18.71 -3.60
CA ASN A 34 -4.80 -19.80 -4.13
C ASN A 34 -4.63 -19.79 -5.67
N GLY A 35 -5.59 -19.23 -6.42
CA GLY A 35 -5.42 -18.92 -7.86
C GLY A 35 -4.60 -17.64 -8.05
N ARG A 36 -4.68 -16.71 -7.07
CA ARG A 36 -3.84 -15.52 -6.92
C ARG A 36 -2.52 -15.84 -6.18
N LYS A 37 -1.50 -15.02 -6.42
CA LYS A 37 -0.20 -15.06 -5.71
C LYS A 37 -0.28 -14.49 -4.26
N THR A 38 0.79 -14.66 -3.49
CA THR A 38 1.01 -13.97 -2.21
C THR A 38 1.53 -12.58 -2.53
N LEU A 39 0.78 -11.55 -2.12
CA LEU A 39 1.03 -10.15 -2.45
C LEU A 39 0.98 -9.29 -1.18
N THR A 40 1.79 -8.23 -1.11
CA THR A 40 1.74 -7.20 -0.07
C THR A 40 0.77 -6.11 -0.51
N THR A 41 -0.34 -5.93 0.22
CA THR A 41 -1.38 -4.94 -0.05
C THR A 41 -1.16 -3.69 0.81
N VAL A 42 -1.11 -2.54 0.16
CA VAL A 42 -0.87 -1.22 0.78
C VAL A 42 -2.13 -0.38 0.67
N GLN A 43 -2.56 0.19 1.79
CA GLN A 43 -3.80 0.97 1.96
C GLN A 43 -3.53 2.17 2.88
N GLY A 44 -4.34 3.24 2.81
CA GLY A 44 -4.35 4.33 3.80
C GLY A 44 -3.26 5.39 3.65
N VAL A 45 -2.31 5.21 2.72
CA VAL A 45 -1.33 6.25 2.32
C VAL A 45 -2.07 7.54 1.90
N PRO A 46 -1.67 8.73 2.40
CA PRO A 46 -2.29 10.00 2.05
C PRO A 46 -2.37 10.24 0.55
N GLU A 47 -3.49 10.83 0.09
CA GLU A 47 -3.81 10.95 -1.34
C GLU A 47 -2.91 11.97 -2.09
N GLU A 48 -2.18 12.82 -1.35
CA GLU A 48 -1.16 13.71 -1.91
C GLU A 48 0.06 12.96 -2.49
N TYR A 49 0.28 11.71 -2.08
CA TYR A 49 1.30 10.82 -2.63
C TYR A 49 0.72 9.99 -3.79
N ASP A 50 1.25 10.19 -5.01
CA ASP A 50 0.82 9.50 -6.22
C ASP A 50 1.20 8.01 -6.18
N LEU A 51 0.19 7.13 -6.28
CA LEU A 51 0.36 5.67 -6.22
C LEU A 51 1.27 5.16 -7.35
N LYS A 52 1.18 5.75 -8.55
CA LYS A 52 2.06 5.44 -9.69
C LYS A 52 3.53 5.76 -9.39
N ARG A 53 3.81 6.78 -8.56
CA ARG A 53 5.17 7.07 -8.05
C ARG A 53 5.63 6.05 -7.01
N ILE A 54 4.72 5.57 -6.15
CA ILE A 54 5.01 4.44 -5.23
C ILE A 54 5.43 3.22 -6.06
N LEU A 55 4.70 2.88 -7.12
CA LEU A 55 5.12 1.83 -8.06
C LEU A 55 6.52 2.11 -8.64
N LYS A 56 6.79 3.32 -9.13
CA LYS A 56 8.05 3.68 -9.75
C LYS A 56 9.25 3.50 -8.80
N VAL A 57 9.12 3.98 -7.56
CA VAL A 57 10.19 3.84 -6.55
C VAL A 57 10.42 2.38 -6.17
N LEU A 58 9.35 1.63 -5.88
CA LEU A 58 9.46 0.22 -5.45
C LEU A 58 9.96 -0.70 -6.58
N LYS A 59 9.72 -0.35 -7.85
CA LYS A 59 10.29 -1.09 -9.00
C LYS A 59 11.75 -0.74 -9.30
N LYS A 60 12.16 0.53 -9.14
CA LYS A 60 13.53 0.98 -9.45
C LYS A 60 14.54 0.77 -8.30
N ASP A 61 14.20 1.16 -7.07
CA ASP A 61 15.13 1.14 -5.91
C ASP A 61 15.07 -0.17 -5.11
N PHE A 62 13.88 -0.74 -4.93
CA PHE A 62 13.67 -2.02 -4.23
C PHE A 62 13.66 -3.24 -5.17
N ALA A 63 13.66 -3.02 -6.50
CA ALA A 63 13.67 -4.06 -7.55
C ALA A 63 12.44 -5.01 -7.48
N CYS A 64 11.31 -4.53 -6.96
CA CYS A 64 10.07 -5.30 -6.81
C CYS A 64 9.20 -5.23 -8.08
N ASN A 65 7.99 -5.78 -8.01
CA ASN A 65 6.95 -5.64 -9.05
C ASN A 65 5.58 -5.45 -8.39
N GLY A 66 4.69 -4.66 -9.02
CA GLY A 66 3.41 -4.26 -8.42
C GLY A 66 2.46 -3.52 -9.35
N ASN A 67 1.24 -3.29 -8.85
CA ASN A 67 0.13 -2.65 -9.57
C ASN A 67 -0.93 -2.05 -8.62
N ILE A 68 -1.79 -1.17 -9.13
CA ILE A 68 -2.90 -0.54 -8.40
C ILE A 68 -4.21 -1.29 -8.70
N VAL A 69 -5.02 -1.58 -7.67
CA VAL A 69 -6.35 -2.21 -7.78
C VAL A 69 -7.35 -1.42 -6.96
N LYS A 70 -8.56 -1.24 -7.48
CA LYS A 70 -9.71 -0.70 -6.72
C LYS A 70 -10.68 -1.83 -6.35
N ASP A 71 -10.58 -2.31 -5.11
CA ASP A 71 -11.31 -3.47 -4.59
C ASP A 71 -12.71 -3.07 -4.05
N PRO A 72 -13.75 -3.93 -4.17
CA PRO A 72 -15.08 -3.67 -3.61
C PRO A 72 -15.10 -3.47 -2.09
N GLU A 73 -14.20 -4.11 -1.35
CA GLU A 73 -14.12 -4.07 0.12
C GLU A 73 -12.88 -3.31 0.63
N MET A 74 -11.71 -3.62 0.06
CA MET A 74 -10.42 -3.02 0.46
C MET A 74 -10.19 -1.61 -0.13
N GLY A 75 -10.97 -1.19 -1.13
CA GLY A 75 -10.85 0.12 -1.79
C GLY A 75 -9.62 0.20 -2.71
N GLU A 76 -9.16 1.42 -2.99
CA GLU A 76 -7.99 1.68 -3.81
C GLU A 76 -6.70 1.31 -3.06
N ILE A 77 -5.96 0.31 -3.58
CA ILE A 77 -4.78 -0.31 -2.96
C ILE A 77 -3.69 -0.60 -3.99
N ILE A 78 -2.44 -0.59 -3.52
CA ILE A 78 -1.29 -1.11 -4.29
C ILE A 78 -1.02 -2.55 -3.82
N GLN A 79 -0.76 -3.44 -4.78
CA GLN A 79 -0.25 -4.78 -4.57
C GLN A 79 1.23 -4.80 -4.98
N LEU A 80 2.11 -5.38 -4.15
CA LEU A 80 3.51 -5.66 -4.47
C LEU A 80 3.71 -7.18 -4.40
N GLN A 81 4.50 -7.78 -5.30
CA GLN A 81 4.73 -9.23 -5.31
C GLN A 81 5.58 -9.68 -4.12
N GLY A 82 5.17 -10.77 -3.44
CA GLY A 82 5.84 -11.32 -2.26
C GLY A 82 5.41 -10.66 -0.94
N ASP A 83 6.20 -10.90 0.11
CA ASP A 83 6.04 -10.30 1.45
C ASP A 83 7.07 -9.18 1.66
N GLN A 84 6.63 -7.92 1.52
CA GLN A 84 7.47 -6.72 1.47
C GLN A 84 7.10 -5.68 2.54
N ARG A 85 6.44 -6.10 3.61
CA ARG A 85 5.87 -5.21 4.62
C ARG A 85 6.88 -4.31 5.34
N ALA A 86 8.04 -4.85 5.74
CA ALA A 86 9.14 -4.09 6.33
C ALA A 86 9.77 -3.12 5.30
N LYS A 87 9.93 -3.56 4.05
CA LYS A 87 10.47 -2.75 2.95
C LYS A 87 9.56 -1.56 2.62
N VAL A 88 8.25 -1.79 2.48
CA VAL A 88 7.29 -0.70 2.21
C VAL A 88 7.14 0.24 3.40
N CYS A 89 7.22 -0.26 4.65
CA CYS A 89 7.30 0.59 5.84
C CYS A 89 8.50 1.54 5.77
N GLU A 90 9.69 1.00 5.49
CA GLU A 90 10.90 1.78 5.30
C GLU A 90 10.79 2.80 4.15
N PHE A 91 10.12 2.48 3.03
CA PHE A 91 9.87 3.41 1.93
C PHE A 91 9.05 4.63 2.40
N MET A 92 7.93 4.38 3.09
CA MET A 92 7.03 5.42 3.60
C MET A 92 7.78 6.36 4.56
N ILE A 93 8.69 5.84 5.39
CA ILE A 93 9.45 6.62 6.37
C ILE A 93 10.60 7.39 5.69
N SER A 94 11.42 6.72 4.90
CA SER A 94 12.66 7.28 4.36
C SER A 94 12.50 8.11 3.08
N GLN A 95 11.50 7.82 2.23
CA GLN A 95 11.28 8.53 0.97
C GLN A 95 10.12 9.53 1.04
N LEU A 96 8.98 9.15 1.64
CA LEU A 96 7.82 10.05 1.76
C LEU A 96 7.87 10.95 3.00
N GLY A 97 8.67 10.58 4.02
CA GLY A 97 8.81 11.32 5.28
C GLY A 97 7.69 11.03 6.29
N LEU A 98 6.92 9.96 6.09
CA LEU A 98 5.82 9.57 6.99
C LEU A 98 6.37 9.06 8.33
N GLN A 99 5.66 9.32 9.42
CA GLN A 99 6.09 8.98 10.78
C GLN A 99 5.95 7.47 11.03
N LYS A 100 6.90 6.85 11.73
CA LYS A 100 6.90 5.41 12.02
C LYS A 100 5.59 4.96 12.69
N LYS A 101 5.09 5.72 13.67
CA LYS A 101 3.86 5.40 14.44
C LYS A 101 2.58 5.40 13.58
N ASN A 102 2.58 6.12 12.45
CA ASN A 102 1.43 6.22 11.53
C ASN A 102 1.29 4.98 10.62
N ILE A 103 2.24 4.03 10.65
CA ILE A 103 2.23 2.82 9.82
C ILE A 103 1.87 1.60 10.68
N LYS A 104 0.91 0.81 10.19
CA LYS A 104 0.49 -0.48 10.74
C LYS A 104 0.93 -1.63 9.83
N ILE A 105 1.60 -2.63 10.38
CA ILE A 105 1.91 -3.90 9.69
C ILE A 105 1.02 -5.00 10.30
N HIS A 106 0.17 -5.62 9.48
CA HIS A 106 -0.83 -6.61 9.93
C HIS A 106 -0.45 -8.07 9.61
N GLY A 107 0.36 -8.30 8.56
CA GLY A 107 0.61 -9.64 8.01
C GLY A 107 -0.61 -10.16 7.24
N PHE A 108 -0.79 -11.48 7.21
CA PHE A 108 -2.01 -12.13 6.67
C PHE A 108 -3.27 -11.87 7.54
N MET A 1 -35.20 -38.36 13.32
CA MET A 1 -34.73 -39.14 12.12
C MET A 1 -33.71 -38.36 11.26
N SER A 2 -32.80 -39.04 10.57
CA SER A 2 -31.81 -38.43 9.67
C SER A 2 -32.41 -38.06 8.28
N ILE A 3 -31.60 -37.45 7.41
CA ILE A 3 -31.98 -36.93 6.08
C ILE A 3 -30.91 -37.23 5.02
N GLU A 4 -31.31 -37.20 3.74
CA GLU A 4 -30.40 -37.33 2.59
C GLU A 4 -29.59 -36.04 2.33
N ASN A 5 -28.50 -36.14 1.56
CA ASN A 5 -27.64 -35.02 1.20
C ASN A 5 -28.40 -33.92 0.42
N LEU A 6 -28.13 -32.65 0.74
CA LEU A 6 -28.78 -31.46 0.18
C LEU A 6 -27.87 -30.23 0.29
N LYS A 7 -28.00 -29.29 -0.65
CA LYS A 7 -27.23 -28.04 -0.73
C LYS A 7 -27.98 -26.94 -1.50
N SER A 8 -27.52 -25.69 -1.43
CA SER A 8 -28.11 -24.52 -2.11
C SER A 8 -27.12 -23.34 -2.18
N PHE A 9 -27.47 -22.30 -2.94
CA PHE A 9 -26.69 -21.07 -3.12
C PHE A 9 -26.94 -20.01 -2.03
N ASP A 10 -26.20 -18.91 -2.06
CA ASP A 10 -26.25 -17.84 -1.05
C ASP A 10 -27.63 -17.13 -0.98
N PRO A 11 -28.09 -16.70 0.22
CA PRO A 11 -29.41 -16.10 0.40
C PRO A 11 -29.52 -14.67 -0.14
N PHE A 12 -28.40 -13.95 -0.29
CA PHE A 12 -28.28 -12.58 -0.76
C PHE A 12 -26.79 -12.21 -0.94
N ALA A 13 -26.55 -11.12 -1.68
CA ALA A 13 -25.25 -10.51 -1.93
C ALA A 13 -25.39 -9.01 -2.24
N ASP A 14 -24.33 -8.23 -2.00
CA ASP A 14 -24.27 -6.77 -2.09
C ASP A 14 -22.83 -6.23 -2.06
N THR A 15 -22.66 -4.93 -2.33
CA THR A 15 -21.38 -4.21 -2.33
C THR A 15 -21.59 -2.69 -2.19
N GLY A 16 -20.56 -1.97 -1.74
CA GLY A 16 -20.56 -0.53 -1.51
C GLY A 16 -19.75 0.27 -2.55
N ASP A 17 -19.59 1.57 -2.28
CA ASP A 17 -18.81 2.52 -3.09
C ASP A 17 -18.37 3.72 -2.25
N ASP A 18 -17.08 4.09 -2.32
CA ASP A 18 -16.42 5.15 -1.55
C ASP A 18 -15.00 5.42 -2.10
N GLU A 19 -14.38 6.54 -1.72
CA GLU A 19 -12.99 6.86 -2.08
C GLU A 19 -11.94 6.05 -1.29
N THR A 20 -12.27 5.60 -0.07
CA THR A 20 -11.53 4.65 0.81
C THR A 20 -10.17 5.10 1.35
N ALA A 21 -9.53 6.10 0.72
CA ALA A 21 -8.24 6.66 1.13
C ALA A 21 -8.27 7.53 2.41
N THR A 22 -9.42 7.60 3.10
CA THR A 22 -9.72 8.45 4.26
C THR A 22 -9.08 8.00 5.57
N SER A 23 -8.52 6.79 5.64
CA SER A 23 -7.92 6.21 6.85
C SER A 23 -6.80 7.07 7.48
N ASN A 24 -6.78 7.17 8.81
CA ASN A 24 -5.77 7.95 9.56
C ASN A 24 -4.38 7.27 9.62
N TYR A 25 -4.32 5.96 9.33
CA TYR A 25 -3.09 5.15 9.26
C TYR A 25 -2.86 4.55 7.87
N ILE A 26 -1.59 4.32 7.53
CA ILE A 26 -1.20 3.51 6.38
C ILE A 26 -1.15 2.05 6.85
N HIS A 27 -2.00 1.20 6.30
CA HIS A 27 -2.07 -0.21 6.64
C HIS A 27 -1.33 -1.04 5.58
N ILE A 28 -0.20 -1.65 5.93
CA ILE A 28 0.58 -2.53 5.04
C ILE A 28 0.28 -3.98 5.42
N ARG A 29 -0.58 -4.61 4.61
CA ARG A 29 -1.19 -5.93 4.82
C ARG A 29 -0.57 -6.96 3.86
N ILE A 30 -0.94 -8.23 4.01
CA ILE A 30 -0.65 -9.30 3.03
C ILE A 30 -1.99 -9.91 2.59
N GLN A 31 -2.11 -10.19 1.29
CA GLN A 31 -3.34 -10.64 0.63
C GLN A 31 -3.57 -12.14 0.91
N GLN A 32 -4.84 -12.55 1.09
CA GLN A 32 -5.20 -13.95 1.34
C GLN A 32 -5.06 -14.77 0.05
N ARG A 33 -3.98 -15.55 -0.04
CA ARG A 33 -3.64 -16.33 -1.23
C ARG A 33 -4.47 -17.62 -1.32
N ASN A 34 -5.12 -17.82 -2.47
CA ASN A 34 -5.96 -18.98 -2.79
C ASN A 34 -5.23 -19.89 -3.80
N GLY A 35 -4.08 -20.44 -3.38
CA GLY A 35 -3.14 -21.21 -4.23
C GLY A 35 -2.24 -20.34 -5.12
N ARG A 36 -2.27 -19.01 -4.93
CA ARG A 36 -1.53 -18.00 -5.72
C ARG A 36 -0.24 -17.57 -5.01
N LYS A 37 0.60 -16.80 -5.71
CA LYS A 37 1.77 -16.12 -5.12
C LYS A 37 1.35 -15.03 -4.11
N THR A 38 2.23 -14.75 -3.12
CA THR A 38 2.01 -13.75 -2.06
C THR A 38 2.01 -12.34 -2.62
N LEU A 39 1.09 -11.49 -2.14
CA LEU A 39 1.05 -10.06 -2.45
C LEU A 39 0.97 -9.24 -1.15
N THR A 40 1.76 -8.16 -1.07
CA THR A 40 1.68 -7.13 -0.03
C THR A 40 0.72 -6.05 -0.49
N THR A 41 -0.31 -5.75 0.32
CA THR A 41 -1.40 -4.83 0.00
C THR A 41 -1.28 -3.56 0.84
N VAL A 42 -1.02 -2.43 0.19
CA VAL A 42 -0.90 -1.12 0.84
C VAL A 42 -2.23 -0.38 0.76
N GLN A 43 -2.77 0.00 1.92
CA GLN A 43 -4.04 0.68 2.12
C GLN A 43 -3.81 1.97 2.94
N GLY A 44 -4.65 2.99 2.75
CA GLY A 44 -4.69 4.18 3.63
C GLY A 44 -3.56 5.19 3.43
N VAL A 45 -2.69 5.01 2.43
CA VAL A 45 -1.67 5.99 2.04
C VAL A 45 -2.34 7.33 1.66
N PRO A 46 -1.86 8.49 2.17
CA PRO A 46 -2.39 9.81 1.87
C PRO A 46 -2.47 10.10 0.37
N GLU A 47 -3.55 10.74 -0.07
CA GLU A 47 -3.86 10.99 -1.48
C GLU A 47 -2.94 12.05 -2.15
N GLU A 48 -2.14 12.77 -1.36
CA GLU A 48 -1.09 13.68 -1.86
C GLU A 48 0.11 12.92 -2.46
N TYR A 49 0.29 11.63 -2.13
CA TYR A 49 1.29 10.75 -2.71
C TYR A 49 0.71 9.98 -3.93
N ASP A 50 1.34 10.15 -5.10
CA ASP A 50 0.92 9.48 -6.33
C ASP A 50 1.25 7.98 -6.29
N LEU A 51 0.21 7.15 -6.38
CA LEU A 51 0.34 5.68 -6.33
C LEU A 51 1.23 5.16 -7.48
N LYS A 52 1.14 5.77 -8.66
CA LYS A 52 1.98 5.44 -9.83
C LYS A 52 3.47 5.73 -9.56
N ARG A 53 3.82 6.79 -8.82
CA ARG A 53 5.18 7.06 -8.36
C ARG A 53 5.65 6.01 -7.34
N ILE A 54 4.76 5.55 -6.44
CA ILE A 54 5.05 4.46 -5.50
C ILE A 54 5.36 3.16 -6.27
N LEU A 55 4.64 2.85 -7.36
CA LEU A 55 5.01 1.75 -8.25
C LEU A 55 6.41 1.97 -8.84
N LYS A 56 6.67 3.12 -9.47
CA LYS A 56 7.95 3.42 -10.12
C LYS A 56 9.15 3.30 -9.16
N VAL A 57 9.07 3.90 -7.96
CA VAL A 57 10.19 3.91 -7.00
C VAL A 57 10.46 2.53 -6.38
N LEU A 58 9.42 1.72 -6.12
CA LEU A 58 9.59 0.35 -5.61
C LEU A 58 10.07 -0.62 -6.70
N LYS A 59 9.72 -0.39 -7.97
CA LYS A 59 10.28 -1.11 -9.12
C LYS A 59 11.75 -0.72 -9.41
N LYS A 60 12.15 0.52 -9.10
CA LYS A 60 13.52 1.03 -9.31
C LYS A 60 14.47 0.67 -8.16
N ASP A 61 14.20 1.14 -6.93
CA ASP A 61 15.13 1.06 -5.80
C ASP A 61 15.12 -0.31 -5.09
N PHE A 62 13.94 -0.91 -4.93
CA PHE A 62 13.76 -2.23 -4.32
C PHE A 62 13.78 -3.37 -5.35
N ALA A 63 13.79 -3.04 -6.65
CA ALA A 63 13.78 -3.99 -7.78
C ALA A 63 12.54 -4.91 -7.79
N CYS A 64 11.41 -4.43 -7.25
CA CYS A 64 10.20 -5.22 -7.00
C CYS A 64 9.22 -5.13 -8.20
N ASN A 65 7.95 -5.48 -8.00
CA ASN A 65 6.88 -5.33 -8.99
C ASN A 65 5.50 -5.23 -8.32
N GLY A 66 4.55 -4.55 -8.96
CA GLY A 66 3.24 -4.22 -8.40
C GLY A 66 2.28 -3.48 -9.33
N ASN A 67 1.06 -3.25 -8.83
CA ASN A 67 -0.05 -2.61 -9.55
C ASN A 67 -1.10 -2.01 -8.59
N ILE A 68 -1.99 -1.15 -9.11
CA ILE A 68 -3.07 -0.47 -8.33
C ILE A 68 -4.41 -1.17 -8.58
N VAL A 69 -5.19 -1.42 -7.51
CA VAL A 69 -6.50 -2.11 -7.55
C VAL A 69 -7.49 -1.40 -6.63
N LYS A 70 -8.77 -1.33 -7.01
CA LYS A 70 -9.87 -0.91 -6.12
C LYS A 70 -10.70 -2.14 -5.71
N ASP A 71 -10.46 -2.65 -4.50
CA ASP A 71 -11.05 -3.86 -3.95
C ASP A 71 -12.43 -3.60 -3.32
N PRO A 72 -13.41 -4.52 -3.40
CA PRO A 72 -14.72 -4.39 -2.76
C PRO A 72 -14.68 -4.19 -1.24
N GLU A 73 -13.69 -4.77 -0.56
CA GLU A 73 -13.56 -4.73 0.91
C GLU A 73 -12.37 -3.86 1.36
N MET A 74 -11.20 -4.06 0.74
CA MET A 74 -9.96 -3.35 1.07
C MET A 74 -9.86 -1.93 0.48
N GLY A 75 -10.67 -1.59 -0.53
CA GLY A 75 -10.69 -0.28 -1.18
C GLY A 75 -9.54 -0.07 -2.16
N GLU A 76 -9.21 1.20 -2.42
CA GLU A 76 -8.13 1.60 -3.31
C GLU A 76 -6.76 1.27 -2.68
N ILE A 77 -6.01 0.35 -3.30
CA ILE A 77 -4.79 -0.27 -2.77
C ILE A 77 -3.73 -0.51 -3.85
N ILE A 78 -2.47 -0.51 -3.42
CA ILE A 78 -1.32 -1.00 -4.22
C ILE A 78 -1.04 -2.45 -3.79
N GLN A 79 -0.89 -3.34 -4.76
CA GLN A 79 -0.38 -4.69 -4.57
C GLN A 79 1.10 -4.70 -4.98
N LEU A 80 1.98 -5.28 -4.16
CA LEU A 80 3.40 -5.50 -4.46
C LEU A 80 3.70 -7.02 -4.33
N GLN A 81 4.56 -7.57 -5.17
CA GLN A 81 4.88 -9.01 -5.16
C GLN A 81 5.73 -9.40 -3.94
N GLY A 82 5.35 -10.49 -3.26
CA GLY A 82 6.04 -11.03 -2.07
C GLY A 82 5.53 -10.42 -0.76
N ASP A 83 6.23 -10.72 0.33
CA ASP A 83 5.99 -10.24 1.70
C ASP A 83 6.90 -9.02 2.03
N GLN A 84 6.51 -7.86 1.52
CA GLN A 84 7.29 -6.61 1.53
C GLN A 84 6.87 -5.63 2.63
N ARG A 85 6.10 -6.11 3.62
CA ARG A 85 5.45 -5.25 4.62
C ARG A 85 6.43 -4.39 5.43
N ALA A 86 7.58 -4.94 5.82
CA ALA A 86 8.67 -4.20 6.48
C ALA A 86 9.41 -3.27 5.50
N LYS A 87 9.68 -3.73 4.28
CA LYS A 87 10.39 -2.96 3.25
C LYS A 87 9.59 -1.73 2.78
N VAL A 88 8.27 -1.86 2.59
CA VAL A 88 7.39 -0.74 2.24
C VAL A 88 7.21 0.21 3.44
N CYS A 89 7.16 -0.30 4.68
CA CYS A 89 7.19 0.56 5.88
C CYS A 89 8.45 1.45 5.90
N GLU A 90 9.61 0.85 5.67
CA GLU A 90 10.88 1.56 5.56
C GLU A 90 10.88 2.60 4.42
N PHE A 91 10.28 2.31 3.25
CA PHE A 91 10.15 3.28 2.15
C PHE A 91 9.35 4.52 2.58
N MET A 92 8.18 4.31 3.20
CA MET A 92 7.27 5.38 3.64
C MET A 92 7.97 6.30 4.67
N ILE A 93 8.77 5.73 5.57
CA ILE A 93 9.53 6.47 6.58
C ILE A 93 10.72 7.21 5.95
N SER A 94 11.49 6.52 5.10
CA SER A 94 12.78 7.02 4.61
C SER A 94 12.67 7.99 3.42
N GLN A 95 11.74 7.76 2.50
CA GLN A 95 11.65 8.52 1.24
C GLN A 95 10.53 9.56 1.25
N LEU A 96 9.35 9.25 1.83
CA LEU A 96 8.25 10.21 1.97
C LEU A 96 8.41 11.11 3.19
N GLY A 97 9.25 10.70 4.16
CA GLY A 97 9.52 11.44 5.41
C GLY A 97 8.44 11.24 6.47
N LEU A 98 7.59 10.21 6.34
CA LEU A 98 6.53 9.90 7.32
C LEU A 98 7.13 9.38 8.64
N GLN A 99 6.37 9.46 9.72
CA GLN A 99 6.76 8.92 11.02
C GLN A 99 6.35 7.45 11.11
N LYS A 100 7.13 6.61 11.81
CA LYS A 100 6.82 5.18 11.97
C LYS A 100 5.42 4.95 12.57
N LYS A 101 5.00 5.81 13.51
CA LYS A 101 3.68 5.79 14.14
C LYS A 101 2.49 6.10 13.21
N ASN A 102 2.71 6.57 11.97
CA ASN A 102 1.66 6.71 10.95
C ASN A 102 1.31 5.36 10.27
N ILE A 103 2.08 4.29 10.51
CA ILE A 103 2.01 3.02 9.76
C ILE A 103 1.62 1.87 10.69
N LYS A 104 0.72 1.01 10.23
CA LYS A 104 0.34 -0.27 10.83
C LYS A 104 0.78 -1.42 9.91
N ILE A 105 1.36 -2.49 10.48
CA ILE A 105 1.79 -3.69 9.75
C ILE A 105 0.88 -4.87 10.14
N HIS A 106 0.30 -5.54 9.15
CA HIS A 106 -0.60 -6.69 9.29
C HIS A 106 -0.12 -7.90 8.44
N GLY A 107 -1.03 -8.82 8.11
CA GLY A 107 -0.79 -9.96 7.20
C GLY A 107 -0.51 -11.28 7.94
N PHE A 108 0.27 -12.15 7.30
CA PHE A 108 0.57 -13.53 7.74
C PHE A 108 1.32 -13.61 9.09
N MET A 1 -32.18 -8.17 29.52
CA MET A 1 -30.78 -7.90 29.96
C MET A 1 -30.32 -6.45 29.68
N SER A 2 -29.63 -5.81 30.61
CA SER A 2 -29.11 -4.44 30.49
C SER A 2 -27.82 -4.34 29.64
N ILE A 3 -26.96 -5.36 29.73
CA ILE A 3 -25.76 -5.50 28.88
C ILE A 3 -26.18 -5.73 27.42
N GLU A 4 -25.53 -5.03 26.48
CA GLU A 4 -25.75 -5.04 25.01
C GLU A 4 -26.99 -4.22 24.57
N ASN A 5 -27.83 -3.74 25.50
CA ASN A 5 -29.02 -2.94 25.18
C ASN A 5 -28.66 -1.53 24.66
N LEU A 6 -29.40 -1.06 23.65
CA LEU A 6 -29.25 0.26 23.00
C LEU A 6 -30.51 0.65 22.20
N LYS A 7 -30.55 1.90 21.73
CA LYS A 7 -31.64 2.43 20.88
C LYS A 7 -31.21 2.47 19.40
N SER A 8 -32.08 2.00 18.50
CA SER A 8 -31.81 1.81 17.07
C SER A 8 -32.49 2.86 16.16
N PHE A 9 -33.07 3.92 16.73
CA PHE A 9 -33.94 4.90 16.05
C PHE A 9 -33.27 5.85 15.04
N ASP A 10 -31.94 5.76 14.86
CA ASP A 10 -31.18 6.47 13.81
C ASP A 10 -29.99 5.62 13.30
N PRO A 11 -29.63 5.70 12.00
CA PRO A 11 -28.54 4.91 11.43
C PRO A 11 -27.17 5.56 11.65
N PHE A 12 -27.10 6.89 11.64
CA PHE A 12 -25.92 7.76 11.73
C PHE A 12 -26.36 9.24 11.63
N ALA A 13 -25.43 10.14 11.92
CA ALA A 13 -25.55 11.59 11.71
C ALA A 13 -24.21 12.20 11.28
N ASP A 14 -24.26 13.30 10.51
CA ASP A 14 -23.08 14.03 10.02
C ASP A 14 -22.48 14.99 11.06
N THR A 15 -21.17 15.23 10.96
CA THR A 15 -20.38 16.14 11.81
C THR A 15 -20.23 17.53 11.17
N GLY A 16 -20.13 18.56 12.02
CA GLY A 16 -19.99 19.97 11.60
C GLY A 16 -18.54 20.48 11.60
N ASP A 17 -17.57 19.66 12.03
CA ASP A 17 -16.16 20.01 12.22
C ASP A 17 -15.28 18.75 12.35
N ASP A 18 -13.99 18.87 11.99
CA ASP A 18 -12.99 17.80 12.06
C ASP A 18 -11.55 18.37 12.10
N GLU A 19 -10.60 17.59 12.60
CA GLU A 19 -9.20 18.00 12.77
C GLU A 19 -8.44 18.06 11.43
N THR A 20 -7.61 19.10 11.27
CA THR A 20 -6.81 19.38 10.06
C THR A 20 -5.34 18.96 10.19
N ALA A 21 -4.79 18.94 11.41
CA ALA A 21 -3.38 18.65 11.69
C ALA A 21 -3.05 17.13 11.73
N THR A 22 -4.07 16.27 11.76
CA THR A 22 -3.95 14.80 11.82
C THR A 22 -3.76 14.19 10.42
N SER A 23 -3.50 12.88 10.38
CA SER A 23 -3.36 12.10 9.14
C SER A 23 -3.80 10.63 9.33
N ASN A 24 -4.19 9.97 8.23
CA ASN A 24 -4.70 8.59 8.25
C ASN A 24 -3.56 7.55 8.39
N TYR A 25 -3.86 6.40 8.99
CA TYR A 25 -2.89 5.28 9.11
C TYR A 25 -2.66 4.57 7.77
N ILE A 26 -1.40 4.25 7.49
CA ILE A 26 -1.01 3.38 6.36
C ILE A 26 -0.99 1.94 6.86
N HIS A 27 -1.81 1.08 6.27
CA HIS A 27 -1.89 -0.34 6.61
C HIS A 27 -1.16 -1.18 5.55
N ILE A 28 -0.06 -1.82 5.91
CA ILE A 28 0.74 -2.68 5.01
C ILE A 28 0.45 -4.13 5.40
N ARG A 29 -0.45 -4.76 4.63
CA ARG A 29 -1.03 -6.07 4.86
C ARG A 29 -0.45 -7.09 3.87
N ILE A 30 -0.80 -8.37 4.02
CA ILE A 30 -0.54 -9.43 3.03
C ILE A 30 -1.90 -9.95 2.53
N GLN A 31 -1.98 -10.35 1.25
CA GLN A 31 -3.16 -10.99 0.68
C GLN A 31 -3.01 -12.52 0.78
N GLN A 32 -4.11 -13.21 1.11
CA GLN A 32 -4.12 -14.63 1.43
C GLN A 32 -3.87 -15.51 0.18
N ARG A 33 -3.22 -16.66 0.41
CA ARG A 33 -2.74 -17.57 -0.65
C ARG A 33 -3.87 -18.44 -1.20
N ASN A 34 -3.88 -18.61 -2.52
CA ASN A 34 -4.88 -19.37 -3.29
C ASN A 34 -4.29 -19.69 -4.69
N GLY A 35 -4.98 -19.39 -5.80
CA GLY A 35 -4.43 -19.44 -7.16
C GLY A 35 -3.42 -18.30 -7.43
N ARG A 36 -3.51 -17.21 -6.67
CA ARG A 36 -2.53 -16.11 -6.63
C ARG A 36 -1.43 -16.38 -5.61
N LYS A 37 -0.23 -15.83 -5.85
CA LYS A 37 0.93 -15.89 -4.94
C LYS A 37 0.76 -15.00 -3.68
N THR A 38 1.81 -14.93 -2.84
CA THR A 38 1.92 -13.97 -1.73
C THR A 38 2.05 -12.56 -2.31
N LEU A 39 1.24 -11.62 -1.84
CA LEU A 39 1.24 -10.21 -2.27
C LEU A 39 1.12 -9.28 -1.07
N THR A 40 1.85 -8.16 -1.08
CA THR A 40 1.79 -7.12 -0.05
C THR A 40 0.77 -6.06 -0.48
N THR A 41 -0.31 -5.92 0.28
CA THR A 41 -1.42 -5.00 0.02
C THR A 41 -1.26 -3.73 0.85
N VAL A 42 -0.99 -2.62 0.18
CA VAL A 42 -0.82 -1.29 0.81
C VAL A 42 -2.14 -0.53 0.74
N GLN A 43 -2.62 -0.08 1.90
CA GLN A 43 -3.90 0.59 2.10
C GLN A 43 -3.71 1.86 2.95
N GLY A 44 -4.58 2.86 2.79
CA GLY A 44 -4.67 4.01 3.70
C GLY A 44 -3.62 5.11 3.53
N VAL A 45 -2.69 4.96 2.58
CA VAL A 45 -1.70 6.00 2.22
C VAL A 45 -2.40 7.34 1.86
N PRO A 46 -1.94 8.48 2.42
CA PRO A 46 -2.48 9.81 2.12
C PRO A 46 -2.55 10.11 0.63
N GLU A 47 -3.66 10.70 0.23
CA GLU A 47 -4.03 10.94 -1.18
C GLU A 47 -3.15 11.98 -1.88
N GLU A 48 -2.37 12.74 -1.12
CA GLU A 48 -1.34 13.66 -1.64
C GLU A 48 -0.13 12.93 -2.26
N TYR A 49 0.06 11.65 -1.93
CA TYR A 49 1.09 10.78 -2.52
C TYR A 49 0.50 9.96 -3.70
N ASP A 50 1.13 10.04 -4.87
CA ASP A 50 0.70 9.32 -6.08
C ASP A 50 1.04 7.83 -5.99
N LEU A 51 0.04 6.96 -6.15
CA LEU A 51 0.22 5.51 -6.11
C LEU A 51 1.18 5.04 -7.23
N LYS A 52 1.08 5.65 -8.41
CA LYS A 52 1.99 5.43 -9.55
C LYS A 52 3.46 5.77 -9.20
N ARG A 53 3.72 6.82 -8.41
CA ARG A 53 5.07 7.14 -7.91
C ARG A 53 5.57 6.07 -6.93
N ILE A 54 4.70 5.53 -6.06
CA ILE A 54 5.04 4.42 -5.16
C ILE A 54 5.48 3.21 -6.01
N LEU A 55 4.74 2.86 -7.07
CA LEU A 55 5.18 1.81 -8.00
C LEU A 55 6.56 2.10 -8.59
N LYS A 56 6.80 3.32 -9.10
CA LYS A 56 8.06 3.69 -9.74
C LYS A 56 9.25 3.59 -8.77
N VAL A 57 9.12 4.04 -7.52
CA VAL A 57 10.21 3.98 -6.52
C VAL A 57 10.52 2.53 -6.14
N LEU A 58 9.49 1.72 -5.87
CA LEU A 58 9.67 0.33 -5.45
C LEU A 58 10.18 -0.58 -6.59
N LYS A 59 9.82 -0.30 -7.84
CA LYS A 59 10.40 -0.98 -9.01
C LYS A 59 11.86 -0.54 -9.30
N LYS A 60 12.21 0.72 -9.03
CA LYS A 60 13.55 1.28 -9.24
C LYS A 60 14.57 0.82 -8.17
N ASP A 61 14.35 1.20 -6.91
CA ASP A 61 15.35 1.08 -5.84
C ASP A 61 15.26 -0.24 -5.03
N PHE A 62 14.06 -0.79 -4.86
CA PHE A 62 13.85 -2.08 -4.19
C PHE A 62 13.86 -3.27 -5.18
N ALA A 63 13.77 -2.99 -6.49
CA ALA A 63 13.71 -3.98 -7.58
C ALA A 63 12.47 -4.91 -7.48
N CYS A 64 11.36 -4.39 -6.92
CA CYS A 64 10.09 -5.12 -6.77
C CYS A 64 9.27 -5.06 -8.08
N ASN A 65 8.02 -5.52 -8.00
CA ASN A 65 7.00 -5.36 -9.05
C ASN A 65 5.61 -5.27 -8.40
N GLY A 66 4.66 -4.60 -9.03
CA GLY A 66 3.35 -4.28 -8.44
C GLY A 66 2.41 -3.49 -9.33
N ASN A 67 1.20 -3.29 -8.82
CA ASN A 67 0.05 -2.72 -9.54
C ASN A 67 -1.00 -2.14 -8.57
N ILE A 68 -1.91 -1.30 -9.08
CA ILE A 68 -3.01 -0.66 -8.32
C ILE A 68 -4.33 -1.39 -8.60
N VAL A 69 -5.13 -1.66 -7.57
CA VAL A 69 -6.45 -2.32 -7.66
C VAL A 69 -7.44 -1.59 -6.75
N LYS A 70 -8.69 -1.43 -7.19
CA LYS A 70 -9.79 -0.96 -6.34
C LYS A 70 -10.67 -2.15 -5.91
N ASP A 71 -10.54 -2.55 -4.64
CA ASP A 71 -11.20 -3.72 -4.05
C ASP A 71 -12.59 -3.35 -3.49
N PRO A 72 -13.61 -4.25 -3.57
CA PRO A 72 -14.94 -4.02 -2.99
C PRO A 72 -14.93 -3.76 -1.47
N GLU A 73 -13.99 -4.36 -0.72
CA GLU A 73 -13.90 -4.27 0.74
C GLU A 73 -12.69 -3.45 1.20
N MET A 74 -11.51 -3.72 0.63
CA MET A 74 -10.24 -3.06 1.00
C MET A 74 -10.08 -1.65 0.39
N GLY A 75 -10.85 -1.29 -0.65
CA GLY A 75 -10.76 -0.01 -1.35
C GLY A 75 -9.59 0.06 -2.32
N GLU A 76 -9.17 1.27 -2.70
CA GLU A 76 -8.05 1.49 -3.59
C GLU A 76 -6.71 1.18 -2.90
N ILE A 77 -5.97 0.20 -3.43
CA ILE A 77 -4.77 -0.41 -2.84
C ILE A 77 -3.70 -0.73 -3.89
N ILE A 78 -2.44 -0.73 -3.46
CA ILE A 78 -1.31 -1.26 -4.24
C ILE A 78 -1.05 -2.71 -3.80
N GLN A 79 -0.87 -3.61 -4.77
CA GLN A 79 -0.39 -4.97 -4.57
C GLN A 79 1.06 -5.04 -5.05
N LEU A 80 2.00 -5.33 -4.16
CA LEU A 80 3.42 -5.57 -4.47
C LEU A 80 3.70 -7.09 -4.43
N GLN A 81 4.60 -7.59 -5.27
CA GLN A 81 4.96 -9.01 -5.33
C GLN A 81 5.72 -9.46 -4.07
N GLY A 82 5.31 -10.60 -3.51
CA GLY A 82 5.90 -11.18 -2.29
C GLY A 82 5.47 -10.49 -1.00
N ASP A 83 6.13 -10.85 0.11
CA ASP A 83 5.97 -10.25 1.45
C ASP A 83 7.03 -9.15 1.70
N GLN A 84 6.64 -7.90 1.50
CA GLN A 84 7.50 -6.70 1.52
C GLN A 84 7.08 -5.70 2.59
N ARG A 85 6.32 -6.14 3.60
CA ARG A 85 5.65 -5.26 4.56
C ARG A 85 6.60 -4.35 5.37
N ALA A 86 7.74 -4.87 5.80
CA ALA A 86 8.80 -4.10 6.48
C ALA A 86 9.55 -3.18 5.50
N LYS A 87 9.78 -3.64 4.27
CA LYS A 87 10.46 -2.87 3.21
C LYS A 87 9.62 -1.66 2.77
N VAL A 88 8.32 -1.84 2.56
CA VAL A 88 7.40 -0.75 2.22
C VAL A 88 7.24 0.23 3.41
N CYS A 89 7.25 -0.25 4.66
CA CYS A 89 7.29 0.62 5.84
C CYS A 89 8.52 1.55 5.80
N GLU A 90 9.70 0.98 5.56
CA GLU A 90 10.94 1.74 5.40
C GLU A 90 10.88 2.76 4.25
N PHE A 91 10.24 2.45 3.11
CA PHE A 91 10.02 3.39 2.01
C PHE A 91 9.18 4.60 2.45
N MET A 92 8.06 4.36 3.13
CA MET A 92 7.14 5.40 3.60
C MET A 92 7.86 6.35 4.58
N ILE A 93 8.69 5.80 5.48
CA ILE A 93 9.49 6.59 6.44
C ILE A 93 10.62 7.36 5.72
N SER A 94 11.36 6.70 4.85
CA SER A 94 12.58 7.23 4.22
C SER A 94 12.31 8.25 3.10
N GLN A 95 11.41 7.92 2.16
CA GLN A 95 11.23 8.68 0.91
C GLN A 95 10.04 9.64 0.95
N LEU A 96 8.94 9.30 1.64
CA LEU A 96 7.80 10.21 1.83
C LEU A 96 7.99 11.14 3.03
N GLY A 97 8.93 10.83 3.92
CA GLY A 97 9.23 11.61 5.13
C GLY A 97 8.24 11.37 6.28
N LEU A 98 7.43 10.31 6.22
CA LEU A 98 6.45 9.97 7.25
C LEU A 98 7.13 9.48 8.53
N GLN A 99 6.43 9.57 9.68
CA GLN A 99 6.92 9.03 10.94
C GLN A 99 6.48 7.56 11.09
N LYS A 100 7.30 6.73 11.74
CA LYS A 100 7.01 5.30 11.90
C LYS A 100 5.63 5.02 12.53
N LYS A 101 5.21 5.88 13.47
CA LYS A 101 3.90 5.86 14.15
C LYS A 101 2.68 5.97 13.20
N ASN A 102 2.84 6.49 11.99
CA ASN A 102 1.77 6.59 10.99
C ASN A 102 1.45 5.24 10.28
N ILE A 103 2.25 4.20 10.51
CA ILE A 103 2.22 2.94 9.74
C ILE A 103 1.88 1.76 10.66
N LYS A 104 0.99 0.89 10.18
CA LYS A 104 0.60 -0.39 10.76
C LYS A 104 1.06 -1.54 9.84
N ILE A 105 1.67 -2.58 10.42
CA ILE A 105 2.11 -3.80 9.69
C ILE A 105 1.24 -4.98 10.12
N HIS A 106 0.67 -5.69 9.14
CA HIS A 106 -0.26 -6.82 9.36
C HIS A 106 0.17 -8.11 8.62
N GLY A 107 -0.53 -9.22 8.91
CA GLY A 107 -0.38 -10.52 8.23
C GLY A 107 -1.47 -10.74 7.18
N PHE A 108 -1.97 -11.97 7.08
CA PHE A 108 -3.09 -12.41 6.24
C PHE A 108 -4.01 -13.45 6.92
N MET A 1 -29.26 -14.33 5.88
CA MET A 1 -30.64 -13.99 5.38
C MET A 1 -31.04 -14.82 4.14
N SER A 2 -32.24 -15.41 4.14
CA SER A 2 -32.73 -16.35 3.12
C SER A 2 -33.72 -15.74 2.11
N ILE A 3 -34.32 -14.57 2.39
CA ILE A 3 -35.43 -14.00 1.58
C ILE A 3 -34.99 -13.54 0.18
N GLU A 4 -33.73 -13.12 0.03
CA GLU A 4 -33.11 -12.64 -1.22
C GLU A 4 -31.59 -12.60 -1.05
N ASN A 5 -30.84 -13.04 -2.09
CA ASN A 5 -29.38 -12.95 -2.15
C ASN A 5 -28.94 -11.63 -2.82
N LEU A 6 -28.33 -10.73 -2.05
CA LEU A 6 -27.83 -9.44 -2.53
C LEU A 6 -26.46 -9.61 -3.21
N LYS A 7 -26.21 -8.83 -4.26
CA LYS A 7 -24.96 -8.81 -5.03
C LYS A 7 -24.05 -7.61 -4.67
N SER A 8 -22.83 -7.58 -5.19
CA SER A 8 -21.91 -6.43 -5.06
C SER A 8 -22.31 -5.29 -6.02
N PHE A 9 -22.28 -4.04 -5.53
CA PHE A 9 -22.65 -2.83 -6.27
C PHE A 9 -21.77 -1.63 -5.88
N ASP A 10 -21.82 -0.56 -6.67
CA ASP A 10 -21.14 0.73 -6.44
C ASP A 10 -21.92 1.89 -7.10
N PRO A 11 -21.94 3.10 -6.48
CA PRO A 11 -22.74 4.23 -6.93
C PRO A 11 -21.91 5.15 -7.85
N PHE A 12 -22.16 6.46 -7.79
CA PHE A 12 -21.59 7.51 -8.65
C PHE A 12 -21.20 8.77 -7.84
N ALA A 13 -20.87 8.58 -6.55
CA ALA A 13 -20.61 9.66 -5.58
C ALA A 13 -19.35 10.48 -5.91
N ASP A 14 -19.33 11.74 -5.46
CA ASP A 14 -18.28 12.74 -5.71
C ASP A 14 -18.39 13.90 -4.69
N THR A 15 -17.26 14.56 -4.39
CA THR A 15 -17.14 15.65 -3.40
C THR A 15 -15.86 16.47 -3.61
N GLY A 16 -15.78 17.65 -2.99
CA GLY A 16 -14.68 18.60 -3.11
C GLY A 16 -13.46 18.27 -2.24
N ASP A 17 -12.33 18.89 -2.58
CA ASP A 17 -11.06 18.78 -1.85
C ASP A 17 -11.01 19.62 -0.55
N ASP A 18 -10.05 19.29 0.33
CA ASP A 18 -9.81 19.93 1.63
C ASP A 18 -8.35 19.69 2.11
N GLU A 19 -7.87 20.52 3.03
CA GLU A 19 -6.49 20.50 3.55
C GLU A 19 -6.46 20.65 5.09
N THR A 20 -5.51 19.96 5.73
CA THR A 20 -5.30 19.90 7.19
C THR A 20 -3.97 19.22 7.52
N ALA A 21 -3.46 19.47 8.72
CA ALA A 21 -2.27 18.80 9.27
C ALA A 21 -2.56 17.38 9.79
N THR A 22 -3.84 17.03 10.01
CA THR A 22 -4.32 15.72 10.50
C THR A 22 -4.18 14.67 9.40
N SER A 23 -3.86 13.43 9.78
CA SER A 23 -3.72 12.29 8.85
C SER A 23 -4.09 10.94 9.50
N ASN A 24 -4.51 9.99 8.68
CA ASN A 24 -4.90 8.62 9.07
C ASN A 24 -3.72 7.62 9.03
N TYR A 25 -3.94 6.40 9.53
CA TYR A 25 -2.97 5.31 9.47
C TYR A 25 -2.81 4.71 8.05
N ILE A 26 -1.58 4.34 7.71
CA ILE A 26 -1.25 3.53 6.52
C ILE A 26 -1.19 2.07 6.96
N HIS A 27 -1.83 1.17 6.23
CA HIS A 27 -1.93 -0.25 6.56
C HIS A 27 -1.19 -1.09 5.50
N ILE A 28 -0.18 -1.87 5.92
CA ILE A 28 0.56 -2.78 5.02
C ILE A 28 0.28 -4.22 5.47
N ARG A 29 -0.35 -4.98 4.57
CA ARG A 29 -0.94 -6.30 4.83
C ARG A 29 -0.44 -7.31 3.78
N ILE A 30 -0.80 -8.58 3.93
CA ILE A 30 -0.59 -9.63 2.90
C ILE A 30 -1.97 -10.13 2.43
N GLN A 31 -2.11 -10.41 1.13
CA GLN A 31 -3.36 -10.90 0.56
C GLN A 31 -3.43 -12.43 0.65
N GLN A 32 -4.59 -12.96 1.04
CA GLN A 32 -4.81 -14.40 1.20
C GLN A 32 -5.10 -15.07 -0.16
N ARG A 33 -4.30 -16.09 -0.49
CA ARG A 33 -4.37 -16.86 -1.74
C ARG A 33 -4.11 -18.35 -1.50
N ASN A 34 -4.77 -19.21 -2.27
CA ASN A 34 -4.57 -20.67 -2.24
C ASN A 34 -3.28 -21.13 -2.97
N GLY A 35 -2.83 -20.36 -3.97
CA GLY A 35 -1.57 -20.55 -4.70
C GLY A 35 -0.41 -19.75 -4.09
N ARG A 36 0.83 -20.15 -4.43
CA ARG A 36 2.08 -19.56 -3.91
C ARG A 36 2.38 -18.12 -4.38
N LYS A 37 1.58 -17.57 -5.31
CA LYS A 37 1.69 -16.20 -5.84
C LYS A 37 1.19 -15.11 -4.86
N THR A 38 1.77 -15.08 -3.65
CA THR A 38 1.42 -14.18 -2.53
C THR A 38 1.79 -12.73 -2.84
N LEU A 39 0.95 -11.79 -2.38
CA LEU A 39 1.10 -10.35 -2.60
C LEU A 39 1.02 -9.56 -1.28
N THR A 40 1.79 -8.47 -1.19
CA THR A 40 1.70 -7.44 -0.15
C THR A 40 0.72 -6.38 -0.62
N THR A 41 -0.23 -5.97 0.21
CA THR A 41 -1.24 -4.94 -0.08
C THR A 41 -1.01 -3.71 0.77
N VAL A 42 -0.87 -2.56 0.11
CA VAL A 42 -0.71 -1.23 0.74
C VAL A 42 -2.03 -0.48 0.65
N GLN A 43 -2.51 -0.02 1.80
CA GLN A 43 -3.83 0.56 2.01
C GLN A 43 -3.70 1.84 2.86
N GLY A 44 -4.60 2.80 2.68
CA GLY A 44 -4.70 3.99 3.55
C GLY A 44 -3.66 5.09 3.31
N VAL A 45 -2.71 4.90 2.39
CA VAL A 45 -1.70 5.92 2.02
C VAL A 45 -2.38 7.25 1.62
N PRO A 46 -1.95 8.41 2.19
CA PRO A 46 -2.51 9.74 1.88
C PRO A 46 -2.54 10.04 0.38
N GLU A 47 -3.64 10.68 -0.06
CA GLU A 47 -3.91 10.92 -1.48
C GLU A 47 -2.97 11.96 -2.12
N GLU A 48 -2.26 12.75 -1.32
CA GLU A 48 -1.20 13.66 -1.77
C GLU A 48 0.02 12.93 -2.36
N TYR A 49 0.20 11.64 -2.02
CA TYR A 49 1.23 10.77 -2.60
C TYR A 49 0.68 9.99 -3.80
N ASP A 50 1.26 10.22 -4.98
CA ASP A 50 0.85 9.57 -6.24
C ASP A 50 1.18 8.07 -6.23
N LEU A 51 0.15 7.23 -6.38
CA LEU A 51 0.27 5.77 -6.33
C LEU A 51 1.20 5.24 -7.45
N LYS A 52 1.11 5.81 -8.65
CA LYS A 52 1.99 5.49 -9.78
C LYS A 52 3.47 5.79 -9.48
N ARG A 53 3.77 6.86 -8.73
CA ARG A 53 5.13 7.13 -8.21
C ARG A 53 5.60 6.04 -7.24
N ILE A 54 4.72 5.54 -6.37
CA ILE A 54 5.00 4.43 -5.45
C ILE A 54 5.31 3.15 -6.24
N LEU A 55 4.60 2.87 -7.33
CA LEU A 55 4.97 1.78 -8.25
C LEU A 55 6.38 2.02 -8.82
N LYS A 56 6.63 3.17 -9.43
CA LYS A 56 7.92 3.51 -10.05
C LYS A 56 9.11 3.34 -9.08
N VAL A 57 9.03 3.93 -7.89
CA VAL A 57 10.14 3.92 -6.92
C VAL A 57 10.40 2.53 -6.31
N LEU A 58 9.36 1.72 -6.06
CA LEU A 58 9.52 0.35 -5.56
C LEU A 58 10.04 -0.61 -6.63
N LYS A 59 9.70 -0.41 -7.90
CA LYS A 59 10.31 -1.15 -9.02
C LYS A 59 11.78 -0.73 -9.28
N LYS A 60 12.12 0.55 -9.06
CA LYS A 60 13.46 1.09 -9.27
C LYS A 60 14.45 0.72 -8.14
N ASP A 61 14.14 1.10 -6.89
CA ASP A 61 15.08 1.03 -5.76
C ASP A 61 15.10 -0.35 -5.07
N PHE A 62 13.92 -0.96 -4.88
CA PHE A 62 13.76 -2.27 -4.22
C PHE A 62 13.78 -3.45 -5.20
N ALA A 63 13.69 -3.18 -6.51
CA ALA A 63 13.64 -4.17 -7.60
C ALA A 63 12.39 -5.07 -7.54
N CYS A 64 11.29 -4.58 -6.96
CA CYS A 64 10.01 -5.28 -6.82
C CYS A 64 9.18 -5.20 -8.12
N ASN A 65 7.92 -5.68 -8.06
CA ASN A 65 6.92 -5.48 -9.11
C ASN A 65 5.53 -5.37 -8.46
N GLY A 66 4.61 -4.62 -9.08
CA GLY A 66 3.33 -4.23 -8.49
C GLY A 66 2.38 -3.48 -9.42
N ASN A 67 1.17 -3.23 -8.90
CA ASN A 67 0.05 -2.57 -9.61
C ASN A 67 -1.01 -1.99 -8.65
N ILE A 68 -1.89 -1.12 -9.14
CA ILE A 68 -2.99 -0.49 -8.37
C ILE A 68 -4.31 -1.24 -8.65
N VAL A 69 -5.08 -1.55 -7.61
CA VAL A 69 -6.39 -2.24 -7.69
C VAL A 69 -7.39 -1.55 -6.77
N LYS A 70 -8.65 -1.42 -7.19
CA LYS A 70 -9.77 -0.99 -6.33
C LYS A 70 -10.60 -2.23 -5.93
N ASP A 71 -10.50 -2.64 -4.67
CA ASP A 71 -11.19 -3.80 -4.11
C ASP A 71 -12.58 -3.42 -3.55
N PRO A 72 -13.61 -4.30 -3.63
CA PRO A 72 -14.93 -4.06 -3.05
C PRO A 72 -14.91 -3.82 -1.53
N GLU A 73 -13.99 -4.46 -0.79
CA GLU A 73 -13.90 -4.39 0.67
C GLU A 73 -12.66 -3.63 1.15
N MET A 74 -11.49 -3.93 0.57
CA MET A 74 -10.20 -3.29 0.95
C MET A 74 -10.02 -1.88 0.37
N GLY A 75 -10.80 -1.49 -0.64
CA GLY A 75 -10.73 -0.17 -1.28
C GLY A 75 -9.57 -0.06 -2.28
N GLU A 76 -9.19 1.17 -2.62
CA GLU A 76 -8.07 1.45 -3.51
C GLU A 76 -6.73 1.12 -2.82
N ILE A 77 -5.97 0.20 -3.41
CA ILE A 77 -4.76 -0.42 -2.85
C ILE A 77 -3.68 -0.64 -3.91
N ILE A 78 -2.42 -0.60 -3.49
CA ILE A 78 -1.27 -1.06 -4.28
C ILE A 78 -0.96 -2.49 -3.86
N GLN A 79 -0.77 -3.38 -4.84
CA GLN A 79 -0.25 -4.72 -4.66
C GLN A 79 1.24 -4.72 -5.04
N LEU A 80 2.08 -5.39 -4.24
CA LEU A 80 3.49 -5.65 -4.53
C LEU A 80 3.75 -7.16 -4.43
N GLN A 81 4.55 -7.74 -5.31
CA GLN A 81 4.81 -9.19 -5.32
C GLN A 81 5.68 -9.61 -4.12
N GLY A 82 5.33 -10.73 -3.47
CA GLY A 82 6.02 -11.28 -2.30
C GLY A 82 5.54 -10.67 -0.97
N ASP A 83 6.34 -10.85 0.08
CA ASP A 83 6.12 -10.29 1.43
C ASP A 83 7.10 -9.12 1.66
N GLN A 84 6.62 -7.88 1.48
CA GLN A 84 7.43 -6.66 1.45
C GLN A 84 7.02 -5.63 2.51
N ARG A 85 6.29 -6.06 3.54
CA ARG A 85 5.65 -5.16 4.51
C ARG A 85 6.62 -4.28 5.30
N ALA A 86 7.74 -4.84 5.77
CA ALA A 86 8.81 -4.09 6.43
C ALA A 86 9.54 -3.15 5.44
N LYS A 87 9.76 -3.60 4.20
CA LYS A 87 10.42 -2.81 3.15
C LYS A 87 9.58 -1.60 2.73
N VAL A 88 8.28 -1.77 2.52
CA VAL A 88 7.36 -0.66 2.21
C VAL A 88 7.19 0.28 3.42
N CYS A 89 7.16 -0.24 4.65
CA CYS A 89 7.18 0.59 5.87
C CYS A 89 8.42 1.51 5.89
N GLU A 90 9.60 0.94 5.64
CA GLU A 90 10.86 1.68 5.53
C GLU A 90 10.83 2.73 4.41
N PHE A 91 10.23 2.44 3.24
CA PHE A 91 10.09 3.41 2.14
C PHE A 91 9.27 4.64 2.58
N MET A 92 8.11 4.41 3.19
CA MET A 92 7.19 5.46 3.64
C MET A 92 7.87 6.40 4.65
N ILE A 93 8.71 5.84 5.53
CA ILE A 93 9.47 6.60 6.53
C ILE A 93 10.66 7.33 5.89
N SER A 94 11.42 6.65 5.04
CA SER A 94 12.71 7.13 4.53
C SER A 94 12.63 8.04 3.29
N GLN A 95 11.55 7.99 2.51
CA GLN A 95 11.40 8.77 1.27
C GLN A 95 10.22 9.75 1.30
N LEU A 96 9.07 9.38 1.89
CA LEU A 96 7.93 10.30 2.05
C LEU A 96 8.06 11.19 3.28
N GLY A 97 8.97 10.86 4.21
CA GLY A 97 9.23 11.61 5.45
C GLY A 97 8.20 11.34 6.56
N LEU A 98 7.40 10.28 6.43
CA LEU A 98 6.38 9.89 7.42
C LEU A 98 7.04 9.35 8.70
N GLN A 99 6.31 9.39 9.83
CA GLN A 99 6.79 8.84 11.09
C GLN A 99 6.42 7.35 11.20
N LYS A 100 7.22 6.55 11.91
CA LYS A 100 6.96 5.11 12.13
C LYS A 100 5.55 4.87 12.73
N LYS A 101 5.13 5.75 13.66
CA LYS A 101 3.81 5.73 14.32
C LYS A 101 2.61 5.87 13.38
N ASN A 102 2.79 6.36 12.15
CA ASN A 102 1.71 6.48 11.14
C ASN A 102 1.38 5.14 10.44
N ILE A 103 2.18 4.08 10.64
CA ILE A 103 2.09 2.85 9.85
C ILE A 103 1.74 1.64 10.74
N LYS A 104 0.74 0.87 10.30
CA LYS A 104 0.35 -0.43 10.84
C LYS A 104 0.82 -1.55 9.90
N ILE A 105 1.56 -2.53 10.44
CA ILE A 105 1.91 -3.77 9.71
C ILE A 105 1.00 -4.89 10.24
N HIS A 106 0.22 -5.51 9.34
CA HIS A 106 -0.79 -6.51 9.69
C HIS A 106 -0.38 -7.96 9.35
N GLY A 107 0.38 -8.16 8.27
CA GLY A 107 0.68 -9.51 7.74
C GLY A 107 -0.60 -10.19 7.24
N PHE A 108 -0.76 -11.48 7.56
CA PHE A 108 -1.98 -12.29 7.38
C PHE A 108 -2.00 -13.57 8.26
N MET A 1 -23.87 -16.97 -28.97
CA MET A 1 -22.96 -15.99 -29.66
C MET A 1 -22.91 -14.61 -28.96
N SER A 2 -21.74 -13.98 -28.91
CA SER A 2 -21.52 -12.64 -28.34
C SER A 2 -20.82 -11.72 -29.35
N ILE A 3 -21.10 -10.41 -29.30
CA ILE A 3 -20.55 -9.38 -30.21
C ILE A 3 -20.16 -8.10 -29.45
N GLU A 4 -19.35 -7.25 -30.08
CA GLU A 4 -18.88 -5.96 -29.55
C GLU A 4 -18.34 -5.06 -30.69
N ASN A 5 -18.30 -3.75 -30.45
CA ASN A 5 -17.90 -2.73 -31.43
C ASN A 5 -17.61 -1.36 -30.77
N LEU A 6 -16.80 -0.52 -31.44
CA LEU A 6 -16.40 0.86 -31.09
C LEU A 6 -15.42 0.94 -29.91
N LYS A 7 -15.75 0.33 -28.77
CA LYS A 7 -14.90 0.29 -27.57
C LYS A 7 -13.64 -0.59 -27.73
N SER A 8 -12.58 -0.25 -26.99
CA SER A 8 -11.28 -0.95 -26.98
C SER A 8 -10.41 -0.45 -25.81
N PHE A 9 -9.28 -1.12 -25.54
CA PHE A 9 -8.28 -0.70 -24.55
C PHE A 9 -7.35 0.40 -25.09
N ASP A 10 -6.82 1.22 -24.18
CA ASP A 10 -5.75 2.19 -24.43
C ASP A 10 -4.97 2.50 -23.13
N PRO A 11 -3.65 2.75 -23.19
CA PRO A 11 -2.78 2.91 -22.01
C PRO A 11 -2.81 4.31 -21.36
N PHE A 12 -3.64 5.23 -21.85
CA PHE A 12 -3.64 6.65 -21.48
C PHE A 12 -4.52 6.90 -20.24
N ALA A 13 -4.08 6.35 -19.09
CA ALA A 13 -4.71 6.50 -17.79
C ALA A 13 -4.74 7.97 -17.29
N ASP A 14 -5.63 8.26 -16.34
CA ASP A 14 -5.83 9.59 -15.77
C ASP A 14 -4.58 10.12 -15.03
N THR A 15 -4.25 11.40 -15.26
CA THR A 15 -3.13 12.11 -14.61
C THR A 15 -3.43 12.41 -13.14
N GLY A 16 -4.68 12.79 -12.82
CA GLY A 16 -5.18 13.06 -11.47
C GLY A 16 -5.03 14.52 -11.04
N ASP A 17 -5.57 14.82 -9.86
CA ASP A 17 -5.56 16.13 -9.19
C ASP A 17 -5.35 15.97 -7.67
N ASP A 18 -5.02 17.07 -6.98
CA ASP A 18 -4.78 17.11 -5.53
C ASP A 18 -5.21 18.47 -4.91
N GLU A 19 -5.66 18.42 -3.67
CA GLU A 19 -6.12 19.57 -2.85
C GLU A 19 -5.85 19.35 -1.36
N THR A 20 -6.10 18.12 -0.86
CA THR A 20 -5.99 17.70 0.55
C THR A 20 -6.08 16.18 0.66
N ALA A 21 -5.90 15.65 1.88
CA ALA A 21 -5.89 14.22 2.20
C ALA A 21 -6.37 13.94 3.64
N THR A 22 -6.56 12.67 3.99
CA THR A 22 -7.08 12.21 5.29
C THR A 22 -6.60 10.78 5.62
N SER A 23 -6.89 10.36 6.85
CA SER A 23 -6.48 9.14 7.56
C SER A 23 -5.15 9.32 8.31
N ASN A 24 -5.09 8.86 9.56
CA ASN A 24 -3.88 8.87 10.39
C ASN A 24 -3.09 7.54 10.34
N TYR A 25 -3.65 6.48 9.74
CA TYR A 25 -3.00 5.17 9.61
C TYR A 25 -2.89 4.68 8.15
N ILE A 26 -1.68 4.23 7.81
CA ILE A 26 -1.33 3.51 6.58
C ILE A 26 -1.24 2.02 6.95
N HIS A 27 -1.94 1.16 6.21
CA HIS A 27 -2.06 -0.27 6.51
C HIS A 27 -1.33 -1.11 5.47
N ILE A 28 -0.30 -1.86 5.87
CA ILE A 28 0.44 -2.77 5.00
C ILE A 28 0.08 -4.22 5.40
N ARG A 29 -0.70 -4.86 4.52
CA ARG A 29 -1.30 -6.18 4.69
C ARG A 29 -0.69 -7.18 3.69
N ILE A 30 -1.05 -8.46 3.78
CA ILE A 30 -0.73 -9.47 2.76
C ILE A 30 -2.05 -10.17 2.34
N GLN A 31 -2.16 -10.49 1.06
CA GLN A 31 -3.32 -11.16 0.46
C GLN A 31 -3.15 -12.68 0.55
N GLN A 32 -4.17 -13.39 1.04
CA GLN A 32 -4.22 -14.85 1.07
C GLN A 32 -4.44 -15.42 -0.34
N ARG A 33 -3.83 -16.59 -0.62
CA ARG A 33 -3.73 -17.15 -1.97
C ARG A 33 -3.45 -18.66 -2.02
N ASN A 34 -3.70 -19.25 -3.19
CA ASN A 34 -3.32 -20.61 -3.58
C ASN A 34 -3.22 -20.69 -5.11
N GLY A 35 -2.20 -21.40 -5.64
CA GLY A 35 -1.96 -21.54 -7.09
C GLY A 35 -1.39 -20.30 -7.79
N ARG A 36 -0.88 -19.32 -7.02
CA ARG A 36 -0.37 -18.02 -7.50
C ARG A 36 0.60 -17.36 -6.50
N LYS A 37 1.31 -16.32 -6.90
CA LYS A 37 2.24 -15.57 -6.04
C LYS A 37 1.55 -14.82 -4.88
N THR A 38 2.25 -14.68 -3.75
CA THR A 38 1.87 -13.84 -2.59
C THR A 38 1.97 -12.36 -2.96
N LEU A 39 1.05 -11.54 -2.44
CA LEU A 39 0.99 -10.10 -2.69
C LEU A 39 0.88 -9.31 -1.37
N THR A 40 1.69 -8.25 -1.24
CA THR A 40 1.64 -7.25 -0.17
C THR A 40 0.70 -6.14 -0.61
N THR A 41 -0.39 -5.91 0.13
CA THR A 41 -1.47 -4.96 -0.16
C THR A 41 -1.32 -3.72 0.71
N VAL A 42 -1.08 -2.58 0.06
CA VAL A 42 -0.87 -1.27 0.71
C VAL A 42 -2.16 -0.44 0.63
N GLN A 43 -2.63 0.03 1.78
CA GLN A 43 -3.89 0.74 1.98
C GLN A 43 -3.66 1.96 2.89
N GLY A 44 -4.54 2.97 2.85
CA GLY A 44 -4.57 4.08 3.82
C GLY A 44 -3.51 5.16 3.63
N VAL A 45 -2.58 5.00 2.70
CA VAL A 45 -1.61 6.03 2.28
C VAL A 45 -2.34 7.34 1.90
N PRO A 46 -1.93 8.51 2.41
CA PRO A 46 -2.55 9.80 2.10
C PRO A 46 -2.66 10.06 0.59
N GLU A 47 -3.81 10.58 0.17
CA GLU A 47 -4.16 10.75 -1.26
C GLU A 47 -3.29 11.80 -1.99
N GLU A 48 -2.56 12.63 -1.25
CA GLU A 48 -1.56 13.56 -1.80
C GLU A 48 -0.32 12.85 -2.38
N TYR A 49 -0.07 11.59 -2.01
CA TYR A 49 0.97 10.73 -2.59
C TYR A 49 0.42 9.93 -3.79
N ASP A 50 1.06 10.07 -4.95
CA ASP A 50 0.68 9.38 -6.18
C ASP A 50 1.08 7.90 -6.14
N LEU A 51 0.09 7.00 -6.28
CA LEU A 51 0.30 5.56 -6.24
C LEU A 51 1.23 5.09 -7.37
N LYS A 52 1.08 5.66 -8.57
CA LYS A 52 1.95 5.40 -9.73
C LYS A 52 3.42 5.76 -9.45
N ARG A 53 3.69 6.83 -8.68
CA ARG A 53 5.03 7.20 -8.21
C ARG A 53 5.57 6.21 -7.16
N ILE A 54 4.72 5.68 -6.28
CA ILE A 54 5.10 4.60 -5.34
C ILE A 54 5.59 3.39 -6.14
N LEU A 55 4.88 2.95 -7.18
CA LEU A 55 5.35 1.90 -8.09
C LEU A 55 6.71 2.25 -8.71
N LYS A 56 6.88 3.48 -9.21
CA LYS A 56 8.09 3.93 -9.89
C LYS A 56 9.33 3.90 -8.98
N VAL A 57 9.17 4.16 -7.68
CA VAL A 57 10.25 4.02 -6.69
C VAL A 57 10.51 2.54 -6.35
N LEU A 58 9.47 1.77 -6.02
CA LEU A 58 9.61 0.39 -5.53
C LEU A 58 10.15 -0.59 -6.60
N LYS A 59 9.81 -0.41 -7.87
CA LYS A 59 10.35 -1.24 -8.95
C LYS A 59 11.84 -0.96 -9.27
N LYS A 60 12.33 0.26 -8.99
CA LYS A 60 13.72 0.67 -9.26
C LYS A 60 14.66 0.50 -8.05
N ASP A 61 14.26 0.97 -6.87
CA ASP A 61 15.13 1.02 -5.67
C ASP A 61 15.14 -0.30 -4.89
N PHE A 62 13.99 -0.98 -4.79
CA PHE A 62 13.84 -2.27 -4.12
C PHE A 62 13.85 -3.46 -5.09
N ALA A 63 13.78 -3.20 -6.40
CA ALA A 63 13.72 -4.19 -7.48
C ALA A 63 12.44 -5.06 -7.45
N CYS A 64 11.35 -4.55 -6.88
CA CYS A 64 10.06 -5.25 -6.74
C CYS A 64 9.24 -5.21 -8.05
N ASN A 65 8.02 -5.73 -8.01
CA ASN A 65 7.02 -5.59 -9.07
C ASN A 65 5.61 -5.43 -8.44
N GLY A 66 4.70 -4.74 -9.10
CA GLY A 66 3.41 -4.33 -8.53
C GLY A 66 2.45 -3.62 -9.47
N ASN A 67 1.24 -3.37 -8.98
CA ASN A 67 0.12 -2.73 -9.69
C ASN A 67 -0.91 -2.11 -8.73
N ILE A 68 -1.81 -1.26 -9.23
CA ILE A 68 -2.89 -0.61 -8.47
C ILE A 68 -4.22 -1.32 -8.76
N VAL A 69 -5.02 -1.60 -7.72
CA VAL A 69 -6.36 -2.23 -7.82
C VAL A 69 -7.35 -1.45 -6.94
N LYS A 70 -8.58 -1.27 -7.43
CA LYS A 70 -9.70 -0.75 -6.62
C LYS A 70 -10.59 -1.91 -6.15
N ASP A 71 -10.45 -2.30 -4.88
CA ASP A 71 -11.12 -3.45 -4.28
C ASP A 71 -12.53 -3.07 -3.75
N PRO A 72 -13.55 -3.97 -3.84
CA PRO A 72 -14.88 -3.72 -3.28
C PRO A 72 -14.91 -3.45 -1.77
N GLU A 73 -13.99 -4.02 -0.99
CA GLU A 73 -13.93 -3.91 0.47
C GLU A 73 -12.73 -3.08 0.94
N MET A 74 -11.53 -3.35 0.41
CA MET A 74 -10.29 -2.66 0.78
C MET A 74 -10.11 -1.27 0.15
N GLY A 75 -10.84 -0.96 -0.92
CA GLY A 75 -10.72 0.31 -1.67
C GLY A 75 -9.52 0.32 -2.60
N GLU A 76 -9.06 1.51 -2.98
CA GLU A 76 -7.90 1.69 -3.85
C GLU A 76 -6.59 1.33 -3.12
N ILE A 77 -5.89 0.32 -3.63
CA ILE A 77 -4.71 -0.32 -3.02
C ILE A 77 -3.61 -0.62 -4.04
N ILE A 78 -2.36 -0.59 -3.60
CA ILE A 78 -1.22 -1.11 -4.35
C ILE A 78 -0.97 -2.55 -3.91
N GLN A 79 -0.75 -3.44 -4.88
CA GLN A 79 -0.26 -4.80 -4.69
C GLN A 79 1.21 -4.83 -5.09
N LEU A 80 2.09 -5.37 -4.24
CA LEU A 80 3.52 -5.60 -4.52
C LEU A 80 3.81 -7.10 -4.38
N GLN A 81 4.63 -7.69 -5.24
CA GLN A 81 4.91 -9.14 -5.19
C GLN A 81 5.77 -9.50 -3.97
N GLY A 82 5.37 -10.55 -3.24
CA GLY A 82 6.01 -11.05 -2.02
C GLY A 82 5.37 -10.52 -0.74
N ASP A 83 6.17 -10.51 0.35
CA ASP A 83 5.79 -10.19 1.73
C ASP A 83 6.53 -8.93 2.25
N GLN A 84 6.52 -7.87 1.43
CA GLN A 84 7.33 -6.64 1.51
C GLN A 84 6.92 -5.63 2.60
N ARG A 85 6.26 -6.10 3.66
CA ARG A 85 5.66 -5.26 4.70
C ARG A 85 6.65 -4.31 5.40
N ALA A 86 7.81 -4.83 5.82
CA ALA A 86 8.88 -4.04 6.41
C ALA A 86 9.57 -3.13 5.38
N LYS A 87 9.76 -3.62 4.14
CA LYS A 87 10.38 -2.86 3.05
C LYS A 87 9.53 -1.64 2.65
N VAL A 88 8.22 -1.81 2.49
CA VAL A 88 7.30 -0.70 2.17
C VAL A 88 7.15 0.26 3.35
N CYS A 89 7.14 -0.23 4.60
CA CYS A 89 7.20 0.61 5.79
C CYS A 89 8.44 1.54 5.77
N GLU A 90 9.61 0.97 5.50
CA GLU A 90 10.86 1.72 5.34
C GLU A 90 10.82 2.73 4.19
N PHE A 91 10.18 2.42 3.04
CA PHE A 91 10.02 3.37 1.93
C PHE A 91 9.22 4.61 2.36
N MET A 92 8.08 4.40 3.03
CA MET A 92 7.19 5.45 3.51
C MET A 92 7.93 6.37 4.49
N ILE A 93 8.70 5.80 5.42
CA ILE A 93 9.48 6.56 6.42
C ILE A 93 10.67 7.29 5.78
N SER A 94 11.42 6.62 4.90
CA SER A 94 12.66 7.14 4.32
C SER A 94 12.46 8.16 3.18
N GLN A 95 11.61 7.82 2.20
CA GLN A 95 11.49 8.57 0.95
C GLN A 95 10.32 9.56 0.94
N LEU A 96 9.20 9.23 1.58
CA LEU A 96 8.06 10.16 1.73
C LEU A 96 8.18 11.02 3.00
N GLY A 97 9.07 10.65 3.93
CA GLY A 97 9.32 11.38 5.19
C GLY A 97 8.25 11.13 6.26
N LEU A 98 7.44 10.08 6.12
CA LEU A 98 6.33 9.78 7.04
C LEU A 98 6.83 9.32 8.42
N GLN A 99 6.03 9.54 9.46
CA GLN A 99 6.36 9.08 10.81
C GLN A 99 6.06 7.59 10.98
N LYS A 100 6.94 6.84 11.64
CA LYS A 100 6.78 5.39 11.87
C LYS A 100 5.46 5.04 12.57
N LYS A 101 5.04 5.87 13.53
CA LYS A 101 3.78 5.74 14.29
C LYS A 101 2.50 5.74 13.43
N ASN A 102 2.55 6.28 12.21
CA ASN A 102 1.42 6.31 11.27
C ASN A 102 1.27 5.00 10.48
N ILE A 103 2.17 4.02 10.62
CA ILE A 103 2.15 2.78 9.80
C ILE A 103 1.80 1.57 10.67
N LYS A 104 0.79 0.82 10.22
CA LYS A 104 0.35 -0.47 10.76
C LYS A 104 0.79 -1.61 9.82
N ILE A 105 1.59 -2.55 10.31
CA ILE A 105 1.90 -3.81 9.61
C ILE A 105 0.96 -4.90 10.15
N HIS A 106 0.18 -5.51 9.27
CA HIS A 106 -0.80 -6.56 9.62
C HIS A 106 -0.35 -7.97 9.20
N GLY A 107 0.37 -8.10 8.06
CA GLY A 107 0.76 -9.39 7.49
C GLY A 107 -0.46 -10.20 7.04
N PHE A 108 -0.45 -11.50 7.33
CA PHE A 108 -1.54 -12.48 7.13
C PHE A 108 -1.36 -13.78 7.96
N MET A 1 -6.93 13.40 23.10
CA MET A 1 -6.30 12.21 22.45
C MET A 1 -6.43 12.21 20.91
N SER A 2 -5.53 11.52 20.21
CA SER A 2 -5.61 11.31 18.75
C SER A 2 -6.66 10.26 18.35
N ILE A 3 -7.08 10.26 17.07
CA ILE A 3 -8.05 9.29 16.52
C ILE A 3 -7.30 8.11 15.88
N GLU A 4 -7.60 6.89 16.33
CA GLU A 4 -7.02 5.64 15.80
C GLU A 4 -7.80 5.08 14.60
N ASN A 5 -7.19 4.17 13.84
CA ASN A 5 -7.80 3.49 12.68
C ASN A 5 -7.19 2.09 12.45
N LEU A 6 -8.03 1.14 12.03
CA LEU A 6 -7.67 -0.28 11.76
C LEU A 6 -7.88 -0.68 10.28
N LYS A 7 -8.66 0.09 9.51
CA LYS A 7 -9.05 -0.17 8.12
C LYS A 7 -9.48 1.11 7.40
N SER A 8 -9.05 1.28 6.14
CA SER A 8 -9.54 2.34 5.25
C SER A 8 -10.10 1.75 3.96
N PHE A 9 -11.07 2.43 3.33
CA PHE A 9 -11.82 1.97 2.16
C PHE A 9 -12.54 3.12 1.45
N ASP A 10 -13.03 2.89 0.23
CA ASP A 10 -13.78 3.87 -0.55
C ASP A 10 -15.30 3.56 -0.50
N PRO A 11 -16.13 4.43 0.12
CA PRO A 11 -17.58 4.30 0.04
C PRO A 11 -18.11 4.76 -1.34
N PHE A 12 -17.47 5.78 -1.93
CA PHE A 12 -17.78 6.35 -3.24
C PHE A 12 -16.64 7.22 -3.82
N ALA A 13 -15.48 7.32 -3.14
CA ALA A 13 -14.41 8.26 -3.44
C ALA A 13 -13.55 7.84 -4.66
N ASP A 14 -13.06 8.84 -5.39
CA ASP A 14 -12.26 8.73 -6.62
C ASP A 14 -11.51 10.05 -6.89
N THR A 15 -10.86 10.21 -8.05
CA THR A 15 -10.08 11.40 -8.43
C THR A 15 -10.99 12.62 -8.57
N GLY A 16 -10.60 13.72 -7.91
CA GLY A 16 -11.29 15.02 -7.95
C GLY A 16 -10.36 16.16 -8.37
N ASP A 17 -10.97 17.30 -8.73
CA ASP A 17 -10.26 18.53 -9.16
C ASP A 17 -9.74 19.37 -7.97
N ASP A 18 -10.34 19.21 -6.77
CA ASP A 18 -10.00 19.94 -5.55
C ASP A 18 -8.76 19.37 -4.81
N GLU A 19 -8.14 20.18 -3.96
CA GLU A 19 -6.99 19.82 -3.13
C GLU A 19 -7.37 18.83 -2.02
N THR A 20 -6.44 17.93 -1.65
CA THR A 20 -6.59 16.93 -0.59
C THR A 20 -5.28 16.63 0.11
N ALA A 21 -5.37 16.19 1.37
CA ALA A 21 -4.30 15.89 2.33
C ALA A 21 -4.89 15.27 3.61
N THR A 22 -4.11 14.44 4.32
CA THR A 22 -4.57 13.73 5.53
C THR A 22 -3.43 13.10 6.33
N SER A 23 -3.67 12.91 7.63
CA SER A 23 -2.78 12.21 8.58
C SER A 23 -3.14 10.71 8.74
N ASN A 24 -4.07 10.19 7.91
CA ASN A 24 -4.61 8.83 8.02
C ASN A 24 -3.53 7.72 8.01
N TYR A 25 -3.80 6.62 8.73
CA TYR A 25 -2.87 5.49 8.89
C TYR A 25 -2.61 4.72 7.58
N ILE A 26 -1.35 4.34 7.37
CA ILE A 26 -0.92 3.47 6.26
C ILE A 26 -0.94 2.02 6.76
N HIS A 27 -1.81 1.20 6.21
CA HIS A 27 -1.90 -0.23 6.51
C HIS A 27 -1.12 -1.04 5.46
N ILE A 28 -0.06 -1.75 5.87
CA ILE A 28 0.74 -2.62 4.99
C ILE A 28 0.45 -4.07 5.39
N ARG A 29 -0.39 -4.73 4.58
CA ARG A 29 -0.96 -6.07 4.79
C ARG A 29 -0.33 -7.09 3.84
N ILE A 30 -0.66 -8.36 4.01
CA ILE A 30 -0.33 -9.44 3.05
C ILE A 30 -1.64 -10.18 2.69
N GLN A 31 -1.75 -10.68 1.46
CA GLN A 31 -2.92 -11.41 0.96
C GLN A 31 -2.74 -12.93 1.13
N GLN A 32 -3.82 -13.70 0.95
CA GLN A 32 -3.77 -15.17 0.95
C GLN A 32 -2.95 -15.63 -0.27
N ARG A 33 -1.98 -16.52 -0.05
CA ARG A 33 -0.97 -16.89 -1.04
C ARG A 33 -1.51 -17.79 -2.16
N ASN A 34 -1.05 -17.53 -3.38
CA ASN A 34 -1.25 -18.38 -4.56
C ASN A 34 -0.08 -19.39 -4.67
N GLY A 35 -0.02 -20.34 -3.73
CA GLY A 35 1.10 -21.28 -3.58
C GLY A 35 2.37 -20.55 -3.13
N ARG A 36 3.42 -20.61 -3.95
CA ARG A 36 4.70 -19.92 -3.71
C ARG A 36 4.62 -18.39 -3.91
N LYS A 37 3.65 -17.88 -4.68
CA LYS A 37 3.43 -16.45 -4.88
C LYS A 37 2.68 -15.80 -3.71
N THR A 38 3.14 -14.61 -3.29
CA THR A 38 2.63 -13.78 -2.19
C THR A 38 2.40 -12.37 -2.70
N LEU A 39 1.44 -11.63 -2.13
CA LEU A 39 1.21 -10.22 -2.41
C LEU A 39 1.14 -9.40 -1.11
N THR A 40 1.91 -8.32 -1.04
CA THR A 40 1.84 -7.26 -0.03
C THR A 40 0.88 -6.19 -0.55
N THR A 41 0.02 -5.66 0.33
CA THR A 41 -1.07 -4.74 -0.02
C THR A 41 -1.00 -3.48 0.83
N VAL A 42 -0.87 -2.33 0.17
CA VAL A 42 -0.79 -1.01 0.81
C VAL A 42 -2.15 -0.31 0.73
N GLN A 43 -2.71 0.04 1.88
CA GLN A 43 -4.02 0.69 2.06
C GLN A 43 -3.86 1.95 2.94
N GLY A 44 -4.76 2.92 2.78
CA GLY A 44 -4.89 4.06 3.70
C GLY A 44 -3.84 5.17 3.56
N VAL A 45 -2.84 4.98 2.71
CA VAL A 45 -1.84 6.00 2.34
C VAL A 45 -2.51 7.33 1.95
N PRO A 46 -2.10 8.48 2.52
CA PRO A 46 -2.67 9.79 2.23
C PRO A 46 -2.72 10.11 0.74
N GLU A 47 -3.85 10.68 0.30
CA GLU A 47 -4.14 10.92 -1.13
C GLU A 47 -3.28 12.02 -1.77
N GLU A 48 -2.50 12.76 -0.95
CA GLU A 48 -1.47 13.70 -1.40
C GLU A 48 -0.23 13.00 -1.99
N TYR A 49 -0.04 11.69 -1.73
CA TYR A 49 1.01 10.85 -2.32
C TYR A 49 0.49 10.11 -3.56
N ASP A 50 1.22 10.17 -4.68
CA ASP A 50 0.86 9.55 -5.96
C ASP A 50 1.20 8.05 -5.97
N LEU A 51 0.18 7.19 -6.13
CA LEU A 51 0.35 5.74 -6.13
C LEU A 51 1.23 5.25 -7.27
N LYS A 52 1.12 5.85 -8.46
CA LYS A 52 1.95 5.53 -9.63
C LYS A 52 3.45 5.83 -9.39
N ARG A 53 3.79 6.89 -8.65
CA ARG A 53 5.16 7.15 -8.19
C ARG A 53 5.65 6.05 -7.21
N ILE A 54 4.78 5.57 -6.31
CA ILE A 54 5.09 4.46 -5.39
C ILE A 54 5.37 3.17 -6.18
N LEU A 55 4.63 2.89 -7.26
CA LEU A 55 4.97 1.80 -8.17
C LEU A 55 6.37 2.01 -8.77
N LYS A 56 6.62 3.16 -9.40
CA LYS A 56 7.89 3.47 -10.09
C LYS A 56 9.11 3.33 -9.16
N VAL A 57 9.05 3.91 -7.96
CA VAL A 57 10.20 3.92 -7.03
C VAL A 57 10.47 2.54 -6.40
N LEU A 58 9.43 1.75 -6.10
CA LEU A 58 9.61 0.37 -5.58
C LEU A 58 10.07 -0.60 -6.67
N LYS A 59 9.63 -0.44 -7.91
CA LYS A 59 10.15 -1.20 -9.06
C LYS A 59 11.61 -0.86 -9.37
N LYS A 60 12.03 0.41 -9.18
CA LYS A 60 13.40 0.87 -9.42
C LYS A 60 14.38 0.49 -8.29
N ASP A 61 14.13 0.96 -7.07
CA ASP A 61 15.08 0.87 -5.94
C ASP A 61 15.03 -0.47 -5.19
N PHE A 62 13.82 -1.03 -4.99
CA PHE A 62 13.61 -2.31 -4.30
C PHE A 62 13.54 -3.50 -5.29
N ALA A 63 13.58 -3.25 -6.60
CA ALA A 63 13.52 -4.24 -7.69
C ALA A 63 12.22 -5.07 -7.67
N CYS A 64 11.12 -4.50 -7.15
CA CYS A 64 9.84 -5.19 -6.96
C CYS A 64 9.00 -5.27 -8.25
N ASN A 65 7.82 -5.89 -8.15
CA ASN A 65 6.78 -5.91 -9.19
C ASN A 65 5.43 -5.59 -8.53
N GLY A 66 4.56 -4.82 -9.18
CA GLY A 66 3.35 -4.28 -8.54
C GLY A 66 2.37 -3.54 -9.45
N ASN A 67 1.18 -3.26 -8.91
CA ASN A 67 0.05 -2.63 -9.62
C ASN A 67 -0.96 -2.00 -8.64
N ILE A 68 -1.86 -1.14 -9.14
CA ILE A 68 -2.95 -0.51 -8.35
C ILE A 68 -4.28 -1.27 -8.61
N VAL A 69 -5.04 -1.55 -7.56
CA VAL A 69 -6.38 -2.18 -7.60
C VAL A 69 -7.35 -1.34 -6.76
N LYS A 70 -8.61 -1.20 -7.18
CA LYS A 70 -9.67 -0.54 -6.40
C LYS A 70 -10.73 -1.56 -5.94
N ASP A 71 -10.68 -1.95 -4.66
CA ASP A 71 -11.48 -3.03 -4.08
C ASP A 71 -12.73 -2.49 -3.33
N PRO A 72 -13.88 -3.20 -3.34
CA PRO A 72 -15.07 -2.81 -2.57
C PRO A 72 -14.86 -2.74 -1.05
N GLU A 73 -13.99 -3.60 -0.49
CA GLU A 73 -13.72 -3.70 0.95
C GLU A 73 -12.36 -3.11 1.33
N MET A 74 -11.31 -3.43 0.56
CA MET A 74 -9.94 -2.96 0.82
C MET A 74 -9.65 -1.55 0.29
N GLY A 75 -10.50 -0.99 -0.58
CA GLY A 75 -10.35 0.34 -1.19
C GLY A 75 -9.30 0.37 -2.31
N GLU A 76 -8.92 1.58 -2.72
CA GLU A 76 -7.80 1.82 -3.62
C GLU A 76 -6.47 1.45 -2.95
N ILE A 77 -5.81 0.42 -3.48
CA ILE A 77 -4.61 -0.22 -2.91
C ILE A 77 -3.52 -0.48 -3.96
N ILE A 78 -2.27 -0.47 -3.51
CA ILE A 78 -1.12 -0.96 -4.27
C ILE A 78 -0.85 -2.40 -3.84
N GLN A 79 -0.69 -3.30 -4.80
CA GLN A 79 -0.18 -4.66 -4.63
C GLN A 79 1.30 -4.67 -5.01
N LEU A 80 2.13 -5.39 -4.24
CA LEU A 80 3.55 -5.63 -4.51
C LEU A 80 3.82 -7.14 -4.34
N GLN A 81 4.58 -7.76 -5.24
CA GLN A 81 4.88 -9.19 -5.16
C GLN A 81 5.88 -9.49 -4.04
N GLY A 82 5.65 -10.58 -3.29
CA GLY A 82 6.41 -11.01 -2.11
C GLY A 82 5.86 -10.46 -0.80
N ASP A 83 6.57 -10.73 0.29
CA ASP A 83 6.30 -10.27 1.67
C ASP A 83 7.16 -9.04 2.01
N GLN A 84 6.74 -7.87 1.51
CA GLN A 84 7.51 -6.62 1.52
C GLN A 84 7.07 -5.64 2.62
N ARG A 85 6.31 -6.12 3.62
CA ARG A 85 5.65 -5.25 4.60
C ARG A 85 6.61 -4.36 5.41
N ALA A 86 7.75 -4.89 5.83
CA ALA A 86 8.81 -4.14 6.52
C ALA A 86 9.58 -3.20 5.55
N LYS A 87 9.84 -3.66 4.32
CA LYS A 87 10.54 -2.89 3.29
C LYS A 87 9.72 -1.66 2.84
N VAL A 88 8.42 -1.83 2.62
CA VAL A 88 7.51 -0.73 2.28
C VAL A 88 7.30 0.21 3.48
N CYS A 89 7.30 -0.29 4.72
CA CYS A 89 7.32 0.56 5.92
C CYS A 89 8.54 1.50 5.92
N GLU A 90 9.73 0.94 5.70
CA GLU A 90 10.97 1.70 5.56
C GLU A 90 10.90 2.74 4.42
N PHE A 91 10.29 2.41 3.27
CA PHE A 91 10.10 3.37 2.17
C PHE A 91 9.26 4.57 2.61
N MET A 92 8.10 4.31 3.24
CA MET A 92 7.17 5.34 3.71
C MET A 92 7.85 6.28 4.71
N ILE A 93 8.69 5.75 5.60
CA ILE A 93 9.42 6.54 6.61
C ILE A 93 10.56 7.34 5.96
N SER A 94 11.43 6.68 5.19
CA SER A 94 12.67 7.28 4.70
C SER A 94 12.54 8.14 3.44
N GLN A 95 11.60 7.83 2.53
CA GLN A 95 11.46 8.52 1.25
C GLN A 95 10.29 9.51 1.22
N LEU A 96 9.12 9.16 1.78
CA LEU A 96 7.98 10.09 1.86
C LEU A 96 8.08 11.04 3.07
N GLY A 97 8.88 10.69 4.08
CA GLY A 97 9.07 11.48 5.30
C GLY A 97 7.97 11.26 6.34
N LEU A 98 7.21 10.16 6.25
CA LEU A 98 6.19 9.80 7.24
C LEU A 98 6.86 9.37 8.57
N GLN A 99 6.13 9.47 9.68
CA GLN A 99 6.60 8.97 10.97
C GLN A 99 6.23 7.49 11.11
N LYS A 100 7.06 6.69 11.78
CA LYS A 100 6.80 5.25 11.97
C LYS A 100 5.42 4.98 12.64
N LYS A 101 5.03 5.86 13.57
CA LYS A 101 3.72 5.84 14.26
C LYS A 101 2.49 5.96 13.34
N ASN A 102 2.65 6.44 12.10
CA ASN A 102 1.56 6.51 11.10
C ASN A 102 1.29 5.15 10.41
N ILE A 103 2.14 4.14 10.60
CA ILE A 103 2.10 2.88 9.83
C ILE A 103 1.68 1.71 10.71
N LYS A 104 0.74 0.91 10.21
CA LYS A 104 0.32 -0.38 10.77
C LYS A 104 0.87 -1.52 9.87
N ILE A 105 1.61 -2.46 10.46
CA ILE A 105 2.10 -3.68 9.78
C ILE A 105 1.19 -4.84 10.19
N HIS A 106 0.62 -5.52 9.19
CA HIS A 106 -0.29 -6.68 9.37
C HIS A 106 0.27 -7.96 8.71
N GLY A 107 -0.38 -9.10 8.95
CA GLY A 107 -0.06 -10.40 8.33
C GLY A 107 -1.05 -10.77 7.22
N PHE A 108 -1.35 -12.07 7.11
CA PHE A 108 -2.33 -12.67 6.19
C PHE A 108 -3.18 -13.80 6.85
N MET A 1 34.98 10.01 13.33
CA MET A 1 33.51 9.75 13.15
C MET A 1 32.75 9.58 14.49
N SER A 2 31.41 9.52 14.45
CA SER A 2 30.54 9.37 15.63
C SER A 2 29.40 8.37 15.36
N ILE A 3 28.86 7.74 16.41
CA ILE A 3 27.78 6.75 16.36
C ILE A 3 27.07 6.64 17.72
N GLU A 4 25.78 6.30 17.71
CA GLU A 4 24.91 6.20 18.89
C GLU A 4 24.09 4.90 18.88
N ASN A 5 23.57 4.51 20.05
CA ASN A 5 22.78 3.29 20.27
C ASN A 5 21.88 3.43 21.52
N LEU A 6 20.76 2.68 21.56
CA LEU A 6 19.78 2.69 22.65
C LEU A 6 19.12 1.32 22.87
N LYS A 7 18.37 1.18 23.97
CA LYS A 7 17.64 -0.05 24.31
C LYS A 7 16.34 -0.16 23.48
N SER A 8 16.38 -0.93 22.40
CA SER A 8 15.23 -1.22 21.52
C SER A 8 14.36 -2.40 22.00
N PHE A 9 14.88 -3.24 22.92
CA PHE A 9 14.22 -4.43 23.45
C PHE A 9 13.38 -4.14 24.72
N ASP A 10 12.35 -4.96 24.94
CA ASP A 10 11.54 -5.01 26.17
C ASP A 10 11.14 -6.47 26.49
N PRO A 11 11.03 -6.85 27.78
CA PRO A 11 10.69 -8.23 28.18
C PRO A 11 9.19 -8.55 28.02
N PHE A 12 8.32 -7.53 28.12
CA PHE A 12 6.86 -7.57 28.10
C PHE A 12 6.31 -6.15 28.23
N ALA A 13 5.01 -5.99 27.98
CA ALA A 13 4.22 -4.78 28.19
C ALA A 13 2.76 -5.11 28.51
N ASP A 14 2.12 -4.28 29.36
CA ASP A 14 0.72 -4.45 29.79
C ASP A 14 -0.30 -3.94 28.74
N THR A 15 0.10 -2.97 27.92
CA THR A 15 -0.72 -2.30 26.89
C THR A 15 -0.70 -3.06 25.57
N GLY A 16 -1.80 -2.95 24.81
CA GLY A 16 -1.93 -3.45 23.43
C GLY A 16 -1.53 -2.39 22.38
N ASP A 17 -1.97 -2.60 21.14
CA ASP A 17 -1.78 -1.65 20.04
C ASP A 17 -2.60 -0.36 20.24
N ASP A 18 -2.00 0.80 19.96
CA ASP A 18 -2.61 2.13 20.13
C ASP A 18 -3.54 2.48 18.95
N GLU A 19 -4.72 3.01 19.26
CA GLU A 19 -5.77 3.36 18.29
C GLU A 19 -6.52 4.64 18.69
N THR A 20 -7.02 5.38 17.70
CA THR A 20 -7.79 6.64 17.88
C THR A 20 -8.85 6.87 16.78
N ALA A 21 -9.15 5.84 15.99
CA ALA A 21 -10.22 5.77 14.97
C ALA A 21 -10.05 6.73 13.76
N THR A 22 -8.90 7.40 13.63
CA THR A 22 -8.58 8.33 12.53
C THR A 22 -8.34 7.61 11.21
N SER A 23 -8.60 8.29 10.11
CA SER A 23 -8.29 7.84 8.73
C SER A 23 -6.81 8.04 8.34
N ASN A 24 -6.01 8.71 9.20
CA ASN A 24 -4.59 9.00 8.94
C ASN A 24 -3.65 7.79 9.11
N TYR A 25 -4.14 6.63 9.56
CA TYR A 25 -3.36 5.39 9.58
C TYR A 25 -3.14 4.80 8.17
N ILE A 26 -1.91 4.39 7.90
CA ILE A 26 -1.50 3.62 6.70
C ILE A 26 -1.38 2.16 7.13
N HIS A 27 -1.94 1.24 6.35
CA HIS A 27 -1.94 -0.20 6.65
C HIS A 27 -1.21 -0.97 5.54
N ILE A 28 -0.13 -1.69 5.89
CA ILE A 28 0.63 -2.54 4.96
C ILE A 28 0.35 -4.00 5.37
N ARG A 29 -0.48 -4.68 4.59
CA ARG A 29 -1.03 -6.01 4.84
C ARG A 29 -0.42 -7.04 3.88
N ILE A 30 -0.64 -8.33 4.12
CA ILE A 30 -0.35 -9.42 3.16
C ILE A 30 -1.63 -10.23 2.95
N GLN A 31 -1.88 -10.66 1.72
CA GLN A 31 -3.09 -11.40 1.34
C GLN A 31 -3.03 -12.86 1.82
N GLN A 32 -4.19 -13.49 1.98
CA GLN A 32 -4.32 -14.80 2.64
C GLN A 32 -3.77 -15.93 1.76
N ARG A 33 -2.91 -16.78 2.35
CA ARG A 33 -2.29 -17.92 1.68
C ARG A 33 -3.25 -19.11 1.63
N ASN A 34 -3.86 -19.29 0.45
CA ASN A 34 -4.86 -20.32 0.14
C ASN A 34 -4.42 -21.28 -1.01
N GLY A 35 -3.12 -21.26 -1.36
CA GLY A 35 -2.55 -21.96 -2.52
C GLY A 35 -2.28 -21.06 -3.74
N ARG A 36 -2.51 -19.74 -3.62
CA ARG A 36 -2.15 -18.71 -4.62
C ARG A 36 -0.97 -17.85 -4.12
N LYS A 37 -0.45 -16.99 -5.01
CA LYS A 37 0.74 -16.14 -4.80
C LYS A 37 0.63 -15.22 -3.56
N THR A 38 1.74 -15.05 -2.82
CA THR A 38 1.88 -14.04 -1.74
C THR A 38 1.94 -12.64 -2.36
N LEU A 39 1.05 -11.76 -1.93
CA LEU A 39 1.00 -10.33 -2.31
C LEU A 39 0.91 -9.45 -1.07
N THR A 40 1.69 -8.36 -1.04
CA THR A 40 1.61 -7.27 -0.07
C THR A 40 0.62 -6.24 -0.60
N THR A 41 -0.23 -5.69 0.25
CA THR A 41 -1.28 -4.71 -0.10
C THR A 41 -1.16 -3.47 0.77
N VAL A 42 -0.97 -2.32 0.14
CA VAL A 42 -0.82 -1.01 0.80
C VAL A 42 -2.13 -0.25 0.72
N GLN A 43 -2.62 0.20 1.89
CA GLN A 43 -3.90 0.85 2.10
C GLN A 43 -3.72 2.09 2.99
N GLY A 44 -4.57 3.11 2.84
CA GLY A 44 -4.64 4.26 3.77
C GLY A 44 -3.58 5.34 3.58
N VAL A 45 -2.66 5.18 2.62
CA VAL A 45 -1.66 6.20 2.23
C VAL A 45 -2.35 7.54 1.87
N PRO A 46 -1.85 8.69 2.37
CA PRO A 46 -2.41 10.02 2.07
C PRO A 46 -2.50 10.32 0.58
N GLU A 47 -3.56 11.03 0.18
CA GLU A 47 -3.90 11.27 -1.24
C GLU A 47 -2.89 12.21 -1.95
N GLU A 48 -2.08 12.95 -1.20
CA GLU A 48 -1.01 13.81 -1.74
C GLU A 48 0.16 13.01 -2.35
N TYR A 49 0.29 11.72 -2.04
CA TYR A 49 1.30 10.81 -2.61
C TYR A 49 0.75 10.06 -3.83
N ASP A 50 1.41 10.20 -4.98
CA ASP A 50 1.02 9.55 -6.24
C ASP A 50 1.34 8.04 -6.20
N LEU A 51 0.30 7.21 -6.30
CA LEU A 51 0.43 5.75 -6.26
C LEU A 51 1.31 5.23 -7.42
N LYS A 52 1.21 5.85 -8.59
CA LYS A 52 2.05 5.53 -9.76
C LYS A 52 3.54 5.79 -9.50
N ARG A 53 3.89 6.86 -8.78
CA ARG A 53 5.27 7.11 -8.31
C ARG A 53 5.73 6.05 -7.30
N ILE A 54 4.84 5.58 -6.42
CA ILE A 54 5.13 4.47 -5.48
C ILE A 54 5.44 3.19 -6.26
N LEU A 55 4.70 2.88 -7.34
CA LEU A 55 5.07 1.78 -8.24
C LEU A 55 6.47 2.00 -8.83
N LYS A 56 6.73 3.16 -9.44
CA LYS A 56 8.01 3.46 -10.09
C LYS A 56 9.22 3.33 -9.14
N VAL A 57 9.15 3.94 -7.96
CA VAL A 57 10.28 3.96 -7.01
C VAL A 57 10.56 2.57 -6.40
N LEU A 58 9.52 1.78 -6.11
CA LEU A 58 9.68 0.41 -5.60
C LEU A 58 10.16 -0.56 -6.70
N LYS A 59 9.69 -0.43 -7.95
CA LYS A 59 10.22 -1.21 -9.08
C LYS A 59 11.68 -0.86 -9.40
N LYS A 60 12.08 0.40 -9.20
CA LYS A 60 13.45 0.89 -9.40
C LYS A 60 14.43 0.42 -8.29
N ASP A 61 14.23 0.87 -7.05
CA ASP A 61 15.21 0.71 -5.96
C ASP A 61 15.04 -0.56 -5.11
N PHE A 62 13.82 -1.09 -4.97
CA PHE A 62 13.55 -2.36 -4.30
C PHE A 62 13.50 -3.55 -5.29
N ALA A 63 13.54 -3.28 -6.60
CA ALA A 63 13.54 -4.27 -7.69
C ALA A 63 12.28 -5.17 -7.70
N CYS A 64 11.16 -4.66 -7.16
CA CYS A 64 9.91 -5.41 -7.00
C CYS A 64 9.05 -5.43 -8.28
N ASN A 65 7.80 -5.89 -8.15
CA ASN A 65 6.76 -5.77 -9.17
C ASN A 65 5.40 -5.47 -8.47
N GLY A 66 4.48 -4.78 -9.15
CA GLY A 66 3.25 -4.28 -8.53
C GLY A 66 2.30 -3.52 -9.45
N ASN A 67 1.12 -3.20 -8.92
CA ASN A 67 0.01 -2.54 -9.62
C ASN A 67 -0.96 -1.85 -8.64
N ILE A 68 -1.78 -0.93 -9.14
CA ILE A 68 -2.90 -0.31 -8.41
C ILE A 68 -4.18 -1.11 -8.71
N VAL A 69 -4.93 -1.50 -7.68
CA VAL A 69 -6.17 -2.31 -7.80
C VAL A 69 -7.22 -1.78 -6.83
N LYS A 70 -8.49 -1.75 -7.25
CA LYS A 70 -9.62 -1.39 -6.39
C LYS A 70 -10.39 -2.64 -5.94
N ASP A 71 -10.31 -2.96 -4.64
CA ASP A 71 -10.97 -4.10 -4.01
C ASP A 71 -12.39 -3.74 -3.52
N PRO A 72 -13.38 -4.66 -3.59
CA PRO A 72 -14.74 -4.42 -3.07
C PRO A 72 -14.81 -4.06 -1.59
N GLU A 73 -13.89 -4.58 -0.76
CA GLU A 73 -13.85 -4.37 0.69
C GLU A 73 -12.67 -3.50 1.14
N MET A 74 -11.46 -3.79 0.64
CA MET A 74 -10.23 -3.07 1.01
C MET A 74 -10.08 -1.71 0.30
N GLY A 75 -10.82 -1.45 -0.78
CA GLY A 75 -10.80 -0.19 -1.54
C GLY A 75 -9.59 -0.11 -2.49
N GLU A 76 -9.25 1.10 -2.92
CA GLU A 76 -8.12 1.36 -3.81
C GLU A 76 -6.78 1.16 -3.07
N ILE A 77 -5.97 0.20 -3.55
CA ILE A 77 -4.75 -0.30 -2.92
C ILE A 77 -3.65 -0.56 -3.95
N ILE A 78 -2.39 -0.46 -3.52
CA ILE A 78 -1.23 -0.95 -4.29
C ILE A 78 -0.97 -2.40 -3.87
N GLN A 79 -0.88 -3.29 -4.85
CA GLN A 79 -0.40 -4.66 -4.70
C GLN A 79 1.10 -4.66 -5.05
N LEU A 80 1.93 -5.26 -4.19
CA LEU A 80 3.35 -5.52 -4.43
C LEU A 80 3.55 -7.05 -4.36
N GLN A 81 4.32 -7.63 -5.28
CA GLN A 81 4.52 -9.07 -5.33
C GLN A 81 5.52 -9.53 -4.26
N GLY A 82 5.13 -10.52 -3.45
CA GLY A 82 5.93 -11.06 -2.33
C GLY A 82 5.55 -10.44 -0.98
N ASP A 83 6.35 -10.73 0.04
CA ASP A 83 6.21 -10.28 1.43
C ASP A 83 7.10 -9.05 1.72
N GLN A 84 6.59 -7.86 1.38
CA GLN A 84 7.33 -6.59 1.35
C GLN A 84 6.91 -5.62 2.46
N ARG A 85 6.18 -6.10 3.48
CA ARG A 85 5.53 -5.27 4.48
C ARG A 85 6.47 -4.36 5.28
N ALA A 86 7.59 -4.91 5.76
CA ALA A 86 8.63 -4.15 6.45
C ALA A 86 9.40 -3.22 5.49
N LYS A 87 9.67 -3.69 4.27
CA LYS A 87 10.37 -2.94 3.22
C LYS A 87 9.59 -1.69 2.80
N VAL A 88 8.29 -1.82 2.56
CA VAL A 88 7.42 -0.68 2.21
C VAL A 88 7.24 0.27 3.42
N CYS A 89 7.16 -0.24 4.65
CA CYS A 89 7.16 0.61 5.86
C CYS A 89 8.42 1.50 5.90
N GLU A 90 9.59 0.91 5.67
CA GLU A 90 10.86 1.64 5.59
C GLU A 90 10.88 2.66 4.44
N PHE A 91 10.32 2.35 3.27
CA PHE A 91 10.22 3.29 2.14
C PHE A 91 9.42 4.54 2.53
N MET A 92 8.24 4.35 3.13
CA MET A 92 7.33 5.40 3.55
C MET A 92 8.01 6.35 4.56
N ILE A 93 8.74 5.78 5.53
CA ILE A 93 9.45 6.55 6.56
C ILE A 93 10.69 7.24 5.98
N SER A 94 11.48 6.56 5.15
CA SER A 94 12.76 7.06 4.62
C SER A 94 12.60 8.11 3.51
N GLN A 95 11.74 7.84 2.52
CA GLN A 95 11.68 8.63 1.27
C GLN A 95 10.51 9.61 1.25
N LEU A 96 9.34 9.25 1.81
CA LEU A 96 8.16 10.14 1.87
C LEU A 96 8.12 10.97 3.16
N GLY A 97 8.94 10.64 4.17
CA GLY A 97 9.02 11.34 5.45
C GLY A 97 7.87 11.00 6.41
N LEU A 98 7.12 9.92 6.14
CA LEU A 98 5.96 9.51 6.94
C LEU A 98 6.41 9.02 8.34
N GLN A 99 5.60 9.31 9.35
CA GLN A 99 5.95 9.01 10.75
C GLN A 99 5.66 7.55 11.08
N LYS A 100 6.60 6.86 11.74
CA LYS A 100 6.51 5.43 12.05
C LYS A 100 5.18 5.06 12.75
N LYS A 101 4.75 5.87 13.73
CA LYS A 101 3.51 5.67 14.50
C LYS A 101 2.22 5.67 13.65
N ASN A 102 2.24 6.28 12.46
CA ASN A 102 1.09 6.31 11.53
C ASN A 102 0.98 5.03 10.69
N ILE A 103 1.99 4.14 10.69
CA ILE A 103 2.01 2.94 9.84
C ILE A 103 1.77 1.69 10.69
N LYS A 104 0.75 0.91 10.31
CA LYS A 104 0.44 -0.41 10.85
C LYS A 104 0.93 -1.51 9.88
N ILE A 105 1.56 -2.55 10.42
CA ILE A 105 1.98 -3.75 9.68
C ILE A 105 1.08 -4.92 10.07
N HIS A 106 0.51 -5.60 9.07
CA HIS A 106 -0.36 -6.76 9.22
C HIS A 106 0.14 -7.97 8.38
N GLY A 107 -0.74 -8.94 8.07
CA GLY A 107 -0.42 -10.12 7.26
C GLY A 107 -0.20 -11.38 8.11
N PHE A 108 0.61 -12.31 7.60
CA PHE A 108 0.85 -13.64 8.20
C PHE A 108 1.74 -13.63 9.47
N MET A 1 -8.50 -37.47 15.41
CA MET A 1 -9.01 -37.26 16.80
C MET A 1 -10.50 -37.67 16.97
N SER A 2 -10.92 -37.99 18.19
CA SER A 2 -12.29 -38.44 18.51
C SER A 2 -13.30 -37.28 18.71
N ILE A 3 -12.83 -36.02 18.78
CA ILE A 3 -13.67 -34.82 18.99
C ILE A 3 -14.51 -34.45 17.75
N GLU A 4 -15.59 -33.71 17.97
CA GLU A 4 -16.45 -33.16 16.94
C GLU A 4 -15.84 -31.89 16.28
N ASN A 5 -16.29 -31.58 15.05
CA ASN A 5 -15.78 -30.47 14.24
C ASN A 5 -16.86 -29.89 13.29
N LEU A 6 -18.13 -29.98 13.69
CA LEU A 6 -19.30 -29.53 12.91
C LEU A 6 -19.28 -28.00 12.75
N LYS A 7 -19.21 -27.52 11.50
CA LYS A 7 -19.13 -26.09 11.16
C LYS A 7 -20.47 -25.36 11.38
N SER A 8 -20.45 -24.29 12.17
CA SER A 8 -21.59 -23.34 12.29
C SER A 8 -21.57 -22.30 11.16
N PHE A 9 -22.75 -21.85 10.73
CA PHE A 9 -22.93 -20.88 9.63
C PHE A 9 -23.79 -19.68 10.05
N ASP A 10 -23.65 -18.57 9.32
CA ASP A 10 -24.31 -17.27 9.58
C ASP A 10 -24.35 -16.44 8.27
N PRO A 11 -25.42 -15.66 7.99
CA PRO A 11 -25.58 -14.90 6.74
C PRO A 11 -24.41 -13.95 6.41
N PHE A 12 -23.96 -13.15 7.38
CA PHE A 12 -22.86 -12.17 7.27
C PHE A 12 -22.57 -11.49 8.62
N ALA A 13 -21.30 -11.25 8.89
CA ALA A 13 -20.81 -10.47 10.05
C ALA A 13 -20.29 -9.09 9.62
N ASP A 14 -20.41 -8.10 10.50
CA ASP A 14 -19.89 -6.73 10.32
C ASP A 14 -18.42 -6.58 10.76
N THR A 15 -17.73 -5.58 10.18
CA THR A 15 -16.33 -5.23 10.46
C THR A 15 -16.21 -3.71 10.56
N GLY A 16 -15.47 -3.22 11.57
CA GLY A 16 -15.16 -1.81 11.76
C GLY A 16 -13.90 -1.39 11.00
N ASP A 17 -14.03 -0.40 10.12
CA ASP A 17 -12.96 0.14 9.26
C ASP A 17 -13.39 1.50 8.64
N ASP A 18 -12.42 2.30 8.20
CA ASP A 18 -12.63 3.64 7.64
C ASP A 18 -11.44 4.11 6.76
N GLU A 19 -11.67 5.14 5.94
CA GLU A 19 -10.72 5.65 4.95
C GLU A 19 -10.99 7.12 4.62
N THR A 20 -9.95 7.87 4.25
CA THR A 20 -10.00 9.29 3.86
C THR A 20 -8.75 9.72 3.10
N ALA A 21 -8.85 10.82 2.35
CA ALA A 21 -7.77 11.35 1.51
C ALA A 21 -6.59 11.93 2.31
N THR A 22 -6.82 12.37 3.56
CA THR A 22 -5.85 13.07 4.41
C THR A 22 -5.33 12.16 5.53
N SER A 23 -5.87 12.30 6.74
CA SER A 23 -5.34 11.66 7.95
C SER A 23 -5.91 10.25 8.19
N ASN A 24 -5.09 9.22 7.99
CA ASN A 24 -5.38 7.82 8.28
C ASN A 24 -4.08 7.03 8.53
N TYR A 25 -4.17 5.87 9.19
CA TYR A 25 -3.06 4.92 9.30
C TYR A 25 -2.78 4.25 7.94
N ILE A 26 -1.50 4.08 7.59
CA ILE A 26 -1.07 3.28 6.44
C ILE A 26 -1.00 1.83 6.89
N HIS A 27 -1.89 0.99 6.37
CA HIS A 27 -1.91 -0.45 6.67
C HIS A 27 -1.18 -1.23 5.58
N ILE A 28 -0.11 -1.94 5.95
CA ILE A 28 0.64 -2.84 5.07
C ILE A 28 0.34 -4.28 5.50
N ARG A 29 -0.42 -5.01 4.69
CA ARG A 29 -0.93 -6.37 4.97
C ARG A 29 -0.44 -7.36 3.91
N ILE A 30 -0.73 -8.66 4.10
CA ILE A 30 -0.55 -9.69 3.07
C ILE A 30 -1.94 -10.16 2.59
N GLN A 31 -2.10 -10.37 1.29
CA GLN A 31 -3.36 -10.80 0.68
C GLN A 31 -3.51 -12.34 0.73
N GLN A 32 -4.74 -12.82 0.74
CA GLN A 32 -5.08 -14.24 0.88
C GLN A 32 -4.61 -15.09 -0.31
N ARG A 33 -4.30 -16.36 -0.06
CA ARG A 33 -3.77 -17.28 -1.07
C ARG A 33 -4.84 -17.69 -2.08
N ASN A 34 -4.55 -17.48 -3.37
CA ASN A 34 -5.44 -17.75 -4.51
C ASN A 34 -4.67 -17.67 -5.85
N GLY A 35 -3.83 -16.63 -6.01
CA GLY A 35 -2.90 -16.47 -7.15
C GLY A 35 -1.62 -17.31 -6.99
N ARG A 36 -0.79 -17.32 -8.04
CA ARG A 36 0.44 -18.12 -8.11
C ARG A 36 1.56 -17.63 -7.16
N LYS A 37 1.52 -16.35 -6.74
CA LYS A 37 2.50 -15.71 -5.84
C LYS A 37 1.80 -14.92 -4.70
N THR A 38 2.53 -14.69 -3.60
CA THR A 38 2.13 -13.83 -2.47
C THR A 38 2.08 -12.37 -2.89
N LEU A 39 1.15 -11.60 -2.33
CA LEU A 39 1.03 -10.15 -2.55
C LEU A 39 0.95 -9.39 -1.22
N THR A 40 1.71 -8.29 -1.12
CA THR A 40 1.63 -7.29 -0.05
C THR A 40 0.68 -6.19 -0.48
N THR A 41 -0.34 -5.89 0.32
CA THR A 41 -1.38 -4.87 0.05
C THR A 41 -1.17 -3.65 0.92
N VAL A 42 -1.15 -2.47 0.29
CA VAL A 42 -1.01 -1.16 0.94
C VAL A 42 -2.33 -0.39 0.86
N GLN A 43 -2.85 0.01 2.01
CA GLN A 43 -4.07 0.81 2.19
C GLN A 43 -3.76 2.04 3.06
N GLY A 44 -4.53 3.12 2.95
CA GLY A 44 -4.51 4.25 3.90
C GLY A 44 -3.42 5.31 3.66
N VAL A 45 -2.59 5.16 2.63
CA VAL A 45 -1.61 6.19 2.22
C VAL A 45 -2.33 7.49 1.81
N PRO A 46 -1.90 8.67 2.32
CA PRO A 46 -2.46 9.97 1.96
C PRO A 46 -2.49 10.22 0.45
N GLU A 47 -3.56 10.87 -0.04
CA GLU A 47 -3.83 11.07 -1.47
C GLU A 47 -2.86 12.08 -2.13
N GLU A 48 -2.17 12.90 -1.33
CA GLU A 48 -1.10 13.80 -1.80
C GLU A 48 0.13 13.05 -2.34
N TYR A 49 0.29 11.76 -1.99
CA TYR A 49 1.32 10.87 -2.53
C TYR A 49 0.76 10.06 -3.73
N ASP A 50 1.32 10.26 -4.92
CA ASP A 50 0.90 9.59 -6.15
C ASP A 50 1.25 8.09 -6.13
N LEU A 51 0.23 7.23 -6.26
CA LEU A 51 0.37 5.78 -6.20
C LEU A 51 1.29 5.24 -7.31
N LYS A 52 1.19 5.81 -8.52
CA LYS A 52 2.07 5.47 -9.65
C LYS A 52 3.55 5.81 -9.36
N ARG A 53 3.83 6.85 -8.56
CA ARG A 53 5.18 7.14 -8.06
C ARG A 53 5.67 6.08 -7.06
N ILE A 54 4.80 5.62 -6.15
CA ILE A 54 5.09 4.50 -5.24
C ILE A 54 5.49 3.27 -6.05
N LEU A 55 4.73 2.91 -7.10
CA LEU A 55 5.13 1.83 -8.02
C LEU A 55 6.51 2.07 -8.63
N LYS A 56 6.79 3.27 -9.15
CA LYS A 56 8.06 3.57 -9.81
C LYS A 56 9.26 3.47 -8.85
N VAL A 57 9.15 4.00 -7.62
CA VAL A 57 10.24 3.89 -6.62
C VAL A 57 10.50 2.44 -6.24
N LEU A 58 9.44 1.66 -5.95
CA LEU A 58 9.58 0.27 -5.51
C LEU A 58 10.06 -0.66 -6.65
N LYS A 59 9.78 -0.35 -7.92
CA LYS A 59 10.34 -1.09 -9.07
C LYS A 59 11.81 -0.73 -9.36
N LYS A 60 12.22 0.53 -9.17
CA LYS A 60 13.60 0.98 -9.39
C LYS A 60 14.56 0.60 -8.25
N ASP A 61 14.29 1.12 -7.05
CA ASP A 61 15.21 1.11 -5.90
C ASP A 61 15.12 -0.17 -5.04
N PHE A 62 13.93 -0.77 -4.94
CA PHE A 62 13.71 -2.04 -4.23
C PHE A 62 13.70 -3.27 -5.18
N ALA A 63 13.70 -3.05 -6.50
CA ALA A 63 13.68 -4.09 -7.54
C ALA A 63 12.45 -5.02 -7.46
N CYS A 64 11.33 -4.53 -6.92
CA CYS A 64 10.07 -5.27 -6.76
C CYS A 64 9.20 -5.17 -8.04
N ASN A 65 7.94 -5.62 -7.95
CA ASN A 65 6.93 -5.40 -8.99
C ASN A 65 5.54 -5.30 -8.35
N GLY A 66 4.63 -4.53 -8.96
CA GLY A 66 3.35 -4.16 -8.36
C GLY A 66 2.41 -3.39 -9.28
N ASN A 67 1.23 -3.10 -8.74
CA ASN A 67 0.07 -2.54 -9.47
C ASN A 67 -0.96 -1.93 -8.50
N ILE A 68 -1.84 -1.06 -9.01
CA ILE A 68 -2.97 -0.46 -8.25
C ILE A 68 -4.25 -1.26 -8.53
N VAL A 69 -5.09 -1.46 -7.51
CA VAL A 69 -6.42 -2.11 -7.63
C VAL A 69 -7.43 -1.31 -6.80
N LYS A 70 -8.65 -1.10 -7.32
CA LYS A 70 -9.79 -0.57 -6.56
C LYS A 70 -10.71 -1.73 -6.14
N ASP A 71 -10.55 -2.20 -4.90
CA ASP A 71 -11.21 -3.38 -4.36
C ASP A 71 -12.64 -3.08 -3.83
N PRO A 72 -13.60 -4.02 -3.94
CA PRO A 72 -14.96 -3.86 -3.43
C PRO A 72 -15.06 -3.51 -1.92
N GLU A 73 -14.13 -4.01 -1.09
CA GLU A 73 -14.15 -3.82 0.37
C GLU A 73 -12.88 -3.14 0.92
N MET A 74 -11.71 -3.45 0.37
CA MET A 74 -10.43 -2.82 0.74
C MET A 74 -10.25 -1.41 0.14
N GLY A 75 -11.00 -1.05 -0.91
CA GLY A 75 -10.88 0.24 -1.60
C GLY A 75 -9.65 0.32 -2.50
N GLU A 76 -9.20 1.53 -2.80
CA GLU A 76 -8.04 1.77 -3.65
C GLU A 76 -6.73 1.41 -2.90
N ILE A 77 -6.02 0.40 -3.42
CA ILE A 77 -4.83 -0.22 -2.81
C ILE A 77 -3.74 -0.49 -3.84
N ILE A 78 -2.48 -0.49 -3.38
CA ILE A 78 -1.33 -0.99 -4.14
C ILE A 78 -1.06 -2.44 -3.71
N GLN A 79 -0.80 -3.30 -4.69
CA GLN A 79 -0.29 -4.66 -4.51
C GLN A 79 1.19 -4.68 -4.92
N LEU A 80 2.05 -5.32 -4.13
CA LEU A 80 3.47 -5.58 -4.42
C LEU A 80 3.73 -7.09 -4.33
N GLN A 81 4.54 -7.66 -5.22
CA GLN A 81 4.83 -9.10 -5.22
C GLN A 81 5.75 -9.50 -4.06
N GLY A 82 5.45 -10.64 -3.43
CA GLY A 82 6.13 -11.15 -2.23
C GLY A 82 5.55 -10.59 -0.93
N ASP A 83 6.23 -10.84 0.19
CA ASP A 83 5.94 -10.28 1.51
C ASP A 83 6.94 -9.14 1.85
N GLN A 84 6.52 -7.90 1.62
CA GLN A 84 7.39 -6.70 1.61
C GLN A 84 7.07 -5.70 2.74
N ARG A 85 6.52 -6.19 3.86
CA ARG A 85 5.98 -5.39 4.97
C ARG A 85 6.98 -4.34 5.48
N ALA A 86 8.15 -4.81 5.93
CA ALA A 86 9.23 -3.97 6.44
C ALA A 86 9.84 -3.07 5.36
N LYS A 87 9.98 -3.59 4.13
CA LYS A 87 10.51 -2.83 2.98
C LYS A 87 9.62 -1.63 2.63
N VAL A 88 8.31 -1.84 2.51
CA VAL A 88 7.36 -0.76 2.19
C VAL A 88 7.20 0.20 3.39
N CYS A 89 7.25 -0.28 4.63
CA CYS A 89 7.30 0.58 5.83
C CYS A 89 8.51 1.54 5.76
N GLU A 90 9.70 1.00 5.48
CA GLU A 90 10.92 1.78 5.31
C GLU A 90 10.82 2.79 4.15
N PHE A 91 10.17 2.45 3.03
CA PHE A 91 9.93 3.40 1.92
C PHE A 91 9.09 4.60 2.38
N MET A 92 7.99 4.36 3.09
CA MET A 92 7.07 5.41 3.59
C MET A 92 7.81 6.33 4.57
N ILE A 93 8.63 5.76 5.45
CA ILE A 93 9.45 6.52 6.42
C ILE A 93 10.56 7.32 5.71
N SER A 94 11.31 6.68 4.81
CA SER A 94 12.53 7.25 4.21
C SER A 94 12.26 8.24 3.06
N GLN A 95 11.39 7.85 2.10
CA GLN A 95 11.23 8.58 0.84
C GLN A 95 10.02 9.52 0.84
N LEU A 96 8.92 9.17 1.53
CA LEU A 96 7.79 10.09 1.74
C LEU A 96 7.99 11.00 2.96
N GLY A 97 8.95 10.65 3.85
CA GLY A 97 9.29 11.41 5.05
C GLY A 97 8.32 11.23 6.21
N LEU A 98 7.48 10.18 6.18
CA LEU A 98 6.42 9.95 7.16
C LEU A 98 6.98 9.50 8.52
N GLN A 99 6.25 9.81 9.60
CA GLN A 99 6.59 9.35 10.95
C GLN A 99 6.24 7.86 11.09
N LYS A 100 7.09 7.10 11.79
CA LYS A 100 6.94 5.64 11.93
C LYS A 100 5.57 5.22 12.52
N LYS A 101 5.08 6.03 13.48
CA LYS A 101 3.79 5.89 14.17
C LYS A 101 2.56 5.89 13.24
N ASN A 102 2.66 6.42 12.02
CA ASN A 102 1.57 6.48 11.04
C ASN A 102 1.31 5.12 10.35
N ILE A 103 2.18 4.12 10.54
CA ILE A 103 2.16 2.85 9.78
C ILE A 103 1.79 1.67 10.70
N LYS A 104 0.88 0.83 10.22
CA LYS A 104 0.53 -0.47 10.81
C LYS A 104 1.01 -1.62 9.90
N ILE A 105 1.64 -2.64 10.48
CA ILE A 105 2.02 -3.87 9.77
C ILE A 105 1.14 -5.03 10.24
N HIS A 106 0.56 -5.76 9.29
CA HIS A 106 -0.28 -6.94 9.50
C HIS A 106 0.21 -8.15 8.67
N GLY A 107 -0.22 -9.36 9.06
CA GLY A 107 0.01 -10.59 8.30
C GLY A 107 -1.08 -10.84 7.25
N PHE A 108 -1.44 -12.10 7.07
CA PHE A 108 -2.61 -12.54 6.27
C PHE A 108 -3.96 -12.24 6.96
N MET A 1 5.64 58.22 0.74
CA MET A 1 6.25 57.39 -0.34
C MET A 1 6.26 55.87 -0.01
N SER A 2 6.31 55.02 -1.03
CA SER A 2 6.36 53.55 -0.88
C SER A 2 7.69 53.06 -0.24
N ILE A 3 7.64 51.92 0.47
CA ILE A 3 8.78 51.30 1.17
C ILE A 3 8.51 49.82 1.45
N GLU A 4 9.57 49.00 1.53
CA GLU A 4 9.52 47.56 1.78
C GLU A 4 10.91 47.07 2.27
N ASN A 5 10.94 45.97 3.01
CA ASN A 5 12.16 45.38 3.60
C ASN A 5 11.99 43.86 3.86
N LEU A 6 13.10 43.11 3.90
CA LEU A 6 13.13 41.65 4.10
C LEU A 6 12.41 41.24 5.39
N LYS A 7 11.59 40.19 5.31
CA LYS A 7 10.75 39.66 6.39
C LYS A 7 10.33 38.19 6.15
N SER A 8 10.01 37.47 7.22
CA SER A 8 9.57 36.06 7.22
C SER A 8 9.01 35.68 8.60
N PHE A 9 8.08 34.72 8.66
CA PHE A 9 7.31 34.36 9.86
C PHE A 9 7.08 32.85 9.95
N ASP A 10 7.18 32.29 11.16
CA ASP A 10 6.88 30.88 11.46
C ASP A 10 5.37 30.64 11.72
N PRO A 11 4.81 29.47 11.34
CA PRO A 11 3.45 29.07 11.71
C PRO A 11 3.25 28.94 13.23
N PHE A 12 4.28 28.43 13.93
CA PHE A 12 4.36 28.14 15.36
C PHE A 12 5.76 27.62 15.72
N ALA A 13 6.17 27.85 16.97
CA ALA A 13 7.47 27.41 17.50
C ALA A 13 7.51 25.91 17.84
N ASP A 14 6.36 25.29 18.12
CA ASP A 14 6.17 23.87 18.48
C ASP A 14 4.70 23.44 18.31
N THR A 15 4.48 22.13 18.10
CA THR A 15 3.15 21.55 17.87
C THR A 15 2.51 21.18 19.21
N GLY A 16 1.23 21.57 19.39
CA GLY A 16 0.49 21.39 20.65
C GLY A 16 -0.22 20.04 20.81
N ASP A 17 0.02 19.08 19.92
CA ASP A 17 -0.63 17.76 19.85
C ASP A 17 0.20 16.75 19.03
N ASP A 18 -0.02 15.46 19.28
CA ASP A 18 0.63 14.33 18.60
C ASP A 18 -0.31 13.11 18.40
N GLU A 19 -1.62 13.24 18.72
CA GLU A 19 -2.60 12.17 18.58
C GLU A 19 -2.82 11.78 17.11
N THR A 20 -2.79 10.47 16.82
CA THR A 20 -2.96 9.89 15.48
C THR A 20 -4.43 9.70 15.14
N ALA A 21 -4.84 10.14 13.94
CA ALA A 21 -6.17 9.89 13.38
C ALA A 21 -6.24 8.53 12.66
N THR A 22 -7.38 7.84 12.76
CA THR A 22 -7.63 6.53 12.11
C THR A 22 -7.52 6.60 10.59
N SER A 23 -8.08 7.64 9.99
CA SER A 23 -8.02 7.89 8.53
C SER A 23 -6.62 8.25 8.00
N ASN A 24 -5.68 8.62 8.88
CA ASN A 24 -4.30 8.98 8.51
C ASN A 24 -3.34 7.76 8.49
N TYR A 25 -3.72 6.63 9.10
CA TYR A 25 -2.87 5.44 9.13
C TYR A 25 -2.76 4.72 7.78
N ILE A 26 -1.54 4.30 7.46
CA ILE A 26 -1.23 3.39 6.35
C ILE A 26 -1.18 1.97 6.89
N HIS A 27 -1.93 1.06 6.28
CA HIS A 27 -1.97 -0.36 6.64
C HIS A 27 -1.26 -1.19 5.56
N ILE A 28 -0.14 -1.82 5.91
CA ILE A 28 0.64 -2.68 5.00
C ILE A 28 0.41 -4.14 5.43
N ARG A 29 -0.35 -4.86 4.60
CA ARG A 29 -0.91 -6.20 4.87
C ARG A 29 -0.33 -7.22 3.88
N ILE A 30 -0.64 -8.51 4.08
CA ILE A 30 -0.37 -9.58 3.10
C ILE A 30 -1.72 -10.25 2.76
N GLN A 31 -1.92 -10.63 1.50
CA GLN A 31 -3.16 -11.29 1.06
C GLN A 31 -3.11 -12.81 1.30
N GLN A 32 -4.28 -13.46 1.28
CA GLN A 32 -4.39 -14.91 1.49
C GLN A 32 -4.05 -15.63 0.18
N ARG A 33 -2.85 -16.20 0.11
CA ARG A 33 -2.25 -16.77 -1.10
C ARG A 33 -1.66 -18.17 -0.84
N ASN A 34 -1.79 -19.06 -1.83
CA ASN A 34 -1.23 -20.42 -1.79
C ASN A 34 0.25 -20.43 -2.24
N GLY A 35 1.13 -21.07 -1.46
CA GLY A 35 2.57 -21.14 -1.75
C GLY A 35 3.25 -19.78 -1.72
N ARG A 36 4.28 -19.60 -2.57
CA ARG A 36 5.03 -18.34 -2.71
C ARG A 36 4.39 -17.33 -3.67
N LYS A 37 3.13 -17.52 -4.08
CA LYS A 37 2.33 -16.58 -4.91
C LYS A 37 1.85 -15.33 -4.11
N THR A 38 2.65 -14.89 -3.13
CA THR A 38 2.38 -13.90 -2.07
C THR A 38 2.23 -12.49 -2.66
N LEU A 39 1.31 -11.71 -2.09
CA LEU A 39 1.12 -10.29 -2.41
C LEU A 39 1.03 -9.46 -1.12
N THR A 40 1.83 -8.39 -1.05
CA THR A 40 1.77 -7.33 -0.04
C THR A 40 0.81 -6.26 -0.53
N THR A 41 -0.12 -5.81 0.31
CA THR A 41 -1.14 -4.80 -0.02
C THR A 41 -0.97 -3.56 0.83
N VAL A 42 -0.89 -2.41 0.19
CA VAL A 42 -0.80 -1.09 0.83
C VAL A 42 -2.17 -0.41 0.75
N GLN A 43 -2.70 -0.03 1.90
CA GLN A 43 -4.02 0.58 2.09
C GLN A 43 -3.89 1.84 2.95
N GLY A 44 -4.75 2.84 2.75
CA GLY A 44 -4.85 4.01 3.65
C GLY A 44 -3.79 5.10 3.45
N VAL A 45 -2.92 4.97 2.44
CA VAL A 45 -1.92 5.99 2.06
C VAL A 45 -2.59 7.37 1.81
N PRO A 46 -2.07 8.47 2.38
CA PRO A 46 -2.58 9.83 2.17
C PRO A 46 -2.69 10.22 0.70
N GLU A 47 -3.74 10.99 0.37
CA GLU A 47 -4.12 11.33 -1.00
C GLU A 47 -3.10 12.27 -1.71
N GLU A 48 -2.23 12.95 -0.94
CA GLU A 48 -1.17 13.81 -1.46
C GLU A 48 -0.01 13.04 -2.13
N TYR A 49 0.10 11.72 -1.89
CA TYR A 49 1.11 10.85 -2.47
C TYR A 49 0.59 10.11 -3.71
N ASP A 50 1.26 10.26 -4.85
CA ASP A 50 0.89 9.65 -6.13
C ASP A 50 1.23 8.16 -6.18
N LEU A 51 0.22 7.31 -6.40
CA LEU A 51 0.36 5.86 -6.34
C LEU A 51 1.28 5.32 -7.46
N LYS A 52 1.20 5.87 -8.67
CA LYS A 52 2.06 5.51 -9.80
C LYS A 52 3.55 5.83 -9.51
N ARG A 53 3.85 6.91 -8.78
CA ARG A 53 5.21 7.21 -8.29
C ARG A 53 5.70 6.16 -7.28
N ILE A 54 4.80 5.66 -6.41
CA ILE A 54 5.08 4.54 -5.48
C ILE A 54 5.39 3.26 -6.26
N LEU A 55 4.66 2.96 -7.35
CA LEU A 55 5.02 1.86 -8.24
C LEU A 55 6.42 2.06 -8.83
N LYS A 56 6.70 3.22 -9.42
CA LYS A 56 8.00 3.52 -10.05
C LYS A 56 9.17 3.33 -9.08
N VAL A 57 9.11 3.92 -7.88
CA VAL A 57 10.23 3.90 -6.92
C VAL A 57 10.48 2.50 -6.32
N LEU A 58 9.42 1.71 -6.06
CA LEU A 58 9.56 0.33 -5.57
C LEU A 58 10.04 -0.63 -6.67
N LYS A 59 9.64 -0.43 -7.93
CA LYS A 59 10.18 -1.18 -9.07
C LYS A 59 11.65 -0.82 -9.36
N LYS A 60 12.06 0.43 -9.13
CA LYS A 60 13.42 0.93 -9.32
C LYS A 60 14.40 0.46 -8.23
N ASP A 61 14.21 0.90 -6.98
CA ASP A 61 15.19 0.75 -5.90
C ASP A 61 15.03 -0.52 -5.05
N PHE A 62 13.80 -1.04 -4.91
CA PHE A 62 13.54 -2.33 -4.24
C PHE A 62 13.46 -3.50 -5.24
N ALA A 63 13.54 -3.23 -6.55
CA ALA A 63 13.50 -4.22 -7.65
C ALA A 63 12.21 -5.07 -7.65
N CYS A 64 11.10 -4.52 -7.14
CA CYS A 64 9.83 -5.22 -6.96
C CYS A 64 8.98 -5.28 -8.24
N ASN A 65 7.83 -5.94 -8.16
CA ASN A 65 6.76 -5.94 -9.17
C ASN A 65 5.45 -5.54 -8.47
N GLY A 66 4.58 -4.75 -9.11
CA GLY A 66 3.37 -4.22 -8.48
C GLY A 66 2.41 -3.47 -9.39
N ASN A 67 1.20 -3.23 -8.86
CA ASN A 67 0.05 -2.64 -9.57
C ASN A 67 -0.90 -1.93 -8.60
N ILE A 68 -1.73 -1.00 -9.11
CA ILE A 68 -2.84 -0.37 -8.38
C ILE A 68 -4.14 -1.15 -8.67
N VAL A 69 -4.95 -1.42 -7.65
CA VAL A 69 -6.26 -2.11 -7.76
C VAL A 69 -7.28 -1.40 -6.88
N LYS A 70 -8.54 -1.29 -7.35
CA LYS A 70 -9.67 -0.84 -6.54
C LYS A 70 -10.58 -2.04 -6.21
N ASP A 71 -10.46 -2.55 -4.98
CA ASP A 71 -11.12 -3.77 -4.51
C ASP A 71 -12.51 -3.48 -3.90
N PRO A 72 -13.51 -4.37 -4.05
CA PRO A 72 -14.84 -4.22 -3.43
C PRO A 72 -14.82 -4.13 -1.91
N GLU A 73 -13.86 -4.78 -1.24
CA GLU A 73 -13.75 -4.85 0.23
C GLU A 73 -12.53 -4.07 0.76
N MET A 74 -11.35 -4.26 0.15
CA MET A 74 -10.09 -3.61 0.56
C MET A 74 -9.98 -2.15 0.10
N GLY A 75 -10.78 -1.72 -0.87
CA GLY A 75 -10.74 -0.36 -1.45
C GLY A 75 -9.59 -0.17 -2.42
N GLU A 76 -9.22 1.09 -2.70
CA GLU A 76 -8.09 1.44 -3.54
C GLU A 76 -6.75 1.14 -2.84
N ILE A 77 -5.94 0.28 -3.46
CA ILE A 77 -4.73 -0.33 -2.89
C ILE A 77 -3.62 -0.52 -3.93
N ILE A 78 -2.38 -0.55 -3.47
CA ILE A 78 -1.21 -1.00 -4.25
C ILE A 78 -0.91 -2.43 -3.82
N GLN A 79 -0.72 -3.33 -4.78
CA GLN A 79 -0.19 -4.68 -4.61
C GLN A 79 1.29 -4.69 -4.98
N LEU A 80 2.12 -5.39 -4.21
CA LEU A 80 3.53 -5.66 -4.48
C LEU A 80 3.76 -7.18 -4.34
N GLN A 81 4.54 -7.80 -5.24
CA GLN A 81 4.82 -9.24 -5.18
C GLN A 81 5.77 -9.58 -4.02
N GLY A 82 5.50 -10.69 -3.32
CA GLY A 82 6.24 -11.16 -2.14
C GLY A 82 5.73 -10.57 -0.83
N ASP A 83 6.45 -10.82 0.26
CA ASP A 83 6.23 -10.32 1.61
C ASP A 83 7.13 -9.11 1.92
N GLN A 84 6.67 -7.91 1.53
CA GLN A 84 7.44 -6.66 1.52
C GLN A 84 6.99 -5.66 2.60
N ARG A 85 6.24 -6.13 3.59
CA ARG A 85 5.56 -5.28 4.57
C ARG A 85 6.50 -4.35 5.36
N ALA A 86 7.64 -4.87 5.82
CA ALA A 86 8.67 -4.09 6.51
C ALA A 86 9.44 -3.17 5.54
N LYS A 87 9.73 -3.65 4.33
CA LYS A 87 10.44 -2.89 3.28
C LYS A 87 9.64 -1.66 2.83
N VAL A 88 8.33 -1.83 2.58
CA VAL A 88 7.44 -0.72 2.20
C VAL A 88 7.21 0.24 3.38
N CYS A 89 7.13 -0.26 4.63
CA CYS A 89 7.11 0.60 5.82
C CYS A 89 8.35 1.52 5.86
N GLU A 90 9.54 0.95 5.68
CA GLU A 90 10.80 1.67 5.60
C GLU A 90 10.80 2.71 4.46
N PHE A 91 10.25 2.41 3.27
CA PHE A 91 10.13 3.37 2.16
C PHE A 91 9.29 4.59 2.56
N MET A 92 8.11 4.35 3.13
CA MET A 92 7.16 5.40 3.54
C MET A 92 7.80 6.35 4.57
N ILE A 93 8.60 5.82 5.48
CA ILE A 93 9.33 6.59 6.50
C ILE A 93 10.53 7.33 5.89
N SER A 94 11.32 6.66 5.05
CA SER A 94 12.61 7.15 4.57
C SER A 94 12.54 8.06 3.34
N GLN A 95 11.48 8.00 2.53
CA GLN A 95 11.36 8.77 1.27
C GLN A 95 10.16 9.71 1.26
N LEU A 96 9.00 9.33 1.82
CA LEU A 96 7.84 10.24 1.93
C LEU A 96 7.94 11.16 3.16
N GLY A 97 8.83 10.85 4.11
CA GLY A 97 9.05 11.61 5.34
C GLY A 97 8.03 11.33 6.43
N LEU A 98 7.24 10.25 6.30
CA LEU A 98 6.23 9.85 7.30
C LEU A 98 6.88 9.34 8.59
N GLN A 99 6.13 9.36 9.69
CA GLN A 99 6.59 8.83 10.98
C GLN A 99 6.26 7.33 11.08
N LYS A 100 7.04 6.56 11.84
CA LYS A 100 6.75 5.14 12.10
C LYS A 100 5.35 4.95 12.70
N LYS A 101 4.95 5.84 13.59
CA LYS A 101 3.61 5.90 14.21
C LYS A 101 2.45 6.24 13.26
N ASN A 102 2.70 6.49 11.96
CA ASN A 102 1.65 6.60 10.93
C ASN A 102 1.35 5.26 10.22
N ILE A 103 2.06 4.17 10.54
CA ILE A 103 2.01 2.91 9.77
C ILE A 103 1.71 1.71 10.68
N LYS A 104 0.75 0.87 10.25
CA LYS A 104 0.47 -0.44 10.82
C LYS A 104 1.04 -1.54 9.90
N ILE A 105 1.83 -2.46 10.45
CA ILE A 105 2.28 -3.69 9.78
C ILE A 105 1.37 -4.84 10.22
N HIS A 106 0.73 -5.51 9.27
CA HIS A 106 -0.15 -6.66 9.48
C HIS A 106 0.41 -7.96 8.85
N GLY A 107 -0.21 -9.10 9.11
CA GLY A 107 0.16 -10.41 8.55
C GLY A 107 -0.71 -10.83 7.37
N PHE A 108 -0.81 -12.16 7.16
CA PHE A 108 -1.74 -12.82 6.25
C PHE A 108 -3.20 -12.86 6.79
N MET A 1 -24.22 -21.35 -31.46
CA MET A 1 -25.03 -20.09 -31.55
C MET A 1 -24.17 -18.84 -31.82
N SER A 2 -24.71 -17.83 -32.51
CA SER A 2 -24.01 -16.64 -33.03
C SER A 2 -23.64 -15.58 -31.95
N ILE A 3 -23.29 -16.01 -30.74
CA ILE A 3 -22.86 -15.14 -29.62
C ILE A 3 -21.35 -14.91 -29.62
N GLU A 4 -20.90 -13.85 -28.93
CA GLU A 4 -19.49 -13.49 -28.75
C GLU A 4 -19.19 -13.16 -27.27
N ASN A 5 -18.00 -13.52 -26.80
CA ASN A 5 -17.56 -13.30 -25.41
C ASN A 5 -17.20 -11.82 -25.12
N LEU A 6 -16.89 -11.03 -26.16
CA LEU A 6 -16.48 -9.62 -26.08
C LEU A 6 -17.71 -8.70 -25.96
N LYS A 7 -18.46 -8.85 -24.86
CA LYS A 7 -19.74 -8.15 -24.63
C LYS A 7 -19.58 -6.62 -24.46
N SER A 8 -18.53 -6.18 -23.77
CA SER A 8 -18.29 -4.78 -23.39
C SER A 8 -16.90 -4.59 -22.73
N PHE A 9 -16.45 -3.33 -22.64
CA PHE A 9 -15.17 -2.92 -22.06
C PHE A 9 -15.31 -1.57 -21.31
N ASP A 10 -14.33 -1.26 -20.45
CA ASP A 10 -14.23 0.02 -19.72
C ASP A 10 -12.81 0.60 -19.80
N PRO A 11 -12.64 1.93 -19.91
CA PRO A 11 -11.34 2.58 -20.03
C PRO A 11 -10.60 2.75 -18.70
N PHE A 12 -11.35 2.76 -17.57
CA PHE A 12 -10.89 3.04 -16.21
C PHE A 12 -12.06 2.86 -15.23
N ALA A 13 -11.73 2.62 -13.96
CA ALA A 13 -12.67 2.52 -12.84
C ALA A 13 -13.23 3.89 -12.41
N ASP A 14 -14.44 3.89 -11.83
CA ASP A 14 -15.11 5.09 -11.31
C ASP A 14 -14.46 5.61 -10.01
N THR A 15 -14.39 6.94 -9.85
CA THR A 15 -13.75 7.64 -8.73
C THR A 15 -14.58 8.83 -8.24
N GLY A 16 -14.25 9.34 -7.06
CA GLY A 16 -14.89 10.49 -6.40
C GLY A 16 -15.42 10.15 -5.00
N ASP A 17 -15.28 11.11 -4.08
CA ASP A 17 -15.62 11.01 -2.65
C ASP A 17 -15.60 12.42 -1.99
N ASP A 18 -16.17 12.56 -0.78
CA ASP A 18 -16.28 13.83 -0.06
C ASP A 18 -16.38 13.63 1.46
N GLU A 19 -15.69 14.51 2.22
CA GLU A 19 -15.65 14.59 3.69
C GLU A 19 -14.93 15.87 4.14
N THR A 20 -14.99 16.18 5.44
CA THR A 20 -14.21 17.24 6.09
C THR A 20 -12.80 16.74 6.41
N ALA A 21 -12.68 15.84 7.40
CA ALA A 21 -11.47 15.17 7.86
C ALA A 21 -11.79 14.07 8.91
N THR A 22 -10.84 13.16 9.15
CA THR A 22 -10.87 12.12 10.20
C THR A 22 -9.48 11.53 10.42
N SER A 23 -9.28 10.87 11.55
CA SER A 23 -8.03 10.18 11.89
C SER A 23 -7.81 8.91 11.03
N ASN A 24 -6.55 8.64 10.66
CA ASN A 24 -6.17 7.63 9.67
C ASN A 24 -4.68 7.24 9.74
N TYR A 25 -4.34 6.06 9.20
CA TYR A 25 -2.99 5.50 9.14
C TYR A 25 -2.67 4.88 7.77
N ILE A 26 -1.38 4.66 7.50
CA ILE A 26 -0.90 3.85 6.38
C ILE A 26 -0.95 2.39 6.82
N HIS A 27 -1.59 1.51 6.05
CA HIS A 27 -1.76 0.10 6.37
C HIS A 27 -1.03 -0.80 5.34
N ILE A 28 -0.19 -1.70 5.82
CA ILE A 28 0.53 -2.69 4.99
C ILE A 28 0.08 -4.08 5.40
N ARG A 29 -0.84 -4.63 4.61
CA ARG A 29 -1.49 -5.94 4.76
C ARG A 29 -0.89 -6.95 3.77
N ILE A 30 -1.30 -8.22 3.85
CA ILE A 30 -0.99 -9.24 2.84
C ILE A 30 -2.30 -9.92 2.41
N GLN A 31 -2.46 -10.16 1.11
CA GLN A 31 -3.56 -10.90 0.53
C GLN A 31 -3.14 -12.36 0.33
N GLN A 32 -3.94 -13.27 0.88
CA GLN A 32 -3.74 -14.71 0.79
C GLN A 32 -4.22 -15.22 -0.58
N ARG A 33 -3.48 -16.13 -1.21
CA ARG A 33 -3.75 -16.59 -2.59
C ARG A 33 -3.19 -17.99 -2.85
N ASN A 34 -3.91 -18.78 -3.66
CA ASN A 34 -3.52 -20.14 -4.07
C ASN A 34 -2.16 -20.17 -4.81
N GLY A 35 -1.42 -21.29 -4.70
CA GLY A 35 -0.11 -21.50 -5.35
C GLY A 35 1.04 -20.70 -4.71
N ARG A 36 0.84 -20.14 -3.51
CA ARG A 36 1.79 -19.29 -2.76
C ARG A 36 2.07 -17.95 -3.49
N LYS A 37 1.12 -17.47 -4.29
CA LYS A 37 1.20 -16.22 -5.05
C LYS A 37 0.93 -14.98 -4.16
N THR A 38 1.79 -14.78 -3.15
CA THR A 38 1.64 -13.79 -2.07
C THR A 38 1.71 -12.37 -2.61
N LEU A 39 0.83 -11.49 -2.14
CA LEU A 39 0.79 -10.07 -2.49
C LEU A 39 0.72 -9.20 -1.23
N THR A 40 1.63 -8.25 -1.08
CA THR A 40 1.61 -7.21 -0.03
C THR A 40 0.67 -6.10 -0.50
N THR A 41 -0.42 -5.88 0.23
CA THR A 41 -1.46 -4.90 -0.07
C THR A 41 -1.24 -3.63 0.74
N VAL A 42 -0.91 -2.54 0.03
CA VAL A 42 -0.64 -1.22 0.61
C VAL A 42 -1.89 -0.37 0.49
N GLN A 43 -2.29 0.23 1.60
CA GLN A 43 -3.58 0.89 1.81
C GLN A 43 -3.41 2.12 2.73
N GLY A 44 -4.38 3.05 2.73
CA GLY A 44 -4.45 4.15 3.71
C GLY A 44 -3.46 5.29 3.53
N VAL A 45 -2.42 5.12 2.71
CA VAL A 45 -1.45 6.17 2.32
C VAL A 45 -2.17 7.47 1.87
N PRO A 46 -1.78 8.65 2.38
CA PRO A 46 -2.40 9.93 2.02
C PRO A 46 -2.43 10.18 0.52
N GLU A 47 -3.53 10.77 0.03
CA GLU A 47 -3.79 10.92 -1.41
C GLU A 47 -2.89 11.95 -2.12
N GLU A 48 -2.13 12.75 -1.35
CA GLU A 48 -1.09 13.64 -1.89
C GLU A 48 0.13 12.87 -2.43
N TYR A 49 0.32 11.60 -2.03
CA TYR A 49 1.32 10.68 -2.55
C TYR A 49 0.73 9.84 -3.69
N ASP A 50 1.24 10.04 -4.91
CA ASP A 50 0.78 9.34 -6.12
C ASP A 50 1.11 7.84 -6.07
N LEU A 51 0.10 6.99 -6.20
CA LEU A 51 0.26 5.54 -6.17
C LEU A 51 1.19 5.05 -7.29
N LYS A 52 1.11 5.66 -8.48
CA LYS A 52 2.00 5.38 -9.62
C LYS A 52 3.46 5.75 -9.31
N ARG A 53 3.72 6.80 -8.51
CA ARG A 53 5.07 7.11 -8.01
C ARG A 53 5.56 6.07 -6.99
N ILE A 54 4.69 5.56 -6.11
CA ILE A 54 5.01 4.45 -5.20
C ILE A 54 5.45 3.23 -6.03
N LEU A 55 4.73 2.86 -7.10
CA LEU A 55 5.15 1.81 -8.02
C LEU A 55 6.55 2.09 -8.60
N LYS A 56 6.80 3.31 -9.10
CA LYS A 56 8.09 3.67 -9.71
C LYS A 56 9.26 3.55 -8.72
N VAL A 57 9.10 4.02 -7.48
CA VAL A 57 10.16 3.93 -6.47
C VAL A 57 10.44 2.47 -6.07
N LEU A 58 9.39 1.68 -5.82
CA LEU A 58 9.54 0.29 -5.39
C LEU A 58 10.07 -0.62 -6.51
N LYS A 59 9.75 -0.35 -7.77
CA LYS A 59 10.30 -1.08 -8.93
C LYS A 59 11.77 -0.73 -9.22
N LYS A 60 12.19 0.54 -9.02
CA LYS A 60 13.56 0.99 -9.29
C LYS A 60 14.54 0.72 -8.13
N ASP A 61 14.18 1.08 -6.89
CA ASP A 61 15.08 1.06 -5.73
C ASP A 61 15.11 -0.30 -5.01
N PHE A 62 13.94 -0.93 -4.83
CA PHE A 62 13.79 -2.23 -4.16
C PHE A 62 13.79 -3.42 -5.14
N ALA A 63 13.67 -3.16 -6.45
CA ALA A 63 13.57 -4.15 -7.53
C ALA A 63 12.31 -5.04 -7.41
N CYS A 64 11.21 -4.49 -6.86
CA CYS A 64 9.93 -5.19 -6.70
C CYS A 64 9.11 -5.20 -7.99
N ASN A 65 7.90 -5.77 -7.93
CA ASN A 65 6.89 -5.69 -8.99
C ASN A 65 5.50 -5.46 -8.37
N GLY A 66 4.63 -4.71 -9.03
CA GLY A 66 3.33 -4.31 -8.46
C GLY A 66 2.39 -3.56 -9.40
N ASN A 67 1.16 -3.36 -8.91
CA ASN A 67 0.06 -2.73 -9.64
C ASN A 67 -1.02 -2.15 -8.70
N ILE A 68 -1.87 -1.25 -9.19
CA ILE A 68 -2.98 -0.62 -8.44
C ILE A 68 -4.31 -1.35 -8.74
N VAL A 69 -5.09 -1.64 -7.70
CA VAL A 69 -6.40 -2.32 -7.80
C VAL A 69 -7.41 -1.62 -6.89
N LYS A 70 -8.66 -1.47 -7.35
CA LYS A 70 -9.78 -1.03 -6.52
C LYS A 70 -10.56 -2.25 -6.00
N ASP A 71 -10.37 -2.59 -4.72
CA ASP A 71 -10.96 -3.77 -4.07
C ASP A 71 -12.38 -3.47 -3.54
N PRO A 72 -13.33 -4.45 -3.59
CA PRO A 72 -14.67 -4.29 -3.03
C PRO A 72 -14.73 -3.95 -1.54
N GLU A 73 -13.75 -4.44 -0.75
CA GLU A 73 -13.71 -4.27 0.71
C GLU A 73 -12.57 -3.33 1.15
N MET A 74 -11.36 -3.55 0.61
CA MET A 74 -10.16 -2.76 0.97
C MET A 74 -10.08 -1.38 0.29
N GLY A 75 -10.84 -1.15 -0.79
CA GLY A 75 -10.78 0.09 -1.58
C GLY A 75 -9.57 0.15 -2.51
N GLU A 76 -9.17 1.35 -2.92
CA GLU A 76 -8.03 1.55 -3.80
C GLU A 76 -6.70 1.24 -3.08
N ILE A 77 -5.97 0.24 -3.60
CA ILE A 77 -4.76 -0.36 -3.00
C ILE A 77 -3.69 -0.68 -4.04
N ILE A 78 -2.43 -0.68 -3.61
CA ILE A 78 -1.30 -1.23 -4.38
C ILE A 78 -1.06 -2.66 -3.93
N GLN A 79 -0.90 -3.58 -4.87
CA GLN A 79 -0.42 -4.93 -4.64
C GLN A 79 1.06 -4.98 -5.06
N LEU A 80 1.96 -5.37 -4.16
CA LEU A 80 3.37 -5.63 -4.43
C LEU A 80 3.61 -7.14 -4.35
N GLN A 81 4.35 -7.74 -5.28
CA GLN A 81 4.60 -9.19 -5.28
C GLN A 81 5.52 -9.62 -4.13
N GLY A 82 5.15 -10.71 -3.45
CA GLY A 82 5.85 -11.25 -2.28
C GLY A 82 5.40 -10.61 -0.95
N ASP A 83 6.15 -10.89 0.11
CA ASP A 83 6.00 -10.32 1.45
C ASP A 83 7.01 -9.17 1.66
N GLN A 84 6.55 -7.92 1.50
CA GLN A 84 7.37 -6.72 1.46
C GLN A 84 7.01 -5.69 2.54
N ARG A 85 6.34 -6.12 3.61
CA ARG A 85 5.74 -5.23 4.60
C ARG A 85 6.74 -4.33 5.34
N ALA A 86 7.87 -4.87 5.79
CA ALA A 86 8.96 -4.11 6.41
C ALA A 86 9.63 -3.16 5.39
N LYS A 87 9.81 -3.62 4.15
CA LYS A 87 10.41 -2.83 3.05
C LYS A 87 9.54 -1.62 2.68
N VAL A 88 8.22 -1.81 2.53
CA VAL A 88 7.28 -0.71 2.23
C VAL A 88 7.17 0.26 3.42
N CYS A 89 7.21 -0.22 4.66
CA CYS A 89 7.27 0.64 5.84
C CYS A 89 8.53 1.54 5.80
N GLU A 90 9.70 0.95 5.53
CA GLU A 90 10.94 1.68 5.35
C GLU A 90 10.89 2.71 4.20
N PHE A 91 10.21 2.41 3.08
CA PHE A 91 10.00 3.37 2.00
C PHE A 91 9.20 4.60 2.46
N MET A 92 8.07 4.37 3.16
CA MET A 92 7.20 5.43 3.68
C MET A 92 7.97 6.33 4.66
N ILE A 93 8.78 5.75 5.54
CA ILE A 93 9.63 6.48 6.51
C ILE A 93 10.76 7.24 5.80
N SER A 94 11.50 6.58 4.91
CA SER A 94 12.73 7.11 4.31
C SER A 94 12.50 8.12 3.18
N GLN A 95 11.61 7.79 2.23
CA GLN A 95 11.46 8.55 0.98
C GLN A 95 10.29 9.54 1.02
N LEU A 96 9.18 9.18 1.69
CA LEU A 96 8.02 10.08 1.84
C LEU A 96 8.10 10.92 3.12
N GLY A 97 8.94 10.54 4.10
CA GLY A 97 9.11 11.24 5.37
C GLY A 97 7.97 11.00 6.37
N LEU A 98 7.16 9.95 6.16
CA LEU A 98 6.01 9.62 7.01
C LEU A 98 6.49 9.09 8.38
N GLN A 99 5.74 9.39 9.45
CA GLN A 99 6.14 9.05 10.81
C GLN A 99 5.98 7.55 11.08
N LYS A 100 6.91 6.98 11.87
CA LYS A 100 7.05 5.54 12.05
C LYS A 100 5.79 4.91 12.69
N LYS A 101 5.22 5.58 13.70
CA LYS A 101 4.00 5.15 14.42
C LYS A 101 2.71 5.25 13.57
N ASN A 102 2.71 6.08 12.52
CA ASN A 102 1.56 6.32 11.65
C ASN A 102 1.40 5.23 10.57
N ILE A 103 2.34 4.29 10.49
CA ILE A 103 2.31 3.11 9.62
C ILE A 103 2.02 1.86 10.46
N LYS A 104 1.14 1.01 9.97
CA LYS A 104 0.70 -0.23 10.60
C LYS A 104 1.00 -1.43 9.69
N ILE A 105 1.86 -2.34 10.17
CA ILE A 105 2.10 -3.65 9.53
C ILE A 105 1.14 -4.67 10.14
N HIS A 106 0.35 -5.35 9.30
CA HIS A 106 -0.65 -6.34 9.72
C HIS A 106 -0.29 -7.79 9.33
N GLY A 107 0.44 -7.98 8.22
CA GLY A 107 0.90 -9.29 7.76
C GLY A 107 -0.21 -10.16 7.14
N PHE A 108 0.01 -11.47 7.18
CA PHE A 108 -0.90 -12.53 6.68
C PHE A 108 -2.21 -12.69 7.49
N MET A 1 -10.60 -29.15 14.06
CA MET A 1 -10.04 -27.85 14.55
C MET A 1 -10.05 -26.74 13.48
N SER A 2 -10.05 -25.47 13.89
CA SER A 2 -10.24 -24.30 13.00
C SER A 2 -9.06 -23.97 12.07
N ILE A 3 -7.93 -24.68 12.19
CA ILE A 3 -6.69 -24.47 11.41
C ILE A 3 -6.78 -24.87 9.92
N GLU A 4 -7.90 -25.43 9.48
CA GLU A 4 -8.15 -25.84 8.09
C GLU A 4 -9.67 -25.84 7.80
N ASN A 5 -10.06 -25.35 6.60
CA ASN A 5 -11.44 -25.26 6.13
C ASN A 5 -11.49 -25.11 4.59
N LEU A 6 -12.61 -25.51 3.97
CA LEU A 6 -12.86 -25.38 2.53
C LEU A 6 -13.17 -23.92 2.15
N LYS A 7 -12.78 -23.51 0.93
CA LYS A 7 -12.99 -22.17 0.37
C LYS A 7 -13.40 -22.22 -1.11
N SER A 8 -13.89 -21.11 -1.65
CA SER A 8 -14.37 -20.98 -3.04
C SER A 8 -14.42 -19.50 -3.49
N PHE A 9 -14.50 -19.27 -4.82
CA PHE A 9 -14.51 -17.94 -5.42
C PHE A 9 -15.94 -17.35 -5.50
N ASP A 10 -16.03 -16.01 -5.58
CA ASP A 10 -17.27 -15.28 -5.86
C ASP A 10 -17.71 -15.44 -7.34
N PRO A 11 -19.03 -15.43 -7.64
CA PRO A 11 -19.54 -15.53 -9.00
C PRO A 11 -19.41 -14.19 -9.76
N PHE A 12 -19.62 -13.06 -9.08
CA PHE A 12 -19.64 -11.70 -9.60
C PHE A 12 -19.40 -10.71 -8.44
N ALA A 13 -18.84 -9.55 -8.77
CA ALA A 13 -18.65 -8.39 -7.88
C ALA A 13 -18.83 -7.07 -8.63
N ASP A 14 -19.33 -6.04 -7.94
CA ASP A 14 -19.61 -4.70 -8.47
C ASP A 14 -18.39 -3.74 -8.39
N THR A 15 -18.51 -2.59 -9.06
CA THR A 15 -17.53 -1.50 -9.10
C THR A 15 -18.19 -0.19 -9.55
N GLY A 16 -17.56 0.94 -9.22
CA GLY A 16 -18.07 2.29 -9.50
C GLY A 16 -17.34 3.38 -8.70
N ASP A 17 -17.99 4.54 -8.58
CA ASP A 17 -17.52 5.69 -7.81
C ASP A 17 -17.70 5.52 -6.28
N ASP A 18 -17.06 6.40 -5.50
CA ASP A 18 -17.06 6.39 -4.03
C ASP A 18 -16.89 7.82 -3.46
N GLU A 19 -17.32 8.04 -2.21
CA GLU A 19 -17.22 9.33 -1.51
C GLU A 19 -15.77 9.83 -1.33
N THR A 20 -14.80 8.89 -1.23
CA THR A 20 -13.33 9.11 -1.18
C THR A 20 -12.87 9.54 0.22
N ALA A 21 -11.65 9.13 0.60
CA ALA A 21 -10.99 9.51 1.85
C ALA A 21 -9.47 9.70 1.63
N THR A 22 -8.84 10.56 2.46
CA THR A 22 -7.42 10.94 2.39
C THR A 22 -6.53 9.90 3.07
N SER A 23 -6.68 9.73 4.39
CA SER A 23 -5.84 8.89 5.24
C SER A 23 -6.35 8.80 6.69
N ASN A 24 -5.74 7.90 7.48
CA ASN A 24 -5.90 7.77 8.94
C ASN A 24 -4.69 7.00 9.52
N TYR A 25 -4.35 5.88 8.86
CA TYR A 25 -3.12 5.09 9.02
C TYR A 25 -2.75 4.46 7.68
N ILE A 26 -1.46 4.28 7.41
CA ILE A 26 -1.00 3.48 6.26
C ILE A 26 -1.01 2.02 6.68
N HIS A 27 -1.94 1.24 6.16
CA HIS A 27 -2.09 -0.17 6.48
C HIS A 27 -1.34 -1.03 5.44
N ILE A 28 -0.39 -1.84 5.90
CA ILE A 28 0.38 -2.78 5.06
C ILE A 28 0.00 -4.21 5.48
N ARG A 29 -0.82 -4.85 4.65
CA ARG A 29 -1.40 -6.17 4.86
C ARG A 29 -0.80 -7.17 3.85
N ILE A 30 -0.97 -8.47 4.04
CA ILE A 30 -0.63 -9.50 3.04
C ILE A 30 -1.87 -10.33 2.70
N GLN A 31 -1.98 -10.71 1.43
CA GLN A 31 -3.04 -11.57 0.91
C GLN A 31 -2.57 -13.02 0.95
N GLN A 32 -3.41 -13.92 1.44
CA GLN A 32 -3.09 -15.33 1.63
C GLN A 32 -3.07 -16.05 0.27
N ARG A 33 -2.15 -17.01 0.08
CA ARG A 33 -1.87 -17.60 -1.23
C ARG A 33 -3.03 -18.43 -1.81
N ASN A 34 -3.13 -18.36 -3.13
CA ASN A 34 -3.98 -19.17 -4.00
C ASN A 34 -3.30 -19.34 -5.38
N GLY A 35 -2.70 -18.26 -5.90
CA GLY A 35 -1.80 -18.27 -7.05
C GLY A 35 -0.33 -18.53 -6.65
N ARG A 36 0.58 -18.40 -7.62
CA ARG A 36 1.99 -18.79 -7.49
C ARG A 36 2.87 -17.87 -6.62
N LYS A 37 2.41 -16.68 -6.25
CA LYS A 37 3.16 -15.68 -5.44
C LYS A 37 2.31 -15.07 -4.30
N THR A 38 3.00 -14.55 -3.27
CA THR A 38 2.46 -13.71 -2.19
C THR A 38 2.19 -12.31 -2.72
N LEU A 39 1.20 -11.59 -2.19
CA LEU A 39 0.97 -10.17 -2.47
C LEU A 39 0.86 -9.36 -1.17
N THR A 40 1.66 -8.29 -1.07
CA THR A 40 1.59 -7.24 -0.05
C THR A 40 0.65 -6.16 -0.55
N THR A 41 -0.42 -5.86 0.19
CA THR A 41 -1.44 -4.86 -0.15
C THR A 41 -1.29 -3.64 0.74
N VAL A 42 -1.07 -2.48 0.10
CA VAL A 42 -0.90 -1.17 0.76
C VAL A 42 -2.19 -0.37 0.63
N GLN A 43 -2.66 0.16 1.76
CA GLN A 43 -3.96 0.82 1.93
C GLN A 43 -3.79 2.08 2.80
N GLY A 44 -4.64 3.10 2.63
CA GLY A 44 -4.73 4.25 3.55
C GLY A 44 -3.64 5.32 3.41
N VAL A 45 -2.72 5.16 2.45
CA VAL A 45 -1.68 6.13 2.09
C VAL A 45 -2.28 7.52 1.75
N PRO A 46 -1.74 8.62 2.30
CA PRO A 46 -2.18 9.99 2.01
C PRO A 46 -2.25 10.30 0.51
N GLU A 47 -3.29 11.03 0.11
CA GLU A 47 -3.62 11.32 -1.29
C GLU A 47 -2.55 12.15 -2.03
N GLU A 48 -1.73 12.91 -1.29
CA GLU A 48 -0.61 13.68 -1.84
C GLU A 48 0.52 12.80 -2.43
N TYR A 49 0.58 11.51 -2.04
CA TYR A 49 1.52 10.52 -2.58
C TYR A 49 0.84 9.70 -3.70
N ASP A 50 1.18 9.99 -4.95
CA ASP A 50 0.63 9.35 -6.14
C ASP A 50 0.98 7.85 -6.20
N LEU A 51 -0.04 7.00 -6.36
CA LEU A 51 0.11 5.54 -6.33
C LEU A 51 1.02 5.05 -7.46
N LYS A 52 0.91 5.62 -8.66
CA LYS A 52 1.78 5.30 -9.81
C LYS A 52 3.25 5.67 -9.54
N ARG A 53 3.52 6.78 -8.84
CA ARG A 53 4.87 7.13 -8.34
C ARG A 53 5.39 6.09 -7.32
N ILE A 54 4.53 5.59 -6.42
CA ILE A 54 4.87 4.51 -5.47
C ILE A 54 5.26 3.24 -6.24
N LEU A 55 4.53 2.87 -7.31
CA LEU A 55 4.94 1.78 -8.20
C LEU A 55 6.33 2.04 -8.79
N LYS A 56 6.53 3.21 -9.42
CA LYS A 56 7.80 3.58 -10.07
C LYS A 56 9.01 3.51 -9.13
N VAL A 57 8.93 4.13 -7.95
CA VAL A 57 10.06 4.18 -7.00
C VAL A 57 10.39 2.80 -6.41
N LEU A 58 9.38 1.98 -6.09
CA LEU A 58 9.59 0.62 -5.58
C LEU A 58 10.10 -0.34 -6.67
N LYS A 59 9.64 -0.22 -7.91
CA LYS A 59 10.17 -1.03 -9.04
C LYS A 59 11.63 -0.67 -9.39
N LYS A 60 12.05 0.57 -9.17
CA LYS A 60 13.45 1.02 -9.38
C LYS A 60 14.38 0.68 -8.21
N ASP A 61 14.13 1.23 -7.01
CA ASP A 61 15.06 1.19 -5.87
C ASP A 61 14.98 -0.12 -5.06
N PHE A 62 13.79 -0.73 -4.94
CA PHE A 62 13.58 -2.02 -4.27
C PHE A 62 13.59 -3.20 -5.25
N ALA A 63 13.59 -2.94 -6.57
CA ALA A 63 13.62 -3.93 -7.66
C ALA A 63 12.39 -4.87 -7.65
N CYS A 64 11.25 -4.42 -7.11
CA CYS A 64 10.03 -5.21 -6.92
C CYS A 64 9.17 -5.31 -8.20
N ASN A 65 7.95 -5.84 -8.06
CA ASN A 65 6.90 -5.80 -9.08
C ASN A 65 5.55 -5.52 -8.41
N GLY A 66 4.61 -4.85 -9.11
CA GLY A 66 3.36 -4.37 -8.51
C GLY A 66 2.40 -3.66 -9.45
N ASN A 67 1.21 -3.35 -8.93
CA ASN A 67 0.05 -2.82 -9.65
C ASN A 67 -1.00 -2.22 -8.69
N ILE A 68 -1.94 -1.42 -9.20
CA ILE A 68 -3.07 -0.85 -8.43
C ILE A 68 -4.34 -1.68 -8.67
N VAL A 69 -5.15 -1.91 -7.63
CA VAL A 69 -6.45 -2.60 -7.69
C VAL A 69 -7.46 -1.88 -6.81
N LYS A 70 -8.74 -1.84 -7.24
CA LYS A 70 -9.85 -1.39 -6.40
C LYS A 70 -10.66 -2.60 -5.88
N ASP A 71 -10.46 -2.95 -4.61
CA ASP A 71 -11.05 -4.12 -3.96
C ASP A 71 -12.48 -3.82 -3.44
N PRO A 72 -13.43 -4.79 -3.51
CA PRO A 72 -14.78 -4.62 -2.96
C PRO A 72 -14.85 -4.28 -1.47
N GLU A 73 -13.89 -4.75 -0.67
CA GLU A 73 -13.83 -4.54 0.79
C GLU A 73 -12.69 -3.58 1.20
N MET A 74 -11.48 -3.81 0.67
CA MET A 74 -10.27 -3.04 1.01
C MET A 74 -10.15 -1.69 0.29
N GLY A 75 -10.92 -1.46 -0.78
CA GLY A 75 -10.90 -0.21 -1.56
C GLY A 75 -9.69 -0.13 -2.50
N GLU A 76 -9.32 1.08 -2.92
CA GLU A 76 -8.21 1.32 -3.81
C GLU A 76 -6.86 1.10 -3.10
N ILE A 77 -6.08 0.14 -3.60
CA ILE A 77 -4.86 -0.41 -2.98
C ILE A 77 -3.77 -0.69 -4.02
N ILE A 78 -2.51 -0.61 -3.58
CA ILE A 78 -1.34 -1.09 -4.33
C ILE A 78 -1.05 -2.53 -3.88
N GLN A 79 -0.85 -3.42 -4.85
CA GLN A 79 -0.33 -4.76 -4.66
C GLN A 79 1.16 -4.76 -5.04
N LEU A 80 2.00 -5.36 -4.19
CA LEU A 80 3.44 -5.58 -4.41
C LEU A 80 3.69 -7.09 -4.30
N GLN A 81 4.46 -7.67 -5.21
CA GLN A 81 4.76 -9.11 -5.17
C GLN A 81 5.77 -9.43 -4.06
N GLY A 82 5.49 -10.50 -3.28
CA GLY A 82 6.23 -10.91 -2.08
C GLY A 82 5.59 -10.40 -0.78
N ASP A 83 6.33 -10.55 0.32
CA ASP A 83 5.94 -10.22 1.70
C ASP A 83 6.63 -8.93 2.19
N GLN A 84 6.51 -7.86 1.40
CA GLN A 84 7.24 -6.59 1.48
C GLN A 84 6.83 -5.62 2.60
N ARG A 85 6.19 -6.13 3.66
CA ARG A 85 5.60 -5.32 4.72
C ARG A 85 6.61 -4.39 5.43
N ALA A 86 7.77 -4.92 5.81
CA ALA A 86 8.86 -4.15 6.41
C ALA A 86 9.53 -3.21 5.40
N LYS A 87 9.70 -3.67 4.16
CA LYS A 87 10.31 -2.89 3.07
C LYS A 87 9.48 -1.65 2.71
N VAL A 88 8.16 -1.79 2.57
CA VAL A 88 7.25 -0.66 2.30
C VAL A 88 7.13 0.26 3.52
N CYS A 89 7.13 -0.28 4.74
CA CYS A 89 7.20 0.55 5.96
C CYS A 89 8.46 1.44 5.95
N GLU A 90 9.62 0.84 5.66
CA GLU A 90 10.89 1.55 5.53
C GLU A 90 10.86 2.61 4.40
N PHE A 91 10.21 2.35 3.25
CA PHE A 91 10.05 3.35 2.18
C PHE A 91 9.28 4.59 2.68
N MET A 92 8.15 4.38 3.34
CA MET A 92 7.28 5.45 3.84
C MET A 92 8.01 6.29 4.90
N ILE A 93 8.79 5.65 5.78
CA ILE A 93 9.62 6.34 6.79
C ILE A 93 10.78 7.10 6.14
N SER A 94 11.55 6.44 5.27
CA SER A 94 12.82 6.94 4.74
C SER A 94 12.66 7.98 3.62
N GLN A 95 11.83 7.69 2.62
CA GLN A 95 11.77 8.47 1.38
C GLN A 95 10.64 9.51 1.37
N LEU A 96 9.50 9.23 2.03
CA LEU A 96 8.42 10.22 2.20
C LEU A 96 8.60 11.08 3.46
N GLY A 97 9.44 10.63 4.41
CA GLY A 97 9.71 11.32 5.68
C GLY A 97 8.62 11.16 6.74
N LEU A 98 7.74 10.16 6.58
CA LEU A 98 6.65 9.90 7.52
C LEU A 98 7.18 9.36 8.86
N GLN A 99 6.42 9.54 9.94
CA GLN A 99 6.77 9.01 11.26
C GLN A 99 6.37 7.53 11.34
N LYS A 100 7.13 6.73 12.10
CA LYS A 100 6.89 5.28 12.20
C LYS A 100 5.46 4.95 12.68
N LYS A 101 4.94 5.78 13.59
CA LYS A 101 3.57 5.70 14.14
C LYS A 101 2.44 5.91 13.12
N ASN A 102 2.70 6.48 11.94
CA ASN A 102 1.71 6.64 10.87
C ASN A 102 1.37 5.31 10.15
N ILE A 103 2.14 4.25 10.39
CA ILE A 103 2.09 2.98 9.64
C ILE A 103 1.68 1.81 10.55
N LYS A 104 0.82 0.94 10.04
CA LYS A 104 0.36 -0.30 10.67
C LYS A 104 0.74 -1.51 9.79
N ILE A 105 1.60 -2.40 10.28
CA ILE A 105 1.86 -3.70 9.65
C ILE A 105 0.91 -4.74 10.23
N HIS A 106 0.12 -5.38 9.36
CA HIS A 106 -0.83 -6.44 9.75
C HIS A 106 -0.35 -7.85 9.35
N GLY A 107 0.43 -7.97 8.27
CA GLY A 107 1.02 -9.22 7.80
C GLY A 107 -0.01 -10.19 7.20
N PHE A 108 0.33 -11.48 7.24
CA PHE A 108 -0.49 -12.61 6.76
C PHE A 108 -1.78 -12.85 7.59
N MET A 1 -12.71 -19.01 15.61
CA MET A 1 -13.67 -18.31 14.69
C MET A 1 -13.56 -18.79 13.22
N SER A 2 -14.62 -18.62 12.43
CA SER A 2 -14.65 -18.97 11.00
C SER A 2 -13.74 -18.07 10.15
N ILE A 3 -13.23 -18.60 9.03
CA ILE A 3 -12.36 -17.89 8.07
C ILE A 3 -12.88 -18.12 6.65
N GLU A 4 -12.89 -17.07 5.81
CA GLU A 4 -13.23 -17.13 4.38
C GLU A 4 -12.18 -16.40 3.55
N ASN A 5 -11.84 -16.95 2.38
CA ASN A 5 -10.83 -16.41 1.47
C ASN A 5 -11.35 -15.22 0.63
N LEU A 6 -10.46 -14.31 0.22
CA LEU A 6 -10.74 -13.23 -0.75
C LEU A 6 -10.73 -13.76 -2.19
N LYS A 7 -11.63 -14.71 -2.49
CA LYS A 7 -11.74 -15.41 -3.78
C LYS A 7 -12.43 -14.55 -4.87
N SER A 8 -13.24 -13.58 -4.46
CA SER A 8 -13.90 -12.60 -5.35
C SER A 8 -12.95 -11.52 -5.90
N PHE A 9 -13.44 -10.71 -6.84
CA PHE A 9 -12.71 -9.63 -7.49
C PHE A 9 -13.65 -8.49 -7.92
N ASP A 10 -13.09 -7.31 -8.19
CA ASP A 10 -13.82 -6.13 -8.66
C ASP A 10 -13.76 -5.99 -10.20
N PRO A 11 -14.89 -6.04 -10.93
CA PRO A 11 -14.91 -5.93 -12.39
C PRO A 11 -14.88 -4.48 -12.88
N PHE A 12 -15.46 -3.55 -12.09
CA PHE A 12 -15.64 -2.12 -12.34
C PHE A 12 -16.35 -1.49 -11.12
N ALA A 13 -16.10 -0.20 -10.86
CA ALA A 13 -16.56 0.51 -9.67
C ALA A 13 -16.57 2.04 -9.80
N ASP A 14 -17.07 2.70 -8.75
CA ASP A 14 -17.14 4.14 -8.56
C ASP A 14 -15.79 4.81 -8.21
N THR A 15 -15.78 6.14 -8.23
CA THR A 15 -14.66 7.00 -7.78
C THR A 15 -15.19 8.30 -7.14
N GLY A 16 -14.34 8.98 -6.37
CA GLY A 16 -14.72 10.16 -5.58
C GLY A 16 -14.79 11.44 -6.40
N ASP A 17 -15.85 12.23 -6.18
CA ASP A 17 -16.08 13.53 -6.83
C ASP A 17 -15.39 14.70 -6.11
N ASP A 18 -15.11 14.55 -4.81
CA ASP A 18 -14.47 15.57 -3.95
C ASP A 18 -12.94 15.60 -4.07
N GLU A 19 -12.34 16.73 -3.67
CA GLU A 19 -10.89 16.99 -3.71
C GLU A 19 -10.29 17.18 -2.29
N THR A 20 -11.04 16.81 -1.24
CA THR A 20 -10.67 17.01 0.18
C THR A 20 -9.46 16.17 0.58
N ALA A 21 -8.55 16.75 1.36
CA ALA A 21 -7.33 16.09 1.84
C ALA A 21 -7.61 14.92 2.80
N THR A 22 -6.82 13.84 2.67
CA THR A 22 -6.94 12.59 3.43
C THR A 22 -6.04 12.57 4.65
N SER A 23 -6.43 11.80 5.68
CA SER A 23 -5.60 11.49 6.86
C SER A 23 -6.11 10.22 7.57
N ASN A 24 -5.20 9.27 7.83
CA ASN A 24 -5.46 7.96 8.46
C ASN A 24 -4.13 7.20 8.69
N TYR A 25 -4.19 6.01 9.29
CA TYR A 25 -3.05 5.08 9.37
C TYR A 25 -2.79 4.44 7.99
N ILE A 26 -1.52 4.18 7.68
CA ILE A 26 -1.11 3.38 6.52
C ILE A 26 -1.04 1.92 6.96
N HIS A 27 -1.85 1.06 6.36
CA HIS A 27 -1.91 -0.37 6.69
C HIS A 27 -1.19 -1.18 5.59
N ILE A 28 -0.10 -1.86 5.95
CA ILE A 28 0.68 -2.71 5.02
C ILE A 28 0.43 -4.17 5.41
N ARG A 29 -0.40 -4.85 4.60
CA ARG A 29 -0.96 -6.18 4.83
C ARG A 29 -0.35 -7.20 3.86
N ILE A 30 -0.69 -8.49 4.04
CA ILE A 30 -0.38 -9.56 3.08
C ILE A 30 -1.71 -10.23 2.65
N GLN A 31 -1.78 -10.73 1.42
CA GLN A 31 -2.96 -11.43 0.89
C GLN A 31 -2.86 -12.94 1.17
N GLN A 32 -4.00 -13.53 1.54
CA GLN A 32 -4.19 -14.97 1.72
C GLN A 32 -4.80 -15.56 0.44
N ARG A 33 -4.18 -16.60 -0.11
CA ARG A 33 -4.54 -17.19 -1.42
C ARG A 33 -3.97 -18.59 -1.63
N ASN A 34 -4.58 -19.36 -2.53
CA ASN A 34 -4.15 -20.71 -2.90
C ASN A 34 -2.96 -20.76 -3.89
N GLY A 35 -2.65 -19.63 -4.56
CA GLY A 35 -1.53 -19.49 -5.49
C GLY A 35 -0.18 -19.42 -4.78
N ARG A 36 0.89 -19.87 -5.45
CA ARG A 36 2.23 -20.02 -4.87
C ARG A 36 2.91 -18.68 -4.52
N LYS A 37 2.65 -17.62 -5.30
CA LYS A 37 3.23 -16.29 -5.08
C LYS A 37 2.43 -15.47 -4.04
N THR A 38 3.15 -14.81 -3.11
CA THR A 38 2.63 -13.90 -2.08
C THR A 38 2.40 -12.51 -2.67
N LEU A 39 1.44 -11.76 -2.13
CA LEU A 39 1.23 -10.35 -2.42
C LEU A 39 1.16 -9.53 -1.12
N THR A 40 1.85 -8.39 -1.09
CA THR A 40 1.76 -7.34 -0.07
C THR A 40 0.76 -6.30 -0.55
N THR A 41 -0.08 -5.76 0.34
CA THR A 41 -1.18 -4.84 0.03
C THR A 41 -1.11 -3.59 0.88
N VAL A 42 -0.96 -2.44 0.22
CA VAL A 42 -0.83 -1.11 0.87
C VAL A 42 -2.17 -0.39 0.81
N GLN A 43 -2.69 -0.04 1.98
CA GLN A 43 -3.96 0.64 2.20
C GLN A 43 -3.74 1.90 3.06
N GLY A 44 -4.59 2.92 2.92
CA GLY A 44 -4.62 4.07 3.83
C GLY A 44 -3.53 5.13 3.63
N VAL A 45 -2.59 4.91 2.70
CA VAL A 45 -1.62 5.92 2.25
C VAL A 45 -2.35 7.20 1.76
N PRO A 46 -1.94 8.40 2.24
CA PRO A 46 -2.55 9.66 1.84
C PRO A 46 -2.59 9.86 0.32
N GLU A 47 -3.71 10.38 -0.19
CA GLU A 47 -3.94 10.61 -1.63
C GLU A 47 -3.16 11.80 -2.19
N GLU A 48 -2.48 12.58 -1.33
CA GLU A 48 -1.50 13.60 -1.76
C GLU A 48 -0.20 12.98 -2.30
N TYR A 49 0.08 11.70 -1.99
CA TYR A 49 1.16 10.92 -2.60
C TYR A 49 0.66 10.16 -3.84
N ASP A 50 1.38 10.28 -4.96
CA ASP A 50 1.04 9.60 -6.21
C ASP A 50 1.32 8.09 -6.12
N LEU A 51 0.28 7.27 -6.24
CA LEU A 51 0.39 5.81 -6.17
C LEU A 51 1.30 5.27 -7.28
N LYS A 52 1.22 5.84 -8.48
CA LYS A 52 2.11 5.55 -9.61
C LYS A 52 3.60 5.87 -9.33
N ARG A 53 3.90 6.90 -8.50
CA ARG A 53 5.26 7.17 -8.02
C ARG A 53 5.71 6.11 -7.00
N ILE A 54 4.81 5.64 -6.12
CA ILE A 54 5.11 4.53 -5.19
C ILE A 54 5.50 3.29 -6.02
N LEU A 55 4.75 2.94 -7.07
CA LEU A 55 5.13 1.88 -7.99
C LEU A 55 6.53 2.12 -8.59
N LYS A 56 6.81 3.33 -9.11
CA LYS A 56 8.07 3.65 -9.77
C LYS A 56 9.27 3.51 -8.83
N VAL A 57 9.18 3.98 -7.59
CA VAL A 57 10.28 3.89 -6.60
C VAL A 57 10.53 2.44 -6.18
N LEU A 58 9.46 1.69 -5.89
CA LEU A 58 9.58 0.29 -5.45
C LEU A 58 10.07 -0.65 -6.56
N LYS A 59 9.72 -0.39 -7.82
CA LYS A 59 10.28 -1.10 -8.98
C LYS A 59 11.75 -0.73 -9.27
N LYS A 60 12.15 0.52 -9.03
CA LYS A 60 13.52 1.01 -9.26
C LYS A 60 14.52 0.60 -8.16
N ASP A 61 14.25 0.98 -6.91
CA ASP A 61 15.20 0.87 -5.80
C ASP A 61 15.16 -0.50 -5.10
N PHE A 62 13.97 -1.05 -4.86
CA PHE A 62 13.77 -2.35 -4.21
C PHE A 62 13.74 -3.53 -5.20
N ALA A 63 13.63 -3.24 -6.51
CA ALA A 63 13.53 -4.22 -7.60
C ALA A 63 12.26 -5.09 -7.52
N CYS A 64 11.17 -4.55 -6.95
CA CYS A 64 9.88 -5.22 -6.81
C CYS A 64 9.06 -5.16 -8.11
N ASN A 65 7.80 -5.60 -8.05
CA ASN A 65 6.80 -5.42 -9.10
C ASN A 65 5.40 -5.28 -8.46
N GLY A 66 4.49 -4.55 -9.09
CA GLY A 66 3.21 -4.16 -8.48
C GLY A 66 2.27 -3.35 -9.36
N ASN A 67 1.06 -3.13 -8.86
CA ASN A 67 -0.08 -2.51 -9.54
C ASN A 67 -1.04 -1.84 -8.54
N ILE A 68 -1.84 -0.87 -9.01
CA ILE A 68 -2.95 -0.26 -8.25
C ILE A 68 -4.24 -1.04 -8.57
N VAL A 69 -5.00 -1.46 -7.54
CA VAL A 69 -6.23 -2.27 -7.67
C VAL A 69 -7.26 -1.80 -6.64
N LYS A 70 -8.55 -1.73 -7.01
CA LYS A 70 -9.63 -1.52 -6.04
C LYS A 70 -10.19 -2.86 -5.54
N ASP A 71 -10.04 -3.16 -4.26
CA ASP A 71 -10.58 -4.35 -3.61
C ASP A 71 -12.10 -4.20 -3.34
N PRO A 72 -12.93 -5.26 -3.47
CA PRO A 72 -14.36 -5.22 -3.16
C PRO A 72 -14.70 -4.74 -1.75
N GLU A 73 -13.83 -4.99 -0.76
CA GLU A 73 -14.03 -4.58 0.64
C GLU A 73 -12.98 -3.57 1.13
N MET A 74 -11.70 -3.80 0.83
CA MET A 74 -10.57 -2.99 1.32
C MET A 74 -10.35 -1.67 0.57
N GLY A 75 -11.00 -1.47 -0.59
CA GLY A 75 -10.91 -0.24 -1.40
C GLY A 75 -9.64 -0.15 -2.23
N GLU A 76 -9.29 1.05 -2.68
CA GLU A 76 -8.14 1.28 -3.55
C GLU A 76 -6.81 1.07 -2.82
N ILE A 77 -6.00 0.13 -3.34
CA ILE A 77 -4.75 -0.36 -2.74
C ILE A 77 -3.67 -0.61 -3.81
N ILE A 78 -2.41 -0.54 -3.39
CA ILE A 78 -1.28 -1.03 -4.18
C ILE A 78 -1.00 -2.48 -3.78
N GLN A 79 -0.89 -3.36 -4.76
CA GLN A 79 -0.40 -4.73 -4.61
C GLN A 79 1.08 -4.74 -5.02
N LEU A 80 1.95 -5.31 -4.20
CA LEU A 80 3.38 -5.53 -4.48
C LEU A 80 3.67 -7.03 -4.38
N GLN A 81 4.49 -7.58 -5.27
CA GLN A 81 4.78 -9.02 -5.31
C GLN A 81 5.79 -9.41 -4.23
N GLY A 82 5.53 -10.53 -3.54
CA GLY A 82 6.29 -11.01 -2.38
C GLY A 82 5.77 -10.45 -1.04
N ASP A 83 6.49 -10.75 0.04
CA ASP A 83 6.24 -10.27 1.41
C ASP A 83 7.16 -9.07 1.75
N GLN A 84 6.68 -7.86 1.44
CA GLN A 84 7.44 -6.61 1.46
C GLN A 84 7.00 -5.64 2.55
N ARG A 85 6.24 -6.12 3.55
CA ARG A 85 5.56 -5.27 4.53
C ARG A 85 6.49 -4.35 5.34
N ALA A 86 7.65 -4.87 5.77
CA ALA A 86 8.68 -4.09 6.46
C ALA A 86 9.46 -3.16 5.49
N LYS A 87 9.71 -3.63 4.26
CA LYS A 87 10.40 -2.86 3.21
C LYS A 87 9.59 -1.64 2.76
N VAL A 88 8.28 -1.80 2.56
CA VAL A 88 7.38 -0.69 2.21
C VAL A 88 7.21 0.27 3.40
N CYS A 89 7.19 -0.21 4.65
CA CYS A 89 7.24 0.66 5.83
C CYS A 89 8.47 1.57 5.81
N GLU A 90 9.65 1.00 5.56
CA GLU A 90 10.90 1.74 5.41
C GLU A 90 10.85 2.77 4.26
N PHE A 91 10.22 2.44 3.12
CA PHE A 91 10.02 3.39 2.01
C PHE A 91 9.19 4.61 2.44
N MET A 92 8.06 4.38 3.12
CA MET A 92 7.16 5.43 3.60
C MET A 92 7.89 6.37 4.57
N ILE A 93 8.70 5.82 5.48
CA ILE A 93 9.50 6.59 6.44
C ILE A 93 10.65 7.35 5.74
N SER A 94 11.39 6.67 4.86
CA SER A 94 12.62 7.21 4.25
C SER A 94 12.36 8.22 3.11
N GLN A 95 11.48 7.88 2.16
CA GLN A 95 11.32 8.62 0.90
C GLN A 95 10.13 9.60 0.93
N LEU A 96 9.02 9.26 1.61
CA LEU A 96 7.90 10.18 1.80
C LEU A 96 8.09 11.09 3.02
N GLY A 97 9.04 10.76 3.91
CA GLY A 97 9.37 11.53 5.12
C GLY A 97 8.39 11.32 6.27
N LEU A 98 7.55 10.27 6.21
CA LEU A 98 6.52 9.99 7.21
C LEU A 98 7.13 9.52 8.54
N GLN A 99 6.44 9.74 9.65
CA GLN A 99 6.83 9.23 10.97
C GLN A 99 6.35 7.78 11.13
N LYS A 100 7.19 6.92 11.73
CA LYS A 100 6.93 5.48 11.86
C LYS A 100 5.57 5.16 12.53
N LYS A 101 5.15 5.99 13.50
CA LYS A 101 3.88 5.88 14.23
C LYS A 101 2.63 5.87 13.33
N ASN A 102 2.72 6.45 12.12
CA ASN A 102 1.61 6.53 11.16
C ASN A 102 1.32 5.18 10.45
N ILE A 103 2.18 4.18 10.60
CA ILE A 103 2.16 2.93 9.82
C ILE A 103 1.84 1.73 10.72
N LYS A 104 0.93 0.88 10.26
CA LYS A 104 0.58 -0.42 10.83
C LYS A 104 1.06 -1.56 9.90
N ILE A 105 1.82 -2.51 10.44
CA ILE A 105 2.25 -3.74 9.73
C ILE A 105 1.35 -4.89 10.17
N HIS A 106 0.74 -5.58 9.20
CA HIS A 106 -0.20 -6.69 9.43
C HIS A 106 0.26 -8.01 8.77
N GLY A 107 -0.43 -9.11 9.07
CA GLY A 107 -0.24 -10.43 8.45
C GLY A 107 -1.26 -10.72 7.34
N PHE A 108 -1.69 -11.98 7.27
CA PHE A 108 -2.71 -12.51 6.35
C PHE A 108 -3.66 -13.54 7.01
N MET A 1 -17.46 -13.03 -16.61
CA MET A 1 -18.33 -13.53 -15.49
C MET A 1 -19.83 -13.62 -15.86
N SER A 2 -20.62 -14.43 -15.15
CA SER A 2 -22.04 -14.68 -15.45
C SER A 2 -22.96 -13.46 -15.21
N ILE A 3 -22.61 -12.60 -14.25
CA ILE A 3 -23.32 -11.35 -13.93
C ILE A 3 -22.99 -10.18 -14.88
N GLU A 4 -21.99 -10.36 -15.76
CA GLU A 4 -21.38 -9.32 -16.59
C GLU A 4 -22.17 -9.07 -17.89
N ASN A 5 -22.17 -7.83 -18.37
CA ASN A 5 -22.78 -7.46 -19.65
C ASN A 5 -21.95 -7.97 -20.85
N LEU A 6 -22.60 -8.14 -22.01
CA LEU A 6 -21.94 -8.47 -23.28
C LEU A 6 -21.06 -7.31 -23.79
N LYS A 7 -21.50 -6.07 -23.58
CA LYS A 7 -20.77 -4.83 -23.90
C LYS A 7 -20.95 -3.79 -22.78
N SER A 8 -19.93 -2.96 -22.55
CA SER A 8 -19.89 -1.94 -21.49
C SER A 8 -19.06 -0.70 -21.90
N PHE A 9 -19.35 0.45 -21.29
CA PHE A 9 -18.54 1.68 -21.38
C PHE A 9 -17.39 1.67 -20.36
N ASP A 10 -16.52 2.68 -20.40
CA ASP A 10 -15.44 2.91 -19.42
C ASP A 10 -15.78 4.09 -18.48
N PRO A 11 -16.08 3.84 -17.19
CA PRO A 11 -16.32 4.87 -16.19
C PRO A 11 -15.15 5.84 -15.97
N PHE A 12 -13.91 5.41 -16.28
CA PHE A 12 -12.68 6.14 -15.97
C PHE A 12 -12.13 6.94 -17.18
N ALA A 13 -12.91 7.07 -18.25
CA ALA A 13 -12.53 7.78 -19.48
C ALA A 13 -12.26 9.29 -19.30
N ASP A 14 -12.88 9.90 -18.27
CA ASP A 14 -12.74 11.33 -17.90
C ASP A 14 -13.25 11.58 -16.47
N THR A 15 -12.84 12.72 -15.88
CA THR A 15 -13.21 13.18 -14.54
C THR A 15 -13.53 14.68 -14.53
N GLY A 16 -14.35 15.10 -13.57
CA GLY A 16 -14.78 16.50 -13.37
C GLY A 16 -14.44 17.05 -11.97
N ASP A 17 -13.54 16.39 -11.24
CA ASP A 17 -13.24 16.62 -9.82
C ASP A 17 -11.90 15.99 -9.39
N ASP A 18 -11.45 16.31 -8.18
CA ASP A 18 -10.22 15.80 -7.56
C ASP A 18 -10.44 15.46 -6.07
N GLU A 19 -9.81 14.37 -5.60
CA GLU A 19 -10.01 13.80 -4.26
C GLU A 19 -8.84 14.09 -3.32
N THR A 20 -9.15 14.31 -2.03
CA THR A 20 -8.20 14.61 -0.94
C THR A 20 -8.51 13.79 0.31
N ALA A 21 -7.56 13.75 1.25
CA ALA A 21 -7.69 13.08 2.55
C ALA A 21 -6.72 13.66 3.60
N THR A 22 -7.02 13.41 4.88
CA THR A 22 -6.20 13.74 6.06
C THR A 22 -5.09 12.71 6.27
N SER A 23 -4.29 12.89 7.32
CA SER A 23 -3.13 12.07 7.70
C SER A 23 -3.51 10.67 8.26
N ASN A 24 -4.25 9.89 7.47
CA ASN A 24 -4.71 8.54 7.79
C ASN A 24 -3.55 7.51 7.85
N TYR A 25 -3.79 6.38 8.52
CA TYR A 25 -2.79 5.31 8.68
C TYR A 25 -2.46 4.60 7.36
N ILE A 26 -1.18 4.34 7.13
CA ILE A 26 -0.71 3.47 6.04
C ILE A 26 -0.82 2.03 6.55
N HIS A 27 -1.78 1.27 6.03
CA HIS A 27 -1.94 -0.14 6.37
C HIS A 27 -1.19 -1.02 5.35
N ILE A 28 -0.31 -1.91 5.83
CA ILE A 28 0.45 -2.84 4.99
C ILE A 28 0.18 -4.28 5.45
N ARG A 29 -0.45 -5.07 4.57
CA ARG A 29 -0.98 -6.42 4.87
C ARG A 29 -0.48 -7.43 3.84
N ILE A 30 -0.60 -8.73 4.11
CA ILE A 30 -0.38 -9.81 3.13
C ILE A 30 -1.72 -10.46 2.77
N GLN A 31 -1.90 -10.83 1.51
CA GLN A 31 -3.15 -11.42 1.03
C GLN A 31 -3.25 -12.94 1.28
N GLN A 32 -4.49 -13.44 1.16
CA GLN A 32 -4.87 -14.84 1.27
C GLN A 32 -4.48 -15.65 0.01
N ARG A 33 -4.27 -16.96 0.17
CA ARG A 33 -3.98 -17.86 -0.95
C ARG A 33 -5.25 -18.07 -1.79
N ASN A 34 -5.14 -17.84 -3.11
CA ASN A 34 -6.27 -17.77 -4.03
C ASN A 34 -5.95 -18.31 -5.45
N GLY A 35 -4.83 -19.02 -5.60
CA GLY A 35 -4.29 -19.53 -6.88
C GLY A 35 -3.20 -18.62 -7.47
N ARG A 36 -3.23 -17.32 -7.16
CA ARG A 36 -2.16 -16.36 -7.45
C ARG A 36 -1.01 -16.48 -6.45
N LYS A 37 0.14 -15.88 -6.77
CA LYS A 37 1.29 -15.73 -5.86
C LYS A 37 0.97 -14.81 -4.65
N THR A 38 1.87 -14.78 -3.66
CA THR A 38 1.77 -13.94 -2.45
C THR A 38 1.87 -12.47 -2.82
N LEU A 39 0.98 -11.63 -2.26
CA LEU A 39 0.93 -10.19 -2.51
C LEU A 39 0.88 -9.41 -1.19
N THR A 40 1.62 -8.30 -1.13
CA THR A 40 1.57 -7.29 -0.08
C THR A 40 0.63 -6.17 -0.54
N THR A 41 -0.44 -5.91 0.20
CA THR A 41 -1.41 -4.84 -0.09
C THR A 41 -1.12 -3.61 0.76
N VAL A 42 -0.94 -2.47 0.10
CA VAL A 42 -0.77 -1.15 0.71
C VAL A 42 -2.08 -0.39 0.59
N GLN A 43 -2.56 0.14 1.71
CA GLN A 43 -3.91 0.71 1.89
C GLN A 43 -3.85 1.94 2.82
N GLY A 44 -4.89 2.79 2.79
CA GLY A 44 -5.13 3.87 3.76
C GLY A 44 -4.22 5.11 3.63
N VAL A 45 -3.11 4.99 2.91
CA VAL A 45 -2.14 6.06 2.61
C VAL A 45 -2.82 7.38 2.18
N PRO A 46 -2.41 8.54 2.74
CA PRO A 46 -2.94 9.86 2.37
C PRO A 46 -2.89 10.14 0.87
N GLU A 47 -3.93 10.81 0.36
CA GLU A 47 -4.14 11.03 -1.07
C GLU A 47 -3.12 12.00 -1.72
N GLU A 48 -2.37 12.75 -0.92
CA GLU A 48 -1.27 13.60 -1.40
C GLU A 48 -0.05 12.80 -1.92
N TYR A 49 0.06 11.53 -1.55
CA TYR A 49 1.11 10.60 -2.02
C TYR A 49 0.62 9.80 -3.23
N ASP A 50 1.23 10.05 -4.40
CA ASP A 50 0.86 9.43 -5.68
C ASP A 50 1.23 7.93 -5.71
N LEU A 51 0.23 7.07 -5.94
CA LEU A 51 0.42 5.62 -5.98
C LEU A 51 1.33 5.19 -7.14
N LYS A 52 1.24 5.86 -8.28
CA LYS A 52 2.11 5.61 -9.45
C LYS A 52 3.60 5.89 -9.14
N ARG A 53 3.91 6.94 -8.38
CA ARG A 53 5.26 7.21 -7.83
C ARG A 53 5.73 6.05 -6.94
N ILE A 54 4.84 5.50 -6.10
CA ILE A 54 5.13 4.33 -5.23
C ILE A 54 5.43 3.09 -6.08
N LEU A 55 4.70 2.85 -7.17
CA LEU A 55 5.05 1.78 -8.12
C LEU A 55 6.46 2.02 -8.69
N LYS A 56 6.71 3.19 -9.28
CA LYS A 56 7.99 3.52 -9.94
C LYS A 56 9.20 3.36 -8.99
N VAL A 57 9.12 3.92 -7.79
CA VAL A 57 10.25 3.92 -6.83
C VAL A 57 10.53 2.51 -6.25
N LEU A 58 9.50 1.70 -5.98
CA LEU A 58 9.69 0.33 -5.48
C LEU A 58 10.20 -0.61 -6.59
N LYS A 59 9.78 -0.40 -7.84
CA LYS A 59 10.34 -1.12 -9.00
C LYS A 59 11.80 -0.72 -9.29
N LYS A 60 12.19 0.53 -9.03
CA LYS A 60 13.54 1.05 -9.26
C LYS A 60 14.53 0.67 -8.14
N ASP A 61 14.25 1.06 -6.89
CA ASP A 61 15.19 0.97 -5.77
C ASP A 61 15.19 -0.41 -5.08
N PHE A 62 14.01 -1.00 -4.87
CA PHE A 62 13.85 -2.31 -4.23
C PHE A 62 13.85 -3.48 -5.22
N ALA A 63 13.73 -3.19 -6.52
CA ALA A 63 13.61 -4.18 -7.62
C ALA A 63 12.33 -5.05 -7.50
N CYS A 64 11.26 -4.48 -6.94
CA CYS A 64 9.96 -5.16 -6.77
C CYS A 64 9.14 -5.13 -8.08
N ASN A 65 7.89 -5.58 -7.99
CA ASN A 65 6.87 -5.44 -9.06
C ASN A 65 5.49 -5.30 -8.41
N GLY A 66 4.56 -4.61 -9.07
CA GLY A 66 3.26 -4.23 -8.49
C GLY A 66 2.35 -3.42 -9.39
N ASN A 67 1.11 -3.26 -8.92
CA ASN A 67 -0.01 -2.64 -9.63
C ASN A 67 -0.99 -1.96 -8.67
N ILE A 68 -1.76 -0.98 -9.15
CA ILE A 68 -2.88 -0.35 -8.42
C ILE A 68 -4.18 -1.07 -8.80
N VAL A 69 -5.00 -1.45 -7.81
CA VAL A 69 -6.29 -2.14 -8.00
C VAL A 69 -7.32 -1.57 -7.02
N LYS A 70 -8.57 -1.41 -7.46
CA LYS A 70 -9.69 -1.01 -6.60
C LYS A 70 -10.61 -2.19 -6.27
N ASP A 71 -10.82 -2.45 -4.98
CA ASP A 71 -11.64 -3.55 -4.44
C ASP A 71 -12.89 -3.03 -3.69
N PRO A 72 -13.99 -3.81 -3.63
CA PRO A 72 -15.29 -3.33 -3.12
C PRO A 72 -15.29 -2.83 -1.67
N GLU A 73 -14.54 -3.51 -0.78
CA GLU A 73 -14.45 -3.21 0.64
C GLU A 73 -13.04 -2.71 1.05
N MET A 74 -11.99 -3.25 0.43
CA MET A 74 -10.60 -2.84 0.66
C MET A 74 -10.23 -1.48 0.04
N GLY A 75 -11.01 -1.00 -0.94
CA GLY A 75 -10.79 0.28 -1.63
C GLY A 75 -9.66 0.21 -2.66
N GLU A 76 -9.17 1.37 -3.09
CA GLU A 76 -8.02 1.49 -3.98
C GLU A 76 -6.71 1.22 -3.23
N ILE A 77 -5.96 0.23 -3.69
CA ILE A 77 -4.76 -0.34 -3.04
C ILE A 77 -3.66 -0.64 -4.06
N ILE A 78 -2.41 -0.61 -3.60
CA ILE A 78 -1.26 -1.13 -4.35
C ILE A 78 -1.04 -2.59 -3.91
N GLN A 79 -0.91 -3.49 -4.86
CA GLN A 79 -0.45 -4.87 -4.66
C GLN A 79 1.01 -4.93 -5.10
N LEU A 80 1.92 -5.34 -4.20
CA LEU A 80 3.33 -5.58 -4.48
C LEU A 80 3.61 -7.10 -4.40
N GLN A 81 4.44 -7.62 -5.29
CA GLN A 81 4.76 -9.05 -5.33
C GLN A 81 5.60 -9.47 -4.12
N GLY A 82 5.26 -10.61 -3.51
CA GLY A 82 5.93 -11.17 -2.33
C GLY A 82 5.44 -10.59 -1.00
N ASP A 83 6.23 -10.83 0.05
CA ASP A 83 6.06 -10.27 1.41
C ASP A 83 7.02 -9.09 1.62
N GLN A 84 6.51 -7.86 1.48
CA GLN A 84 7.31 -6.64 1.46
C GLN A 84 6.89 -5.64 2.55
N ARG A 85 6.17 -6.10 3.59
CA ARG A 85 5.54 -5.21 4.56
C ARG A 85 6.51 -4.34 5.37
N ALA A 86 7.63 -4.90 5.82
CA ALA A 86 8.71 -4.15 6.47
C ALA A 86 9.47 -3.26 5.48
N LYS A 87 9.67 -3.73 4.24
CA LYS A 87 10.35 -2.98 3.18
C LYS A 87 9.56 -1.73 2.76
N VAL A 88 8.24 -1.86 2.58
CA VAL A 88 7.35 -0.73 2.28
C VAL A 88 7.22 0.21 3.50
N CYS A 89 7.20 -0.30 4.74
CA CYS A 89 7.26 0.55 5.94
C CYS A 89 8.51 1.44 5.94
N GLU A 90 9.69 0.86 5.68
CA GLU A 90 10.95 1.59 5.56
C GLU A 90 10.91 2.63 4.42
N PHE A 91 10.30 2.33 3.28
CA PHE A 91 10.12 3.28 2.17
C PHE A 91 9.31 4.51 2.59
N MET A 92 8.17 4.29 3.25
CA MET A 92 7.25 5.35 3.70
C MET A 92 7.97 6.31 4.67
N ILE A 93 8.75 5.77 5.60
CA ILE A 93 9.56 6.55 6.56
C ILE A 93 10.70 7.29 5.84
N SER A 94 11.45 6.60 4.98
CA SER A 94 12.67 7.12 4.36
C SER A 94 12.44 8.14 3.24
N GLN A 95 11.54 7.83 2.29
CA GLN A 95 11.40 8.59 1.04
C GLN A 95 10.17 9.52 1.00
N LEU A 96 9.09 9.21 1.72
CA LEU A 96 7.92 10.11 1.83
C LEU A 96 8.03 11.03 3.07
N GLY A 97 8.91 10.72 4.01
CA GLY A 97 9.12 11.49 5.25
C GLY A 97 8.06 11.24 6.32
N LEU A 98 7.30 10.13 6.23
CA LEU A 98 6.29 9.76 7.21
C LEU A 98 6.94 9.35 8.54
N GLN A 99 6.21 9.47 9.65
CA GLN A 99 6.65 8.97 10.95
C GLN A 99 6.33 7.48 11.05
N LYS A 100 7.14 6.71 11.79
CA LYS A 100 6.92 5.27 11.97
C LYS A 100 5.50 4.96 12.51
N LYS A 101 5.02 5.78 13.45
CA LYS A 101 3.69 5.69 14.05
C LYS A 101 2.51 5.93 13.08
N ASN A 102 2.74 6.49 11.88
CA ASN A 102 1.71 6.62 10.84
C ASN A 102 1.43 5.28 10.12
N ILE A 103 2.22 4.23 10.35
CA ILE A 103 2.19 2.98 9.58
C ILE A 103 1.77 1.81 10.48
N LYS A 104 0.90 0.94 9.96
CA LYS A 104 0.43 -0.29 10.59
C LYS A 104 0.86 -1.50 9.74
N ILE A 105 1.72 -2.36 10.27
CA ILE A 105 2.07 -3.66 9.67
C ILE A 105 1.15 -4.72 10.27
N HIS A 106 0.35 -5.38 9.44
CA HIS A 106 -0.64 -6.36 9.86
C HIS A 106 -0.24 -7.84 9.60
N GLY A 107 0.55 -8.08 8.54
CA GLY A 107 0.91 -9.44 8.09
C GLY A 107 -0.27 -10.15 7.42
N PHE A 108 -0.31 -11.48 7.52
CA PHE A 108 -1.42 -12.33 7.06
C PHE A 108 -2.73 -12.12 7.88
N MET A 1 5.76 32.80 -38.67
CA MET A 1 7.07 33.27 -38.10
C MET A 1 6.90 34.23 -36.91
N SER A 2 7.93 34.37 -36.07
CA SER A 2 7.93 35.20 -34.84
C SER A 2 9.36 35.44 -34.33
N ILE A 3 9.55 36.42 -33.44
CA ILE A 3 10.85 36.78 -32.85
C ILE A 3 11.17 35.97 -31.58
N GLU A 4 12.47 35.75 -31.32
CA GLU A 4 12.93 35.16 -30.06
C GLU A 4 12.67 36.10 -28.89
N ASN A 5 12.22 35.55 -27.75
CA ASN A 5 11.72 36.31 -26.60
C ASN A 5 11.79 35.51 -25.28
N LEU A 6 11.89 36.21 -24.15
CA LEU A 6 11.99 35.64 -22.80
C LEU A 6 10.62 35.47 -22.13
N LYS A 7 10.56 34.65 -21.07
CA LYS A 7 9.37 34.41 -20.26
C LYS A 7 8.88 35.68 -19.52
N SER A 8 7.56 35.84 -19.39
CA SER A 8 6.92 36.90 -18.59
C SER A 8 6.81 36.53 -17.10
N PHE A 9 6.88 37.55 -16.22
CA PHE A 9 6.75 37.42 -14.77
C PHE A 9 5.89 38.56 -14.19
N ASP A 10 5.30 38.33 -13.01
CA ASP A 10 4.47 39.32 -12.31
C ASP A 10 5.30 40.51 -11.76
N PRO A 11 4.74 41.74 -11.69
CA PRO A 11 5.38 42.91 -11.08
C PRO A 11 5.75 42.71 -9.60
N PHE A 12 4.97 41.89 -8.87
CA PHE A 12 5.11 41.56 -7.46
C PHE A 12 4.15 40.41 -7.10
N ALA A 13 4.49 39.67 -6.04
CA ALA A 13 3.72 38.54 -5.49
C ALA A 13 4.13 38.25 -4.03
N ASP A 14 3.23 37.60 -3.28
CA ASP A 14 3.46 37.18 -1.89
C ASP A 14 4.27 35.89 -1.79
N THR A 15 4.97 35.70 -0.65
CA THR A 15 5.80 34.53 -0.35
C THR A 15 4.97 33.25 -0.23
N GLY A 16 3.77 33.34 0.35
CA GLY A 16 2.86 32.21 0.57
C GLY A 16 3.16 31.41 1.84
N ASP A 17 2.31 30.42 2.12
CA ASP A 17 2.36 29.53 3.29
C ASP A 17 1.49 28.27 3.07
N ASP A 18 1.80 27.17 3.76
CA ASP A 18 1.08 25.90 3.66
C ASP A 18 -0.37 25.96 4.23
N GLU A 19 -0.64 26.90 5.15
CA GLU A 19 -1.95 27.26 5.72
C GLU A 19 -2.49 26.25 6.75
N THR A 20 -2.25 24.94 6.54
CA THR A 20 -2.78 23.82 7.34
C THR A 20 -2.01 22.53 7.05
N ALA A 21 -2.37 21.45 7.74
CA ALA A 21 -1.78 20.11 7.64
C ALA A 21 -2.76 19.01 8.10
N THR A 22 -2.47 17.75 7.74
CA THR A 22 -3.29 16.56 8.01
C THR A 22 -2.47 15.27 7.83
N SER A 23 -3.08 14.12 8.11
CA SER A 23 -2.48 12.78 8.06
C SER A 23 -3.55 11.66 8.13
N ASN A 24 -3.15 10.42 7.86
CA ASN A 24 -4.01 9.22 7.93
C ASN A 24 -3.18 7.95 8.16
N TYR A 25 -3.75 6.94 8.82
CA TYR A 25 -3.07 5.67 9.09
C TYR A 25 -2.91 4.81 7.83
N ILE A 26 -1.73 4.20 7.68
CA ILE A 26 -1.36 3.29 6.59
C ILE A 26 -1.28 1.87 7.15
N HIS A 27 -1.93 0.93 6.47
CA HIS A 27 -1.88 -0.49 6.80
C HIS A 27 -1.14 -1.25 5.68
N ILE A 28 0.02 -1.82 6.00
CA ILE A 28 0.81 -2.65 5.07
C ILE A 28 0.54 -4.11 5.43
N ARG A 29 -0.36 -4.71 4.65
CA ARG A 29 -0.97 -6.03 4.82
C ARG A 29 -0.40 -7.03 3.82
N ILE A 30 -0.78 -8.30 3.93
CA ILE A 30 -0.50 -9.34 2.93
C ILE A 30 -1.83 -9.85 2.36
N GLN A 31 -1.83 -10.23 1.08
CA GLN A 31 -2.94 -10.82 0.35
C GLN A 31 -2.45 -12.09 -0.34
N GLN A 32 -3.00 -13.24 0.06
CA GLN A 32 -2.65 -14.56 -0.45
C GLN A 32 -3.22 -14.78 -1.86
N ARG A 33 -2.40 -15.41 -2.74
CA ARG A 33 -2.75 -15.82 -4.10
C ARG A 33 -2.47 -17.33 -4.27
N ASN A 34 -2.95 -17.92 -5.37
CA ASN A 34 -2.62 -19.31 -5.76
C ASN A 34 -1.09 -19.52 -5.88
N GLY A 35 -0.58 -20.63 -5.34
CA GLY A 35 0.86 -20.96 -5.34
C GLY A 35 1.66 -20.03 -4.43
N ARG A 36 2.91 -19.75 -4.83
CA ARG A 36 3.84 -18.84 -4.13
C ARG A 36 3.65 -17.35 -4.45
N LYS A 37 2.64 -16.99 -5.26
CA LYS A 37 2.44 -15.64 -5.85
C LYS A 37 1.84 -14.58 -4.88
N THR A 38 1.98 -14.78 -3.57
CA THR A 38 1.46 -13.90 -2.48
C THR A 38 1.97 -12.48 -2.62
N LEU A 39 1.13 -11.51 -2.23
CA LEU A 39 1.33 -10.08 -2.46
C LEU A 39 1.31 -9.28 -1.14
N THR A 40 2.04 -8.18 -1.09
CA THR A 40 1.97 -7.15 -0.04
C THR A 40 1.00 -6.09 -0.51
N THR A 41 0.06 -5.69 0.34
CA THR A 41 -1.01 -4.73 0.03
C THR A 41 -0.85 -3.48 0.88
N VAL A 42 -0.76 -2.33 0.22
CA VAL A 42 -0.72 -1.01 0.88
C VAL A 42 -2.11 -0.38 0.82
N GLN A 43 -2.64 -0.04 1.99
CA GLN A 43 -3.98 0.48 2.21
C GLN A 43 -3.89 1.73 3.10
N GLY A 44 -4.74 2.74 2.86
CA GLY A 44 -4.85 3.92 3.73
C GLY A 44 -3.77 5.01 3.52
N VAL A 45 -2.83 4.81 2.60
CA VAL A 45 -1.82 5.81 2.20
C VAL A 45 -2.49 7.14 1.80
N PRO A 46 -2.03 8.29 2.34
CA PRO A 46 -2.58 9.62 2.04
C PRO A 46 -2.63 9.91 0.53
N GLU A 47 -3.73 10.54 0.10
CA GLU A 47 -4.02 10.80 -1.32
C GLU A 47 -3.17 11.94 -1.93
N GLU A 48 -2.40 12.66 -1.10
CA GLU A 48 -1.39 13.62 -1.56
C GLU A 48 -0.15 12.93 -2.19
N TYR A 49 0.07 11.65 -1.89
CA TYR A 49 1.12 10.82 -2.51
C TYR A 49 0.60 10.09 -3.76
N ASP A 50 1.29 10.26 -4.89
CA ASP A 50 0.93 9.62 -6.16
C ASP A 50 1.26 8.12 -6.13
N LEU A 51 0.22 7.28 -6.22
CA LEU A 51 0.35 5.82 -6.19
C LEU A 51 1.23 5.31 -7.34
N LYS A 52 1.14 5.93 -8.52
CA LYS A 52 1.97 5.61 -9.70
C LYS A 52 3.47 5.86 -9.45
N ARG A 53 3.82 6.91 -8.69
CA ARG A 53 5.20 7.15 -8.23
C ARG A 53 5.65 6.09 -7.22
N ILE A 54 4.76 5.62 -6.33
CA ILE A 54 5.05 4.51 -5.40
C ILE A 54 5.32 3.22 -6.18
N LEU A 55 4.59 2.92 -7.25
CA LEU A 55 4.93 1.83 -8.17
C LEU A 55 6.34 2.04 -8.75
N LYS A 56 6.60 3.21 -9.36
CA LYS A 56 7.85 3.50 -10.05
C LYS A 56 9.09 3.37 -9.15
N VAL A 57 9.04 3.91 -7.93
CA VAL A 57 10.18 3.89 -7.00
C VAL A 57 10.43 2.52 -6.38
N LEU A 58 9.38 1.74 -6.07
CA LEU A 58 9.53 0.37 -5.56
C LEU A 58 10.01 -0.61 -6.65
N LYS A 59 9.58 -0.42 -7.90
CA LYS A 59 10.11 -1.16 -9.05
C LYS A 59 11.59 -0.81 -9.34
N LYS A 60 12.01 0.44 -9.13
CA LYS A 60 13.39 0.90 -9.35
C LYS A 60 14.35 0.47 -8.21
N ASP A 61 14.12 0.95 -6.99
CA ASP A 61 15.06 0.84 -5.86
C ASP A 61 15.01 -0.52 -5.14
N PHE A 62 13.81 -1.07 -4.96
CA PHE A 62 13.59 -2.38 -4.32
C PHE A 62 13.51 -3.54 -5.33
N ALA A 63 13.58 -3.24 -6.64
CA ALA A 63 13.54 -4.21 -7.75
C ALA A 63 12.23 -5.05 -7.77
N CYS A 64 11.13 -4.50 -7.25
CA CYS A 64 9.86 -5.21 -7.07
C CYS A 64 9.00 -5.23 -8.36
N ASN A 65 7.83 -5.84 -8.26
CA ASN A 65 6.76 -5.81 -9.26
C ASN A 65 5.45 -5.44 -8.55
N GLY A 66 4.55 -4.69 -9.19
CA GLY A 66 3.34 -4.18 -8.53
C GLY A 66 2.36 -3.40 -9.40
N ASN A 67 1.19 -3.11 -8.84
CA ASN A 67 0.06 -2.47 -9.51
C ASN A 67 -0.91 -1.78 -8.53
N ILE A 68 -1.75 -0.88 -9.02
CA ILE A 68 -2.89 -0.28 -8.29
C ILE A 68 -4.16 -1.07 -8.63
N VAL A 69 -4.92 -1.51 -7.62
CA VAL A 69 -6.12 -2.35 -7.79
C VAL A 69 -7.24 -1.92 -6.85
N LYS A 70 -8.48 -1.91 -7.35
CA LYS A 70 -9.70 -1.75 -6.55
C LYS A 70 -10.17 -3.12 -6.04
N ASP A 71 -10.03 -3.36 -4.74
CA ASP A 71 -10.36 -4.64 -4.10
C ASP A 71 -11.82 -4.67 -3.59
N PRO A 72 -12.55 -5.81 -3.70
CA PRO A 72 -13.90 -5.95 -3.17
C PRO A 72 -14.02 -5.70 -1.66
N GLU A 73 -12.99 -6.05 -0.87
CA GLU A 73 -12.98 -5.92 0.59
C GLU A 73 -12.05 -4.79 1.06
N MET A 74 -10.83 -4.71 0.52
CA MET A 74 -9.79 -3.76 0.96
C MET A 74 -9.96 -2.33 0.38
N GLY A 75 -10.76 -2.16 -0.67
CA GLY A 75 -10.87 -0.89 -1.42
C GLY A 75 -9.67 -0.68 -2.35
N GLU A 76 -9.42 0.56 -2.75
CA GLU A 76 -8.28 0.90 -3.61
C GLU A 76 -6.94 0.74 -2.87
N ILE A 77 -6.05 -0.07 -3.44
CA ILE A 77 -4.79 -0.54 -2.83
C ILE A 77 -3.67 -0.68 -3.86
N ILE A 78 -2.42 -0.56 -3.40
CA ILE A 78 -1.24 -0.96 -4.18
C ILE A 78 -0.90 -2.39 -3.77
N GLN A 79 -0.72 -3.28 -4.75
CA GLN A 79 -0.18 -4.62 -4.60
C GLN A 79 1.30 -4.61 -5.02
N LEU A 80 2.16 -5.31 -4.26
CA LEU A 80 3.56 -5.57 -4.57
C LEU A 80 3.82 -7.08 -4.45
N GLN A 81 4.65 -7.69 -5.30
CA GLN A 81 4.93 -9.14 -5.23
C GLN A 81 5.83 -9.49 -4.02
N GLY A 82 5.50 -10.57 -3.31
CA GLY A 82 6.23 -11.06 -2.12
C GLY A 82 5.78 -10.42 -0.81
N ASP A 83 6.48 -10.75 0.28
CA ASP A 83 6.24 -10.27 1.66
C ASP A 83 7.15 -9.06 1.99
N GLN A 84 6.81 -7.90 1.42
CA GLN A 84 7.59 -6.65 1.46
C GLN A 84 7.13 -5.68 2.55
N ARG A 85 6.36 -6.16 3.53
CA ARG A 85 5.67 -5.32 4.51
C ARG A 85 6.59 -4.41 5.34
N ALA A 86 7.75 -4.92 5.77
CA ALA A 86 8.78 -4.14 6.47
C ALA A 86 9.54 -3.21 5.53
N LYS A 87 9.86 -3.68 4.31
CA LYS A 87 10.58 -2.92 3.29
C LYS A 87 9.77 -1.69 2.81
N VAL A 88 8.47 -1.87 2.57
CA VAL A 88 7.57 -0.77 2.19
C VAL A 88 7.33 0.19 3.36
N CYS A 89 7.27 -0.30 4.62
CA CYS A 89 7.24 0.57 5.80
C CYS A 89 8.46 1.50 5.86
N GLU A 90 9.65 0.94 5.64
CA GLU A 90 10.90 1.69 5.56
C GLU A 90 10.89 2.71 4.42
N PHE A 91 10.33 2.40 3.24
CA PHE A 91 10.17 3.36 2.14
C PHE A 91 9.31 4.56 2.54
N MET A 92 8.15 4.30 3.15
CA MET A 92 7.20 5.33 3.59
C MET A 92 7.85 6.27 4.62
N ILE A 93 8.61 5.73 5.56
CA ILE A 93 9.34 6.51 6.58
C ILE A 93 10.51 7.28 5.96
N SER A 94 11.32 6.64 5.12
CA SER A 94 12.57 7.20 4.57
C SER A 94 12.34 8.24 3.45
N GLN A 95 11.50 7.93 2.46
CA GLN A 95 11.39 8.69 1.22
C GLN A 95 10.17 9.63 1.20
N LEU A 96 9.04 9.24 1.79
CA LEU A 96 7.87 10.14 1.94
C LEU A 96 7.98 11.03 3.19
N GLY A 97 8.91 10.71 4.11
CA GLY A 97 9.16 11.46 5.34
C GLY A 97 8.13 11.21 6.45
N LEU A 98 7.33 10.14 6.35
CA LEU A 98 6.28 9.82 7.30
C LEU A 98 6.86 9.37 8.66
N GLN A 99 6.20 9.74 9.76
CA GLN A 99 6.58 9.26 11.10
C GLN A 99 6.03 7.85 11.31
N LYS A 100 6.86 6.95 11.85
CA LYS A 100 6.57 5.51 11.99
C LYS A 100 5.22 5.21 12.68
N LYS A 101 4.82 6.05 13.65
CA LYS A 101 3.55 5.96 14.39
C LYS A 101 2.29 5.90 13.52
N ASN A 102 2.35 6.38 12.26
CA ASN A 102 1.23 6.35 11.30
C ASN A 102 1.06 5.00 10.57
N ILE A 103 2.00 4.05 10.70
CA ILE A 103 2.04 2.83 9.88
C ILE A 103 1.87 1.57 10.74
N LYS A 104 0.93 0.71 10.35
CA LYS A 104 0.73 -0.63 10.89
C LYS A 104 1.29 -1.69 9.91
N ILE A 105 2.04 -2.67 10.45
CA ILE A 105 2.51 -3.86 9.73
C ILE A 105 1.65 -5.05 10.16
N HIS A 106 1.06 -5.76 9.20
CA HIS A 106 0.11 -6.87 9.42
C HIS A 106 0.51 -8.17 8.70
N GLY A 107 -0.20 -9.27 8.99
CA GLY A 107 -0.12 -10.56 8.28
C GLY A 107 -1.27 -10.72 7.27
N PHE A 108 -1.86 -11.92 7.26
CA PHE A 108 -3.01 -12.31 6.43
C PHE A 108 -3.85 -13.46 7.06
#